data_7PNF
#
_entry.id   7PNF
#
_cell.length_a   1.00
_cell.length_b   1.00
_cell.length_c   1.00
_cell.angle_alpha   90.00
_cell.angle_beta   90.00
_cell.angle_gamma   90.00
#
_symmetry.space_group_name_H-M   'P 1'
#
loop_
_entity.id
_entity.type
_entity.pdbx_description
1 polymer 'von Willebrand factor'
2 branched beta-D-mannopyranose-(1-4)-2-acetamido-2-deoxy-beta-D-glucopyranose-(1-4)-2-acetamido-2-deoxy-beta-D-glucopyranose
3 non-polymer 2-acetamido-2-deoxy-beta-D-glucopyranose
4 non-polymer 'CALCIUM ION'
#
_entity_poly.entity_id   1
_entity_poly.type   'polypeptide(L)'
_entity_poly.pdbx_seq_one_letter_code
;MIPARFAGVLLALALILPGTLCAEGTRGRSSTARCSLFGSDFVNTFDGSMYSFAGYCSYLLAGGCQKRSFSIIGDFQNGK
RVSLSVYLGEFFDIHLFVNGTVTQGDQRVSMPYASKGLYLETEAGYYKLSGEAYGFVARIDGSGNFQVLLSDRYFNKTCG
LCGNFNIFAEDDFMTQEGTLTSDPYDFANSWALSSGEQWCERASPPSSSCNISSGEMQKGLWEQCQLLKSTSVFARCHPL
VDPEPFVALCEKTLCECAGGLECACPALLEYARTCAQEGMVLYGWTDHSACSPVCPAGMEYRQCVSPCARTCQSLHINEM
CQERCVDGCSCPEGQLLDEGLCVESTECPCVHSGKRYPPGTSLSRDCNTCICRNSQWICSNEECPGECLVTGQSHFKSFD
NRYFTFSGICQYLLARDCQDHSFSIVIETVQCADDRDAVCTRSVTVRLPGLHNSLVKLKHGAGVAMDGQDVQLPLLKGDL
RIQHTVTASVRLSYGEDLQMDWDGRGRLLVKLSPVYAGKTCGLCGNYNGNQGDDFLTPSGLAEPRVEDFGNAWKLHGDCQ
DLQKQHSDPCALNPRMTRFSEEACAVLTSPTFEACHRAVSPLPYLRNCRYDVCSCSDGRECLCGALASYAAACAGRGVRV
AWREPGRCELNCPKGQVYLQCGTPCNLTCRSLSYPDEECNEACLEGCFCPPGLYMDERGDCVPKAQCPCYYDGEIFQPED
IFSDHHTMCYCEDGFMHCTMSGVPGSLLPDAVLSSPLSHRSKRSLSCRPPMVKLVCPADNLRAEGLECTKTCQNYDLECM
SMGCVSGCLCPPGMVRHENRCVALERCPCFHQGKEYAPGETVKIGCNTCVCRDRKWNCTDHVCDATCSTIGMAHYLTFDG
LKYLFPGECQYVLVQDYCGSNPGTFRILVGNKGCSHPSVKCKKRVTILVEGGEIELFDGEVNVKRPMKDETHFEVVESGR
YIILLLGKALSVVWDRHLSISVVLKQTYQEKVCGLCGNFDGIQNNDLTSSNLQVEEDPVDFGNSWKVSSQCADTRKVPLD
SSPATCHNNIMKQTMVDSSCRILTSDVFQDCNKLVDPEPYLDVCIYDTCSCESIGDCACFCDTIAAYAHVCAQHGKVVTW
RTATLCPQSCEERNLRENGYECEWRYNSCAPACQVTCQHPEPLACPVQCVEGCHAHCPPGKILDELLQTCVDPEDCPVCE
VAGRRFASGKKVTLNPSDPEHCQICHCDVVNLTCEACQEPGHHHHHH
;
_entity_poly.pdbx_strand_id   B,D
#
loop_
_chem_comp.id
_chem_comp.type
_chem_comp.name
_chem_comp.formula
BMA D-saccharide, beta linking beta-D-mannopyranose 'C6 H12 O6'
CA non-polymer 'CALCIUM ION' 'Ca 2'
NAG D-saccharide, beta linking 2-acetamido-2-deoxy-beta-D-glucopyranose 'C8 H15 N O6'
#
# COMPACT_ATOMS: atom_id res chain seq x y z
N SER A 31 -89.93 14.16 -0.62
CA SER A 31 -90.46 13.87 0.70
C SER A 31 -89.36 13.86 1.75
N THR A 32 -89.31 14.91 2.55
CA THR A 32 -88.22 15.10 3.50
C THR A 32 -88.60 16.26 4.42
N ALA A 33 -88.66 16.00 5.72
CA ALA A 33 -89.07 17.02 6.67
C ALA A 33 -87.86 17.67 7.31
N ARG A 34 -88.10 18.44 8.37
CA ARG A 34 -87.04 19.23 8.97
C ARG A 34 -87.46 19.63 10.37
N CYS A 35 -86.66 19.26 11.37
CA CYS A 35 -86.85 19.81 12.70
C CYS A 35 -85.60 20.56 13.07
N SER A 36 -85.75 21.58 13.91
CA SER A 36 -84.62 22.44 14.20
C SER A 36 -84.68 22.91 15.65
N LEU A 37 -83.50 23.17 16.19
CA LEU A 37 -83.33 23.74 17.51
C LEU A 37 -82.64 25.09 17.33
N PHE A 38 -83.27 26.18 17.75
CA PHE A 38 -82.83 27.50 17.37
C PHE A 38 -83.05 28.49 18.50
N GLY A 39 -82.91 29.76 18.16
CA GLY A 39 -83.13 30.83 19.10
C GLY A 39 -82.23 30.69 20.30
N SER A 40 -82.84 30.79 21.48
CA SER A 40 -82.25 30.35 22.73
C SER A 40 -83.36 29.67 23.50
N ASP A 41 -83.28 28.34 23.59
CA ASP A 41 -84.28 27.52 24.29
C ASP A 41 -85.58 27.41 23.50
N PHE A 42 -85.52 27.03 22.23
CA PHE A 42 -86.71 26.86 21.42
C PHE A 42 -86.61 25.56 20.64
N VAL A 43 -87.76 25.07 20.19
CA VAL A 43 -87.86 23.78 19.52
C VAL A 43 -88.95 23.83 18.47
N ASN A 44 -88.70 23.21 17.32
CA ASN A 44 -89.69 22.95 16.28
C ASN A 44 -89.62 21.48 15.85
N THR A 45 -90.78 20.91 15.52
CA THR A 45 -90.89 19.50 15.23
C THR A 45 -91.05 19.27 13.74
N PHE A 46 -91.31 18.02 13.36
CA PHE A 46 -91.51 17.69 11.95
C PHE A 46 -92.85 18.15 11.40
N ASP A 47 -93.72 18.71 12.24
CA ASP A 47 -95.06 19.07 11.81
C ASP A 47 -95.44 20.51 12.07
N GLY A 48 -94.85 21.14 13.08
CA GLY A 48 -95.12 22.55 13.25
C GLY A 48 -95.36 22.94 14.69
N SER A 49 -95.97 22.07 15.47
CA SER A 49 -96.22 22.40 16.87
C SER A 49 -94.89 22.63 17.57
N MET A 50 -94.70 23.84 18.07
CA MET A 50 -93.40 24.31 18.49
C MET A 50 -93.49 25.07 19.80
N TYR A 51 -92.44 24.95 20.59
CA TYR A 51 -92.47 25.23 22.03
C TYR A 51 -91.06 25.57 22.49
N SER A 52 -90.84 25.53 23.80
CA SER A 52 -89.55 25.83 24.38
C SER A 52 -89.18 24.74 25.36
N PHE A 53 -87.87 24.61 25.61
CA PHE A 53 -87.38 23.66 26.60
C PHE A 53 -85.90 23.90 26.83
N ALA A 54 -85.47 23.92 28.08
CA ALA A 54 -84.06 24.07 28.42
C ALA A 54 -83.69 22.99 29.42
N GLY A 55 -82.75 22.12 29.05
CA GLY A 55 -82.47 20.96 29.86
C GLY A 55 -81.02 20.76 30.21
N TYR A 56 -80.65 19.54 30.61
CA TYR A 56 -79.29 19.24 31.00
C TYR A 56 -78.76 17.87 30.58
N CYS A 57 -79.52 17.05 29.85
CA CYS A 57 -79.30 15.60 29.90
C CYS A 57 -79.29 14.92 28.53
N SER A 58 -78.93 15.60 27.45
CA SER A 58 -78.76 14.89 26.19
C SER A 58 -80.01 14.12 25.79
N TYR A 59 -81.01 14.86 25.37
CA TYR A 59 -82.30 14.28 25.02
C TYR A 59 -82.20 13.53 23.69
N LEU A 60 -83.25 12.77 23.37
CA LEU A 60 -83.29 11.99 22.14
C LEU A 60 -84.06 12.76 21.08
N LEU A 61 -83.37 13.14 19.99
CA LEU A 61 -83.97 13.98 18.97
C LEU A 61 -84.64 13.20 17.85
N ALA A 62 -84.10 12.04 17.45
CA ALA A 62 -84.79 11.24 16.47
C ALA A 62 -84.32 9.80 16.56
N GLY A 63 -85.09 8.91 15.98
CA GLY A 63 -84.76 7.50 15.99
C GLY A 63 -85.97 6.61 16.24
N GLY A 64 -86.19 5.65 15.35
CA GLY A 64 -87.36 4.80 15.49
C GLY A 64 -87.29 3.95 16.75
N CYS A 65 -88.46 3.75 17.37
CA CYS A 65 -88.49 3.11 18.68
C CYS A 65 -89.09 1.72 18.64
N GLN A 66 -88.98 1.01 17.52
CA GLN A 66 -89.24 -0.41 17.47
C GLN A 66 -88.01 -1.19 17.04
N LYS A 67 -87.30 -0.69 16.04
CA LYS A 67 -85.99 -1.20 15.63
C LYS A 67 -85.11 0.04 15.51
N ARG A 68 -84.30 0.31 16.52
CA ARG A 68 -83.64 1.61 16.62
C ARG A 68 -82.69 1.88 15.46
N SER A 69 -81.57 1.17 15.39
CA SER A 69 -80.68 1.17 14.23
C SER A 69 -79.96 2.49 13.95
N PHE A 70 -80.29 3.58 14.65
CA PHE A 70 -79.44 4.77 14.78
C PHE A 70 -80.16 5.75 15.69
N SER A 71 -79.43 6.75 16.17
CA SER A 71 -80.01 7.70 17.10
C SER A 71 -79.24 9.00 17.09
N ILE A 72 -79.96 10.10 16.97
CA ILE A 72 -79.42 11.45 17.09
C ILE A 72 -79.71 11.96 18.49
N ILE A 73 -78.66 12.39 19.18
CA ILE A 73 -78.74 12.78 20.58
C ILE A 73 -78.22 14.20 20.71
N GLY A 74 -78.99 15.05 21.36
CA GLY A 74 -78.60 16.43 21.45
C GLY A 74 -78.14 16.85 22.81
N ASP A 75 -76.84 17.10 22.95
CA ASP A 75 -76.28 17.44 24.23
C ASP A 75 -76.53 18.91 24.55
N PHE A 76 -76.89 19.19 25.79
CA PHE A 76 -77.05 20.54 26.30
C PHE A 76 -76.03 20.79 27.39
N GLN A 77 -76.02 22.02 27.92
CA GLN A 77 -75.23 22.32 29.11
C GLN A 77 -75.81 23.59 29.74
N ASN A 78 -76.34 23.46 30.95
CA ASN A 78 -76.80 24.61 31.72
C ASN A 78 -77.90 25.38 31.00
N GLY A 79 -78.73 24.69 30.23
CA GLY A 79 -79.76 25.33 29.46
C GLY A 79 -79.36 25.79 28.08
N LYS A 80 -78.11 25.55 27.67
CA LYS A 80 -77.57 25.98 26.39
C LYS A 80 -77.56 24.80 25.41
N ARG A 81 -76.89 24.97 24.28
CA ARG A 81 -76.77 23.92 23.27
C ARG A 81 -75.30 23.74 22.95
N VAL A 82 -74.70 22.70 23.51
CA VAL A 82 -73.31 22.36 23.27
C VAL A 82 -73.24 20.96 22.67
N SER A 83 -72.60 20.85 21.51
CA SER A 83 -72.30 19.56 20.89
C SER A 83 -73.51 18.83 20.33
N LEU A 84 -73.25 17.96 19.36
CA LEU A 84 -74.25 17.14 18.73
C LEU A 84 -73.60 15.80 18.40
N SER A 85 -74.38 14.72 18.44
CA SER A 85 -73.76 13.40 18.30
C SER A 85 -74.75 12.38 17.74
N VAL A 86 -74.22 11.46 16.93
CA VAL A 86 -74.99 10.35 16.42
C VAL A 86 -74.50 9.07 17.10
N TYR A 87 -75.20 7.99 16.85
CA TYR A 87 -74.82 6.68 17.38
C TYR A 87 -75.37 5.63 16.44
N LEU A 88 -74.48 4.84 15.86
CA LEU A 88 -74.85 3.75 14.98
C LEU A 88 -74.78 2.46 15.78
N GLY A 89 -75.90 1.76 15.88
CA GLY A 89 -75.90 0.50 16.61
C GLY A 89 -75.41 0.70 18.03
N GLU A 90 -74.33 0.02 18.38
CA GLU A 90 -73.72 0.21 19.69
C GLU A 90 -72.19 0.23 19.60
N PHE A 91 -71.63 0.68 18.49
CA PHE A 91 -70.19 0.61 18.31
C PHE A 91 -69.54 1.94 17.94
N PHE A 92 -70.21 2.81 17.20
CA PHE A 92 -69.60 3.98 16.58
C PHE A 92 -70.29 5.25 17.07
N ASP A 93 -69.52 6.31 17.37
CA ASP A 93 -70.06 7.46 18.08
C ASP A 93 -70.07 8.77 17.29
N ILE A 94 -68.92 9.35 16.98
CA ILE A 94 -68.82 10.72 16.44
C ILE A 94 -69.51 11.78 17.32
N HIS A 95 -68.76 12.83 17.67
CA HIS A 95 -69.27 14.02 18.34
C HIS A 95 -68.83 15.25 17.57
N LEU A 96 -69.74 16.21 17.39
CA LEU A 96 -69.49 17.26 16.40
C LEU A 96 -69.22 18.64 16.99
N PHE A 97 -69.80 18.97 18.13
CA PHE A 97 -69.56 20.22 18.87
C PHE A 97 -69.98 21.46 18.10
N VAL A 98 -70.10 22.59 18.82
CA VAL A 98 -70.61 23.82 18.23
C VAL A 98 -69.50 24.70 17.66
N ASN A 99 -68.27 24.54 18.14
CA ASN A 99 -67.15 25.35 17.67
C ASN A 99 -66.35 24.65 16.58
N GLY A 100 -66.89 23.59 16.01
CA GLY A 100 -66.29 22.94 14.86
C GLY A 100 -65.20 21.93 15.16
N THR A 101 -65.13 21.41 16.37
CA THR A 101 -64.17 20.38 16.75
C THR A 101 -64.86 19.03 16.85
N VAL A 102 -64.26 18.00 16.27
CA VAL A 102 -64.91 16.72 16.10
C VAL A 102 -64.11 15.61 16.78
N THR A 103 -64.82 14.65 17.38
CA THR A 103 -64.17 13.52 18.04
C THR A 103 -64.71 12.16 17.61
N GLN A 104 -64.26 11.11 18.31
CA GLN A 104 -64.49 9.72 17.96
C GLN A 104 -65.00 8.89 19.14
N GLY A 105 -65.15 9.48 20.32
CA GLY A 105 -65.53 8.76 21.50
C GLY A 105 -64.45 8.87 22.54
N ASP A 106 -63.20 8.78 22.10
CA ASP A 106 -62.06 9.11 22.93
C ASP A 106 -60.89 9.69 22.14
N GLN A 107 -61.06 9.95 20.83
CA GLN A 107 -60.00 10.46 19.99
C GLN A 107 -60.32 11.88 19.56
N ARG A 108 -59.50 12.42 18.67
CA ARG A 108 -59.67 13.78 18.17
C ARG A 108 -59.33 13.75 16.68
N VAL A 109 -60.33 13.62 15.84
CA VAL A 109 -60.13 13.48 14.43
C VAL A 109 -60.11 14.86 13.78
N SER A 110 -59.55 14.93 12.58
CA SER A 110 -59.46 16.16 11.81
C SER A 110 -60.76 16.41 11.07
N MET A 111 -60.73 17.32 10.13
CA MET A 111 -61.84 17.50 9.20
C MET A 111 -61.27 17.54 7.80
N PRO A 112 -61.98 17.03 6.78
CA PRO A 112 -63.30 16.38 6.69
C PRO A 112 -63.55 14.99 7.32
N TYR A 113 -62.65 14.01 7.25
CA TYR A 113 -62.91 12.70 7.86
C TYR A 113 -64.13 11.94 7.34
N ALA A 114 -64.02 11.32 6.17
CA ALA A 114 -64.96 10.29 5.77
C ALA A 114 -64.66 8.98 6.48
N SER A 115 -65.69 8.20 6.75
CA SER A 115 -65.57 6.94 7.48
C SER A 115 -66.68 6.00 7.02
N LYS A 116 -67.10 5.08 7.89
CA LYS A 116 -68.02 4.00 7.51
C LYS A 116 -69.42 4.56 7.30
N GLY A 117 -69.65 5.08 6.10
CA GLY A 117 -70.74 6.00 5.91
C GLY A 117 -70.35 7.31 6.57
N LEU A 118 -71.31 8.21 6.70
CA LEU A 118 -71.16 9.36 7.59
C LEU A 118 -69.98 10.24 7.15
N TYR A 119 -70.23 11.03 6.12
CA TYR A 119 -69.23 11.99 5.64
C TYR A 119 -69.37 13.32 6.38
N LEU A 120 -68.43 13.63 7.27
CA LEU A 120 -68.30 15.00 7.76
C LEU A 120 -67.62 15.87 6.73
N GLU A 121 -68.12 17.08 6.54
CA GLU A 121 -67.68 17.94 5.48
C GLU A 121 -67.77 19.38 5.93
N THR A 122 -67.75 20.28 4.95
CA THR A 122 -68.22 21.64 5.12
C THR A 122 -69.04 21.98 3.87
N GLU A 123 -69.90 22.96 4.01
CA GLU A 123 -70.87 23.34 3.00
C GLU A 123 -70.72 24.85 2.91
N ALA A 124 -71.75 25.57 2.50
CA ALA A 124 -71.65 26.99 2.25
C ALA A 124 -71.07 27.76 3.43
N GLY A 125 -70.62 27.05 4.47
CA GLY A 125 -69.91 27.66 5.57
C GLY A 125 -70.25 26.95 6.85
N TYR A 126 -71.24 26.06 6.78
CA TYR A 126 -71.76 25.35 7.91
C TYR A 126 -71.20 23.94 7.90
N TYR A 127 -71.33 23.24 9.02
CA TYR A 127 -70.68 21.94 9.22
C TYR A 127 -71.75 20.88 8.99
N LYS A 128 -71.65 20.13 7.91
CA LYS A 128 -72.68 19.16 7.55
C LYS A 128 -72.22 17.75 7.87
N LEU A 129 -73.14 16.95 8.45
CA LEU A 129 -72.93 15.53 8.69
C LEU A 129 -73.96 14.76 7.88
N SER A 130 -73.50 14.06 6.85
CA SER A 130 -74.37 13.44 5.87
C SER A 130 -74.37 11.93 6.05
N GLY A 131 -75.54 11.36 6.23
CA GLY A 131 -75.71 9.92 6.19
C GLY A 131 -76.76 9.54 5.18
N GLU A 132 -76.35 8.90 4.08
CA GLU A 132 -77.27 8.58 3.00
C GLU A 132 -77.60 7.09 2.91
N ALA A 133 -76.74 6.22 3.42
CA ALA A 133 -77.10 4.82 3.53
C ALA A 133 -78.28 4.65 4.47
N TYR A 134 -78.31 5.41 5.57
CA TYR A 134 -79.38 5.38 6.55
C TYR A 134 -80.44 6.44 6.29
N GLY A 135 -80.03 7.63 5.89
CA GLY A 135 -80.91 8.68 5.45
C GLY A 135 -81.13 9.76 6.50
N PHE A 136 -80.32 10.81 6.44
CA PHE A 136 -80.47 12.02 7.22
C PHE A 136 -79.31 12.92 6.86
N VAL A 137 -79.45 14.21 7.15
CA VAL A 137 -78.40 15.20 6.95
C VAL A 137 -78.54 16.25 8.03
N ALA A 138 -77.45 16.55 8.73
CA ALA A 138 -77.52 17.45 9.87
C ALA A 138 -76.48 18.55 9.77
N ARG A 139 -76.89 19.80 9.98
CA ARG A 139 -75.98 20.92 9.98
C ARG A 139 -75.85 21.57 11.35
N ILE A 140 -74.87 22.45 11.45
CA ILE A 140 -74.65 23.33 12.59
C ILE A 140 -74.06 24.61 12.01
N ASP A 141 -74.79 25.72 12.10
CA ASP A 141 -74.30 26.95 11.51
C ASP A 141 -73.52 27.75 12.56
N GLY A 142 -73.17 28.99 12.22
CA GLY A 142 -72.40 29.82 13.12
C GLY A 142 -73.11 30.15 14.41
N SER A 143 -74.44 30.26 14.36
CA SER A 143 -75.22 30.50 15.57
C SER A 143 -75.40 29.26 16.41
N GLY A 144 -75.00 28.09 15.93
CA GLY A 144 -75.15 26.86 16.67
C GLY A 144 -76.55 26.29 16.60
N ASN A 145 -77.24 26.54 15.50
CA ASN A 145 -78.60 26.12 15.31
C ASN A 145 -78.60 24.78 14.58
N PHE A 146 -79.34 23.82 15.11
CA PHE A 146 -79.32 22.48 14.56
C PHE A 146 -80.44 22.29 13.55
N GLN A 147 -80.19 21.41 12.58
CA GLN A 147 -81.17 21.08 11.56
C GLN A 147 -80.93 19.64 11.16
N VAL A 148 -81.98 18.84 11.07
CA VAL A 148 -81.87 17.47 10.58
C VAL A 148 -83.01 17.18 9.62
N LEU A 149 -82.68 16.60 8.49
CA LEU A 149 -83.67 16.28 7.46
C LEU A 149 -83.77 14.77 7.34
N LEU A 150 -84.95 14.23 7.62
CA LEU A 150 -85.20 12.81 7.50
C LEU A 150 -85.75 12.49 6.12
N SER A 151 -86.26 11.28 5.94
CA SER A 151 -86.75 10.81 4.65
C SER A 151 -88.15 10.25 4.78
N ASP A 152 -88.67 9.73 3.68
CA ASP A 152 -90.04 9.24 3.61
C ASP A 152 -90.20 7.85 4.21
N ARG A 153 -89.14 7.07 4.29
CA ARG A 153 -89.28 5.73 4.83
C ARG A 153 -89.39 5.71 6.35
N TYR A 154 -89.23 6.85 7.02
CA TYR A 154 -89.45 6.92 8.46
C TYR A 154 -90.81 7.50 8.79
N PHE A 155 -91.75 7.48 7.85
CA PHE A 155 -93.07 8.05 8.08
C PHE A 155 -93.79 7.21 9.12
N ASN A 156 -94.38 7.88 10.11
CA ASN A 156 -95.12 7.21 11.18
C ASN A 156 -94.24 6.23 11.97
N LYS A 157 -92.94 6.50 12.02
CA LYS A 157 -92.03 5.65 12.77
C LYS A 157 -90.99 6.39 13.58
N THR A 158 -90.80 7.70 13.38
CA THR A 158 -89.92 8.47 14.23
C THR A 158 -90.50 8.56 15.63
N CYS A 159 -89.64 8.85 16.60
CA CYS A 159 -90.08 8.70 17.98
C CYS A 159 -89.59 9.78 18.94
N GLY A 160 -88.52 10.49 18.65
CA GLY A 160 -87.82 11.21 19.69
C GLY A 160 -88.43 12.50 20.16
N LEU A 161 -87.58 13.43 20.54
CA LEU A 161 -88.02 14.76 20.96
C LEU A 161 -88.60 15.60 19.83
N CYS A 162 -88.11 15.47 18.59
CA CYS A 162 -88.72 16.12 17.45
C CYS A 162 -90.11 15.56 17.11
N GLY A 163 -90.62 14.61 17.85
CA GLY A 163 -92.00 14.16 17.66
C GLY A 163 -92.14 13.17 16.52
N ASN A 164 -93.33 12.57 16.45
CA ASN A 164 -93.56 11.59 15.40
C ASN A 164 -93.83 12.29 14.07
N PHE A 165 -93.69 11.53 12.99
CA PHE A 165 -93.71 12.05 11.63
C PHE A 165 -94.96 11.52 10.93
N ASN A 166 -96.09 12.15 11.21
CA ASN A 166 -97.32 11.95 10.47
C ASN A 166 -97.92 13.32 10.21
N ILE A 167 -98.73 13.44 9.16
CA ILE A 167 -99.17 14.75 8.73
C ILE A 167 -100.02 15.44 9.79
N PHE A 168 -100.84 14.68 10.53
CA PHE A 168 -101.66 15.24 11.59
C PHE A 168 -100.75 15.83 12.65
N ALA A 169 -100.89 17.12 12.91
CA ALA A 169 -99.86 17.88 13.62
C ALA A 169 -100.17 18.16 15.08
N GLU A 170 -101.21 17.55 15.65
CA GLU A 170 -101.65 17.93 16.99
C GLU A 170 -101.27 16.95 18.09
N ASP A 171 -101.15 15.66 17.79
CA ASP A 171 -100.93 14.63 18.80
C ASP A 171 -99.46 14.29 18.96
N ASP A 172 -98.58 15.28 18.83
CA ASP A 172 -97.14 15.06 18.77
C ASP A 172 -96.46 15.30 20.10
N PHE A 173 -97.07 14.84 21.19
CA PHE A 173 -96.43 14.85 22.51
C PHE A 173 -96.46 13.47 23.17
N MET A 174 -96.20 12.40 22.44
CA MET A 174 -96.26 11.08 23.05
C MET A 174 -95.01 10.84 23.89
N THR A 175 -95.19 10.63 25.19
CA THR A 175 -94.11 10.33 26.09
C THR A 175 -93.53 8.96 25.75
N GLN A 176 -92.46 8.58 26.43
CA GLN A 176 -91.86 7.30 26.13
C GLN A 176 -92.75 6.14 26.55
N GLU A 177 -93.66 6.39 27.50
CA GLU A 177 -94.60 5.35 27.90
C GLU A 177 -95.57 5.02 26.79
N GLY A 178 -95.78 5.95 25.87
CA GLY A 178 -96.79 5.81 24.85
C GLY A 178 -98.04 6.63 25.09
N THR A 179 -98.20 7.18 26.28
CA THR A 179 -99.34 8.01 26.59
C THR A 179 -99.14 9.41 26.03
N LEU A 180 -100.20 10.21 26.04
CA LEU A 180 -100.19 11.55 25.47
C LEU A 180 -100.46 12.58 26.56
N THR A 181 -99.76 13.71 26.48
CA THR A 181 -99.83 14.71 27.54
C THR A 181 -100.03 16.11 26.98
N SER A 182 -99.84 17.14 27.81
CA SER A 182 -100.02 18.51 27.36
C SER A 182 -98.88 19.43 27.83
N ASP A 183 -98.25 19.10 28.95
CA ASP A 183 -97.15 19.92 29.44
C ASP A 183 -95.90 19.66 28.61
N PRO A 184 -95.26 20.70 28.05
CA PRO A 184 -94.01 20.45 27.31
C PRO A 184 -92.95 19.79 28.16
N TYR A 185 -92.83 20.18 29.43
CA TYR A 185 -91.73 19.68 30.25
C TYR A 185 -91.96 18.23 30.65
N ASP A 186 -93.19 17.89 31.03
CA ASP A 186 -93.49 16.51 31.37
C ASP A 186 -93.32 15.59 30.19
N PHE A 187 -93.60 16.09 28.98
CA PHE A 187 -93.38 15.29 27.80
C PHE A 187 -91.90 15.11 27.53
N ALA A 188 -91.14 16.19 27.58
CA ALA A 188 -89.77 16.17 27.09
C ALA A 188 -88.78 15.67 28.10
N ASN A 189 -89.18 15.50 29.36
CA ASN A 189 -88.29 14.90 30.32
C ASN A 189 -88.25 13.38 30.25
N SER A 190 -89.12 12.77 29.47
CA SER A 190 -89.17 11.32 29.37
C SER A 190 -88.19 10.78 28.36
N TRP A 191 -87.43 11.64 27.70
CA TRP A 191 -86.48 11.24 26.68
C TRP A 191 -85.04 11.44 27.07
N ALA A 192 -84.75 12.00 28.22
CA ALA A 192 -83.37 12.26 28.59
C ALA A 192 -82.59 10.96 28.71
N LEU A 193 -81.31 11.00 28.35
CA LEU A 193 -80.46 9.82 28.33
C LEU A 193 -79.23 10.07 29.19
N SER A 194 -78.93 9.13 30.08
CA SER A 194 -77.82 9.25 31.00
C SER A 194 -76.79 8.17 30.74
N SER A 195 -75.52 8.50 30.94
CA SER A 195 -74.45 7.55 30.64
C SER A 195 -73.44 7.55 31.76
N GLY A 196 -73.55 6.60 32.68
CA GLY A 196 -72.49 6.34 33.61
C GLY A 196 -72.15 7.51 34.52
N GLU A 197 -71.06 8.21 34.18
CA GLU A 197 -70.60 9.35 34.97
C GLU A 197 -71.62 10.47 35.04
N GLN A 198 -72.45 10.61 34.00
CA GLN A 198 -73.38 11.73 33.87
C GLN A 198 -74.79 11.25 34.22
N TRP A 199 -75.24 11.56 35.42
CA TRP A 199 -76.62 11.34 35.81
C TRP A 199 -77.33 12.68 35.78
N CYS A 200 -78.63 12.66 35.50
CA CYS A 200 -79.34 13.90 35.31
C CYS A 200 -80.64 13.94 36.08
N GLU A 201 -81.07 15.17 36.37
CA GLU A 201 -82.18 15.44 37.26
C GLU A 201 -83.43 15.78 36.46
N ARG A 202 -84.48 16.13 37.16
CA ARG A 202 -85.70 16.58 36.52
C ARG A 202 -85.56 18.04 36.16
N ALA A 203 -86.17 18.42 35.03
CA ALA A 203 -86.08 19.78 34.53
C ALA A 203 -87.29 20.59 34.93
N SER A 204 -87.05 21.80 35.43
CA SER A 204 -88.07 22.69 35.93
C SER A 204 -88.04 24.01 35.17
N PRO A 205 -89.19 24.52 34.72
CA PRO A 205 -89.19 25.74 33.92
C PRO A 205 -88.57 26.88 34.69
N PRO A 206 -87.80 27.74 34.02
CA PRO A 206 -87.21 28.89 34.71
C PRO A 206 -88.29 29.86 35.18
N SER A 207 -88.19 30.26 36.44
CA SER A 207 -89.17 31.16 37.06
C SER A 207 -88.66 32.60 37.05
N SER A 208 -88.52 33.15 35.85
CA SER A 208 -88.06 34.53 35.67
C SER A 208 -88.88 35.18 34.59
N SER A 209 -89.69 36.16 34.96
CA SER A 209 -90.50 36.92 34.01
C SER A 209 -89.71 38.14 33.54
N CYS A 210 -90.39 39.04 32.84
CA CYS A 210 -89.75 40.26 32.33
C CYS A 210 -89.33 41.18 33.47
N LEU A 221 -87.96 49.72 23.81
CA LEU A 221 -89.16 48.91 23.68
C LEU A 221 -89.83 49.13 22.33
N TRP A 222 -89.70 48.17 21.42
CA TRP A 222 -90.30 48.27 20.11
C TRP A 222 -90.84 46.91 19.72
N GLU A 223 -91.87 46.92 18.86
CA GLU A 223 -92.50 45.71 18.38
C GLU A 223 -92.24 45.60 16.89
N GLN A 224 -91.10 45.00 16.54
CA GLN A 224 -90.73 44.73 15.16
C GLN A 224 -91.08 43.32 14.73
N CYS A 225 -91.72 42.55 15.62
CA CYS A 225 -92.14 41.20 15.28
C CYS A 225 -93.19 41.21 14.17
N GLN A 226 -94.07 42.22 14.17
CA GLN A 226 -95.11 42.33 13.15
C GLN A 226 -94.54 42.54 11.77
N LEU A 227 -93.21 42.63 11.65
CA LEU A 227 -92.59 42.76 10.34
C LEU A 227 -92.95 41.59 9.45
N LEU A 228 -93.38 40.49 10.06
CA LEU A 228 -93.97 39.35 9.38
C LEU A 228 -95.43 39.58 9.00
N LYS A 229 -96.07 40.61 9.54
CA LYS A 229 -97.48 40.85 9.28
C LYS A 229 -97.75 42.09 8.46
N SER A 230 -96.76 42.95 8.25
CA SER A 230 -96.96 44.17 7.48
C SER A 230 -96.33 44.12 6.10
N THR A 231 -95.02 43.93 6.01
CA THR A 231 -94.31 44.06 4.75
C THR A 231 -94.69 42.94 3.80
N SER A 232 -94.60 43.23 2.50
CA SER A 232 -94.91 42.27 1.45
C SER A 232 -93.73 41.35 1.14
N VAL A 233 -92.62 41.52 1.85
CA VAL A 233 -91.48 40.62 1.68
C VAL A 233 -91.88 39.21 2.06
N PHE A 234 -92.56 39.05 3.20
CA PHE A 234 -93.01 37.75 3.67
C PHE A 234 -94.42 37.41 3.23
N ALA A 235 -95.06 38.28 2.46
CA ALA A 235 -96.48 38.13 2.18
C ALA A 235 -96.80 36.87 1.40
N ARG A 236 -95.82 36.28 0.73
CA ARG A 236 -96.06 35.11 -0.11
C ARG A 236 -95.88 33.79 0.65
N CYS A 237 -95.34 33.83 1.87
CA CYS A 237 -95.32 32.65 2.74
C CYS A 237 -96.60 32.53 3.56
N HIS A 238 -97.46 33.54 3.52
CA HIS A 238 -98.71 33.48 4.29
C HIS A 238 -99.66 32.34 3.90
N PRO A 239 -99.90 32.02 2.63
CA PRO A 239 -100.88 30.98 2.34
C PRO A 239 -100.37 29.55 2.51
N LEU A 240 -99.14 29.35 2.96
CA LEU A 240 -98.61 28.03 3.28
C LEU A 240 -98.45 27.78 4.77
N VAL A 241 -98.09 28.81 5.54
CA VAL A 241 -97.92 28.70 6.99
C VAL A 241 -98.59 29.89 7.65
N ASP A 242 -98.90 29.73 8.94
CA ASP A 242 -99.53 30.79 9.71
C ASP A 242 -98.47 31.51 10.53
N PRO A 243 -98.30 32.82 10.36
CA PRO A 243 -97.25 33.56 11.08
C PRO A 243 -97.55 33.84 12.54
N GLU A 244 -98.63 33.31 13.13
CA GLU A 244 -98.90 33.61 14.54
C GLU A 244 -97.83 33.05 15.47
N PRO A 245 -97.52 31.75 15.46
CA PRO A 245 -96.64 31.21 16.51
C PRO A 245 -95.28 31.87 16.57
N PHE A 246 -94.78 32.30 15.41
CA PHE A 246 -93.48 32.93 15.37
C PHE A 246 -93.53 34.30 16.04
N VAL A 247 -94.63 35.02 15.87
CA VAL A 247 -94.83 36.27 16.59
C VAL A 247 -94.94 35.98 18.08
N ALA A 248 -95.58 34.88 18.44
CA ALA A 248 -95.68 34.51 19.86
C ALA A 248 -94.31 34.30 20.48
N LEU A 249 -93.46 33.48 19.86
CA LEU A 249 -92.13 33.31 20.44
C LEU A 249 -91.35 34.61 20.37
N CYS A 250 -91.62 35.44 19.35
CA CYS A 250 -90.89 36.69 19.19
C CYS A 250 -91.17 37.63 20.34
N GLU A 251 -92.42 37.70 20.79
CA GLU A 251 -92.72 38.50 21.97
C GLU A 251 -92.22 37.83 23.25
N LYS A 252 -92.21 36.50 23.28
CA LYS A 252 -91.58 35.80 24.41
C LYS A 252 -90.13 36.24 24.57
N THR A 253 -89.41 36.32 23.45
CA THR A 253 -88.03 36.81 23.44
C THR A 253 -87.97 38.31 23.74
N LEU A 254 -88.95 39.06 23.23
CA LEU A 254 -89.01 40.49 23.50
C LEU A 254 -89.08 40.76 24.99
N CYS A 255 -89.67 39.83 25.73
CA CYS A 255 -89.66 39.93 27.19
C CYS A 255 -88.23 40.08 27.70
N GLU A 256 -87.34 39.19 27.27
CA GLU A 256 -85.94 39.28 27.70
C GLU A 256 -85.23 40.52 27.18
N CYS A 257 -84.98 40.59 25.88
CA CYS A 257 -84.25 41.67 25.23
C CYS A 257 -83.05 42.15 26.07
N ALA A 258 -82.09 41.25 26.22
CA ALA A 258 -80.79 41.58 26.78
C ALA A 258 -79.92 42.06 25.62
N GLY A 259 -80.32 43.19 25.02
CA GLY A 259 -79.62 43.70 23.86
C GLY A 259 -80.47 44.63 23.00
N GLY A 260 -79.87 45.22 21.98
CA GLY A 260 -80.56 46.17 21.12
C GLY A 260 -81.44 45.56 20.05
N LEU A 261 -80.83 44.83 19.11
CA LEU A 261 -81.56 44.25 17.99
C LEU A 261 -81.52 42.73 17.98
N GLU A 262 -80.98 42.11 19.03
CA GLU A 262 -80.96 40.66 19.15
C GLU A 262 -82.34 40.10 19.50
N CYS A 263 -83.32 40.96 19.77
CA CYS A 263 -84.62 40.50 20.21
C CYS A 263 -85.31 39.63 19.16
N ALA A 264 -85.27 40.06 17.90
CA ALA A 264 -86.19 39.53 16.92
C ALA A 264 -85.53 38.72 15.81
N CYS A 265 -84.33 39.06 15.38
CA CYS A 265 -83.75 38.44 14.21
C CYS A 265 -83.61 36.92 14.29
N PRO A 266 -83.19 36.32 15.41
CA PRO A 266 -83.22 34.84 15.49
C PRO A 266 -84.59 34.24 15.35
N ALA A 267 -85.65 35.01 15.61
CA ALA A 267 -87.00 34.55 15.33
C ALA A 267 -87.40 34.72 13.88
N LEU A 268 -86.55 35.37 13.06
CA LEU A 268 -86.90 35.68 11.68
C LEU A 268 -86.23 34.77 10.66
N LEU A 269 -85.01 34.27 10.94
CA LEU A 269 -84.40 33.30 10.03
C LEU A 269 -85.28 32.07 9.89
N GLU A 270 -85.78 31.57 11.02
CA GLU A 270 -86.45 30.27 11.05
C GLU A 270 -87.70 30.27 10.21
N TYR A 271 -88.47 31.35 10.24
CA TYR A 271 -89.66 31.43 9.41
C TYR A 271 -89.30 31.44 7.93
N ALA A 272 -88.20 32.12 7.59
CA ALA A 272 -87.72 32.11 6.22
C ALA A 272 -87.33 30.71 5.78
N ARG A 273 -86.57 29.99 6.62
CA ARG A 273 -86.14 28.65 6.25
C ARG A 273 -87.32 27.69 6.15
N THR A 274 -88.29 27.84 7.04
CA THR A 274 -89.46 26.98 7.00
C THR A 274 -90.25 27.18 5.72
N CYS A 275 -90.62 28.42 5.42
CA CYS A 275 -91.39 28.59 4.20
C CYS A 275 -90.53 28.43 2.96
N ALA A 276 -89.21 28.42 3.09
CA ALA A 276 -88.36 28.04 1.97
C ALA A 276 -88.48 26.55 1.70
N GLN A 277 -88.40 25.73 2.74
CA GLN A 277 -88.52 24.29 2.53
C GLN A 277 -89.93 23.91 2.14
N GLU A 278 -90.90 24.76 2.43
CA GLU A 278 -92.29 24.39 2.16
C GLU A 278 -92.62 24.33 0.68
N GLY A 279 -91.77 24.88 -0.18
CA GLY A 279 -92.01 24.74 -1.61
C GLY A 279 -91.67 25.96 -2.43
N MET A 280 -91.61 27.13 -1.78
CA MET A 280 -91.32 28.39 -2.47
C MET A 280 -90.32 29.14 -1.60
N VAL A 281 -89.17 29.48 -2.17
CA VAL A 281 -88.14 30.16 -1.40
C VAL A 281 -88.33 31.67 -1.49
N LEU A 282 -88.13 32.36 -0.38
CA LEU A 282 -88.17 33.81 -0.40
C LEU A 282 -86.91 34.35 -1.06
N TYR A 283 -87.06 35.45 -1.80
CA TYR A 283 -85.97 36.03 -2.56
C TYR A 283 -85.71 37.44 -2.05
N GLY A 284 -84.46 37.71 -1.68
CA GLY A 284 -84.06 39.06 -1.35
C GLY A 284 -84.72 39.69 -0.14
N TRP A 285 -84.94 38.92 0.91
CA TRP A 285 -85.20 39.49 2.23
C TRP A 285 -83.85 39.85 2.84
N THR A 286 -83.84 40.23 4.11
CA THR A 286 -82.63 40.66 4.84
C THR A 286 -82.19 42.04 4.37
N ASP A 287 -82.87 42.57 3.37
CA ASP A 287 -82.54 43.88 2.83
C ASP A 287 -83.26 45.00 3.55
N HIS A 288 -84.02 44.70 4.59
CA HIS A 288 -84.79 45.73 5.29
C HIS A 288 -84.36 45.91 6.73
N SER A 289 -84.38 44.87 7.57
CA SER A 289 -83.99 45.08 8.97
C SER A 289 -83.20 43.95 9.59
N ALA A 290 -82.88 42.89 8.86
CA ALA A 290 -82.38 41.68 9.51
C ALA A 290 -80.98 41.92 10.07
N CYS A 291 -80.50 40.94 10.84
CA CYS A 291 -79.30 41.13 11.65
C CYS A 291 -78.11 40.34 11.12
N SER A 292 -78.03 40.14 9.81
CA SER A 292 -76.82 39.67 9.17
C SER A 292 -76.29 38.37 9.77
N PRO A 293 -76.90 37.23 9.46
CA PRO A 293 -76.38 35.95 9.98
C PRO A 293 -74.91 35.80 9.65
N VAL A 294 -74.16 35.25 10.60
CA VAL A 294 -72.71 35.37 10.57
C VAL A 294 -72.07 34.14 9.96
N CYS A 295 -71.07 34.35 9.11
CA CYS A 295 -70.07 33.33 8.78
C CYS A 295 -68.75 34.05 8.57
N PRO A 296 -67.61 33.36 8.68
CA PRO A 296 -66.36 34.06 9.04
C PRO A 296 -65.94 35.20 8.12
N ALA A 297 -65.61 34.90 6.86
CA ALA A 297 -65.06 35.92 5.97
C ALA A 297 -65.80 35.85 4.66
N GLY A 298 -65.81 36.98 3.95
CA GLY A 298 -66.65 37.03 2.79
C GLY A 298 -68.07 37.40 3.12
N MET A 299 -68.66 36.73 4.11
CA MET A 299 -69.95 37.12 4.69
C MET A 299 -71.04 37.25 3.64
N GLU A 300 -70.85 36.69 2.46
CA GLU A 300 -71.81 36.87 1.38
C GLU A 300 -72.97 35.91 1.59
N TYR A 301 -73.70 36.14 2.67
CA TYR A 301 -74.91 35.36 2.92
C TYR A 301 -75.88 35.57 1.78
N ARG A 302 -76.37 34.46 1.22
CA ARG A 302 -77.38 34.57 0.19
C ARG A 302 -78.10 33.24 0.09
N GLN A 303 -79.32 33.31 -0.43
CA GLN A 303 -80.10 32.13 -0.72
C GLN A 303 -79.69 31.58 -2.08
N CYS A 304 -79.98 30.30 -2.29
CA CYS A 304 -79.71 29.65 -3.57
C CYS A 304 -78.24 29.78 -3.96
N VAL A 305 -77.40 29.11 -3.19
CA VAL A 305 -76.01 28.90 -3.57
C VAL A 305 -75.86 27.43 -3.94
N SER A 306 -75.10 27.15 -4.97
CA SER A 306 -74.82 25.77 -5.34
C SER A 306 -73.88 25.16 -4.32
N PRO A 307 -74.21 24.00 -3.74
CA PRO A 307 -73.31 23.39 -2.76
C PRO A 307 -72.00 22.92 -3.36
N CYS A 308 -71.93 22.78 -4.69
CA CYS A 308 -70.69 22.35 -5.32
C CYS A 308 -69.56 23.35 -5.09
N ALA A 309 -69.85 24.65 -5.22
CA ALA A 309 -68.94 25.70 -4.79
C ALA A 309 -67.58 25.57 -5.48
N ARG A 310 -67.60 25.80 -6.78
CA ARG A 310 -66.41 25.66 -7.63
C ARG A 310 -65.19 26.34 -7.04
N THR A 311 -64.12 25.57 -6.88
CA THR A 311 -62.80 26.08 -6.53
C THR A 311 -61.83 25.76 -7.65
N CYS A 312 -60.56 26.06 -7.48
CA CYS A 312 -59.64 25.92 -8.61
C CYS A 312 -58.84 24.62 -8.61
N GLN A 313 -58.77 23.88 -7.51
CA GLN A 313 -58.28 22.51 -7.55
C GLN A 313 -59.47 21.63 -7.87
N SER A 314 -59.85 21.63 -9.13
CA SER A 314 -61.04 20.90 -9.55
C SER A 314 -60.85 20.45 -10.99
N LEU A 315 -61.73 19.57 -11.43
CA LEU A 315 -61.68 19.04 -12.79
C LEU A 315 -62.71 19.70 -13.68
N HIS A 316 -63.41 20.70 -13.18
CA HIS A 316 -64.50 21.40 -13.88
C HIS A 316 -65.33 20.43 -14.70
N ILE A 317 -65.85 19.42 -14.00
CA ILE A 317 -66.92 18.60 -14.54
C ILE A 317 -68.24 19.32 -14.33
N ASN A 318 -68.99 19.50 -15.40
CA ASN A 318 -70.27 20.19 -15.30
C ASN A 318 -71.39 19.16 -15.12
N GLU A 319 -72.63 19.66 -15.15
CA GLU A 319 -73.79 18.81 -15.35
C GLU A 319 -74.10 17.91 -14.15
N MET A 320 -73.19 17.83 -13.19
CA MET A 320 -73.36 16.90 -12.07
C MET A 320 -73.50 17.63 -10.75
N CYS A 321 -74.30 18.71 -10.76
CA CYS A 321 -74.72 19.41 -9.56
C CYS A 321 -76.25 19.52 -9.67
N GLN A 322 -76.93 18.50 -9.18
CA GLN A 322 -78.39 18.45 -9.19
C GLN A 322 -78.97 18.60 -7.79
N GLU A 323 -78.42 19.53 -7.03
CA GLU A 323 -78.80 19.73 -5.64
C GLU A 323 -79.61 21.02 -5.51
N ARG A 324 -80.54 21.02 -4.57
CA ARG A 324 -81.47 22.14 -4.44
C ARG A 324 -80.72 23.37 -3.95
N CYS A 325 -81.44 24.48 -3.86
CA CYS A 325 -80.90 25.67 -3.25
C CYS A 325 -80.69 25.44 -1.75
N VAL A 326 -79.54 25.90 -1.25
CA VAL A 326 -79.30 25.88 0.18
C VAL A 326 -78.82 27.25 0.59
N ASP A 327 -79.40 27.80 1.65
CA ASP A 327 -78.88 29.04 2.20
C ASP A 327 -77.54 28.77 2.88
N GLY A 328 -76.76 29.83 3.03
CA GLY A 328 -75.40 29.67 3.51
C GLY A 328 -74.62 30.94 3.22
N CYS A 329 -73.35 30.76 2.89
CA CYS A 329 -72.58 31.90 2.43
C CYS A 329 -71.49 31.45 1.47
N SER A 330 -70.69 32.42 1.08
CA SER A 330 -69.67 32.26 0.04
C SER A 330 -68.78 33.49 0.14
N CYS A 331 -67.97 33.71 -0.89
CA CYS A 331 -67.23 34.96 -0.98
C CYS A 331 -67.30 35.48 -2.41
N PRO A 332 -67.42 36.83 -2.61
CA PRO A 332 -68.03 37.41 -3.83
C PRO A 332 -68.21 36.54 -5.07
N GLU A 333 -67.71 37.04 -6.21
CA GLU A 333 -67.83 36.33 -7.48
C GLU A 333 -66.47 36.18 -8.15
N GLY A 334 -65.63 37.20 -8.01
CA GLY A 334 -64.35 37.17 -8.67
C GLY A 334 -63.28 36.37 -7.98
N GLN A 335 -63.60 35.74 -6.84
CA GLN A 335 -62.64 34.97 -6.08
C GLN A 335 -62.98 33.50 -6.13
N LEU A 336 -61.96 32.66 -6.03
CA LEU A 336 -62.11 31.23 -5.87
C LEU A 336 -61.66 30.84 -4.47
N LEU A 337 -62.28 29.80 -3.93
CA LEU A 337 -62.08 29.40 -2.55
C LEU A 337 -60.87 28.49 -2.42
N ASP A 338 -60.06 28.75 -1.39
CA ASP A 338 -59.00 27.85 -0.96
C ASP A 338 -59.47 27.16 0.31
N GLU A 339 -58.66 26.24 0.84
CA GLU A 339 -59.11 25.46 2.00
C GLU A 339 -59.39 26.37 3.20
N GLY A 340 -58.52 27.34 3.47
CA GLY A 340 -58.77 28.26 4.56
C GLY A 340 -59.71 29.40 4.21
N LEU A 341 -59.25 30.27 3.32
CA LEU A 341 -60.00 31.43 2.90
C LEU A 341 -60.01 31.43 1.37
N CYS A 342 -60.49 32.49 0.75
CA CYS A 342 -60.58 32.52 -0.70
C CYS A 342 -59.72 33.63 -1.27
N VAL A 343 -59.10 33.33 -2.42
CA VAL A 343 -58.06 34.15 -3.00
C VAL A 343 -58.48 34.48 -4.43
N GLU A 344 -57.89 35.53 -4.99
CA GLU A 344 -58.14 35.88 -6.37
C GLU A 344 -57.66 34.77 -7.31
N SER A 345 -58.29 34.72 -8.49
CA SER A 345 -58.06 33.62 -9.42
C SER A 345 -56.62 33.53 -9.89
N THR A 346 -55.85 34.61 -9.76
CA THR A 346 -54.51 34.62 -10.32
C THR A 346 -53.51 33.88 -9.45
N GLU A 347 -53.91 33.46 -8.25
CA GLU A 347 -52.96 32.90 -7.29
C GLU A 347 -53.41 31.55 -6.75
N CYS A 348 -53.84 30.64 -7.62
CA CYS A 348 -54.06 29.28 -7.14
C CYS A 348 -52.74 28.53 -7.08
N PRO A 349 -52.27 28.14 -5.91
CA PRO A 349 -50.98 27.46 -5.82
C PRO A 349 -51.06 26.05 -6.38
N CYS A 350 -49.89 25.57 -6.83
CA CYS A 350 -49.73 24.23 -7.35
C CYS A 350 -49.49 23.26 -6.20
N VAL A 351 -49.60 21.96 -6.50
CA VAL A 351 -49.40 20.93 -5.50
C VAL A 351 -48.45 19.87 -6.05
N HIS A 352 -47.42 19.53 -5.29
CA HIS A 352 -46.62 18.35 -5.55
C HIS A 352 -46.43 17.60 -4.25
N SER A 353 -46.81 16.32 -4.23
CA SER A 353 -46.67 15.47 -3.06
C SER A 353 -47.38 16.05 -1.86
N GLY A 354 -48.46 16.79 -2.10
CA GLY A 354 -49.24 17.38 -1.03
C GLY A 354 -48.71 18.69 -0.50
N LYS A 355 -47.55 19.15 -0.97
CA LYS A 355 -47.08 20.47 -0.58
C LYS A 355 -47.74 21.54 -1.44
N ARG A 356 -47.63 22.78 -0.99
CA ARG A 356 -48.22 23.92 -1.67
C ARG A 356 -47.10 24.87 -2.05
N TYR A 357 -47.13 25.37 -3.28
CA TYR A 357 -46.08 26.27 -3.70
C TYR A 357 -46.65 27.50 -4.38
N PRO A 358 -46.11 28.68 -4.10
CA PRO A 358 -46.61 29.91 -4.70
C PRO A 358 -46.30 29.95 -6.18
N PRO A 359 -47.05 30.70 -6.98
CA PRO A 359 -46.82 30.69 -8.42
C PRO A 359 -45.42 31.15 -8.77
N GLY A 360 -44.89 30.60 -9.86
CA GLY A 360 -43.52 30.88 -10.25
C GLY A 360 -42.50 30.37 -9.26
N THR A 361 -42.66 29.13 -8.80
CA THR A 361 -41.80 28.53 -7.79
C THR A 361 -41.24 27.22 -8.29
N SER A 362 -40.58 27.26 -9.44
CA SER A 362 -40.02 26.09 -10.10
C SER A 362 -39.32 25.15 -9.13
N LEU A 363 -39.77 23.90 -9.10
CA LEU A 363 -39.07 22.82 -8.43
C LEU A 363 -38.07 22.19 -9.39
N SER A 364 -37.08 21.53 -8.80
CA SER A 364 -36.00 20.92 -9.58
C SER A 364 -36.00 19.42 -9.35
N ARG A 365 -36.09 18.67 -10.43
CA ARG A 365 -35.85 17.24 -10.40
C ARG A 365 -34.36 17.00 -10.65
N ASP A 366 -33.95 15.73 -10.73
CA ASP A 366 -32.57 15.46 -11.09
C ASP A 366 -32.35 15.67 -12.58
N CYS A 367 -33.30 15.27 -13.39
CA CYS A 367 -33.12 15.26 -14.83
C CYS A 367 -33.55 16.58 -15.45
N ASN A 368 -34.58 17.20 -14.89
CA ASN A 368 -35.25 18.35 -15.50
C ASN A 368 -35.62 19.33 -14.40
N THR A 369 -36.47 20.30 -14.75
CA THR A 369 -37.12 21.20 -13.81
C THR A 369 -38.19 21.96 -14.57
N CYS A 370 -39.20 22.43 -13.85
CA CYS A 370 -40.21 23.27 -14.49
C CYS A 370 -40.95 24.11 -13.45
N ILE A 371 -41.88 24.93 -13.94
CA ILE A 371 -42.38 26.11 -13.24
C ILE A 371 -43.89 25.99 -13.04
N CYS A 372 -44.35 26.39 -11.84
CA CYS A 372 -45.77 26.45 -11.53
C CYS A 372 -46.44 27.63 -12.23
N ARG A 373 -47.34 27.34 -13.15
CA ARG A 373 -48.30 28.30 -13.66
C ARG A 373 -49.56 28.23 -12.81
N ASN A 374 -50.71 28.66 -13.33
CA ASN A 374 -51.94 28.64 -12.56
C ASN A 374 -52.37 27.20 -12.35
N SER A 375 -51.71 26.55 -11.39
CA SER A 375 -52.01 25.17 -10.99
C SER A 375 -51.81 24.17 -12.13
N GLN A 376 -50.74 24.35 -12.89
CA GLN A 376 -50.45 23.50 -14.05
C GLN A 376 -48.95 23.50 -14.24
N TRP A 377 -48.24 22.55 -13.63
CA TRP A 377 -46.81 22.43 -13.88
C TRP A 377 -46.59 22.08 -15.33
N ILE A 378 -45.56 22.65 -15.93
CA ILE A 378 -45.26 22.46 -17.34
C ILE A 378 -43.77 22.15 -17.48
N CYS A 379 -43.42 20.87 -17.50
CA CYS A 379 -42.04 20.43 -17.65
C CYS A 379 -41.71 20.09 -19.09
N SER A 380 -40.42 20.11 -19.40
CA SER A 380 -39.90 19.77 -20.71
C SER A 380 -39.10 18.48 -20.62
N ASN A 381 -39.47 17.50 -21.43
CA ASN A 381 -38.80 16.21 -21.37
C ASN A 381 -37.36 16.32 -21.84
N GLU A 382 -36.52 15.45 -21.30
CA GLU A 382 -35.10 15.39 -21.65
C GLU A 382 -34.49 14.12 -21.07
N GLU A 383 -33.77 13.36 -21.89
CA GLU A 383 -33.15 12.13 -21.43
C GLU A 383 -32.09 12.41 -20.38
N CYS A 384 -32.09 11.62 -19.32
CA CYS A 384 -31.13 11.77 -18.24
C CYS A 384 -30.50 10.43 -17.94
N PRO A 385 -29.30 10.42 -17.35
CA PRO A 385 -28.50 9.19 -17.32
C PRO A 385 -29.21 8.05 -16.61
N GLY A 386 -28.80 6.84 -16.95
CA GLY A 386 -29.35 5.64 -16.34
C GLY A 386 -28.27 4.87 -15.60
N GLU A 387 -28.68 4.06 -14.63
CA GLU A 387 -27.76 3.29 -13.80
C GLU A 387 -28.29 1.88 -13.68
N CYS A 388 -27.39 0.90 -13.72
CA CYS A 388 -27.72 -0.52 -13.53
C CYS A 388 -27.02 -1.00 -12.28
N LEU A 389 -27.74 -1.10 -11.19
CA LEU A 389 -27.17 -1.53 -9.93
C LEU A 389 -27.22 -3.05 -9.85
N VAL A 390 -26.25 -3.63 -9.13
CA VAL A 390 -26.13 -5.06 -8.86
C VAL A 390 -25.60 -5.23 -7.44
N THR A 391 -26.46 -5.60 -6.51
CA THR A 391 -26.08 -5.64 -5.11
C THR A 391 -26.76 -6.81 -4.42
N GLY A 392 -26.49 -6.96 -3.13
CA GLY A 392 -27.15 -7.98 -2.36
C GLY A 392 -26.72 -9.37 -2.78
N GLN A 393 -27.54 -10.36 -2.41
CA GLN A 393 -27.22 -11.71 -2.84
C GLN A 393 -27.36 -11.79 -4.35
N SER A 394 -28.55 -11.73 -4.89
CA SER A 394 -28.65 -11.59 -6.34
C SER A 394 -29.80 -10.66 -6.67
N HIS A 395 -29.55 -9.37 -6.64
CA HIS A 395 -30.60 -8.40 -6.79
C HIS A 395 -30.16 -7.40 -7.83
N PHE A 396 -30.90 -7.32 -8.93
CA PHE A 396 -30.52 -6.49 -10.04
C PHE A 396 -31.46 -5.31 -10.14
N LYS A 397 -31.10 -4.34 -10.99
CA LYS A 397 -31.96 -3.21 -11.33
C LYS A 397 -31.67 -2.81 -12.76
N SER A 398 -32.66 -2.90 -13.63
CA SER A 398 -32.42 -2.65 -15.02
C SER A 398 -32.00 -1.21 -15.24
N PHE A 399 -31.73 -0.88 -16.51
CA PHE A 399 -31.42 0.52 -16.81
C PHE A 399 -32.64 1.41 -16.65
N ASP A 400 -33.83 0.88 -16.93
CA ASP A 400 -34.96 1.78 -16.74
C ASP A 400 -35.34 1.83 -15.27
N ASN A 401 -36.07 0.86 -14.74
CA ASN A 401 -36.12 0.68 -13.29
C ASN A 401 -36.44 -0.71 -12.82
N ARG A 402 -36.62 -1.70 -13.69
CA ARG A 402 -37.24 -2.93 -13.24
C ARG A 402 -36.34 -3.68 -12.28
N TYR A 403 -36.86 -3.95 -11.09
CA TYR A 403 -36.16 -4.69 -10.05
C TYR A 403 -36.48 -6.17 -10.15
N PHE A 404 -35.50 -7.02 -9.85
CA PHE A 404 -35.74 -8.45 -9.89
C PHE A 404 -34.62 -9.19 -9.17
N THR A 405 -34.73 -10.51 -9.14
CA THR A 405 -33.74 -11.41 -8.56
C THR A 405 -33.58 -12.59 -9.51
N PHE A 406 -32.33 -12.97 -9.82
CA PHE A 406 -32.11 -14.07 -10.75
C PHE A 406 -31.43 -15.28 -10.12
N SER A 407 -30.20 -15.15 -9.61
CA SER A 407 -29.50 -16.23 -8.90
C SER A 407 -29.22 -17.45 -9.77
N GLY A 408 -28.36 -17.28 -10.76
CA GLY A 408 -27.81 -18.39 -11.53
C GLY A 408 -26.30 -18.41 -11.41
N ILE A 409 -25.71 -19.60 -11.55
CA ILE A 409 -24.29 -19.81 -11.29
C ILE A 409 -23.54 -20.12 -12.58
N CYS A 410 -22.98 -19.10 -13.20
CA CYS A 410 -22.20 -19.21 -14.43
C CYS A 410 -21.63 -17.81 -14.68
N GLN A 411 -21.10 -17.58 -15.87
CA GLN A 411 -20.80 -16.23 -16.34
C GLN A 411 -21.87 -15.72 -17.29
N TYR A 412 -22.24 -14.46 -17.15
CA TYR A 412 -23.33 -13.85 -17.90
C TYR A 412 -22.90 -12.50 -18.45
N LEU A 413 -23.65 -12.00 -19.44
CA LEU A 413 -23.34 -10.74 -20.10
C LEU A 413 -24.22 -9.64 -19.53
N LEU A 414 -23.60 -8.64 -18.92
CA LEU A 414 -24.33 -7.61 -18.22
C LEU A 414 -24.62 -6.39 -19.07
N ALA A 415 -23.78 -6.07 -20.05
CA ALA A 415 -24.02 -4.89 -20.87
C ALA A 415 -23.14 -4.98 -22.10
N ARG A 416 -23.56 -4.30 -23.15
CA ARG A 416 -22.78 -4.28 -24.37
C ARG A 416 -23.31 -3.18 -25.28
N ASP A 417 -22.40 -2.59 -26.07
CA ASP A 417 -22.80 -1.55 -27.01
C ASP A 417 -23.79 -2.08 -28.03
N CYS A 418 -23.49 -3.23 -28.62
CA CYS A 418 -24.47 -4.02 -29.36
C CYS A 418 -24.89 -3.32 -30.64
N GLN A 419 -24.36 -2.15 -30.90
CA GLN A 419 -24.58 -1.44 -32.15
C GLN A 419 -23.28 -1.09 -32.86
N ASP A 420 -22.30 -0.58 -32.12
CA ASP A 420 -21.00 -0.21 -32.66
C ASP A 420 -19.86 -0.98 -32.04
N HIS A 421 -20.16 -1.83 -31.04
CA HIS A 421 -19.16 -2.67 -30.40
C HIS A 421 -18.04 -1.85 -29.79
N SER A 422 -18.40 -1.04 -28.80
CA SER A 422 -17.46 -0.15 -28.13
C SER A 422 -17.13 -0.54 -26.71
N PHE A 423 -17.87 -1.47 -26.09
CA PHE A 423 -17.49 -2.04 -24.81
C PHE A 423 -18.33 -3.28 -24.58
N SER A 424 -18.12 -3.94 -23.45
CA SER A 424 -18.90 -5.09 -23.04
C SER A 424 -18.50 -5.44 -21.63
N ILE A 425 -19.46 -5.73 -20.78
CA ILE A 425 -19.21 -6.06 -19.38
C ILE A 425 -19.77 -7.45 -19.10
N VAL A 426 -18.95 -8.29 -18.46
CA VAL A 426 -19.30 -9.70 -18.22
C VAL A 426 -19.02 -10.05 -16.77
N ILE A 427 -20.01 -10.58 -16.08
CA ILE A 427 -19.90 -10.83 -14.64
C ILE A 427 -19.88 -12.32 -14.37
N GLU A 428 -19.24 -12.68 -13.26
CA GLU A 428 -19.11 -14.07 -12.85
C GLU A 428 -19.65 -14.21 -11.44
N THR A 429 -20.52 -15.19 -11.26
CA THR A 429 -21.21 -15.40 -9.99
C THR A 429 -20.94 -16.80 -9.48
N VAL A 430 -20.74 -16.92 -8.17
CA VAL A 430 -20.53 -18.19 -7.50
C VAL A 430 -21.22 -18.13 -6.16
N GLN A 431 -21.59 -19.29 -5.64
CA GLN A 431 -22.51 -19.42 -4.52
C GLN A 431 -21.78 -19.29 -3.20
N CYS A 432 -22.32 -18.51 -2.29
CA CYS A 432 -21.69 -18.26 -1.02
C CYS A 432 -22.38 -19.04 0.09
N ALA A 433 -21.95 -18.76 1.32
CA ALA A 433 -22.69 -19.06 2.54
C ALA A 433 -23.38 -20.41 2.61
N ASP A 434 -22.77 -21.46 2.08
CA ASP A 434 -23.20 -22.85 2.20
C ASP A 434 -24.71 -23.03 2.26
N ASP A 435 -25.44 -22.37 1.36
CA ASP A 435 -26.88 -22.36 1.40
C ASP A 435 -27.41 -22.36 -0.02
N ARG A 436 -28.67 -22.75 -0.14
CA ARG A 436 -29.25 -23.05 -1.44
C ARG A 436 -29.43 -21.78 -2.29
N ASP A 437 -29.76 -20.66 -1.65
CA ASP A 437 -30.24 -19.48 -2.35
C ASP A 437 -29.25 -18.31 -2.37
N ALA A 438 -28.18 -18.36 -1.59
CA ALA A 438 -27.26 -17.23 -1.50
C ALA A 438 -26.20 -17.36 -2.57
N VAL A 439 -26.28 -16.53 -3.61
CA VAL A 439 -25.37 -16.55 -4.74
C VAL A 439 -24.82 -15.15 -4.92
N CYS A 440 -23.51 -15.04 -5.06
CA CYS A 440 -22.78 -13.79 -4.98
C CYS A 440 -22.21 -13.49 -6.37
N THR A 441 -21.34 -12.50 -6.45
CA THR A 441 -20.51 -12.29 -7.64
C THR A 441 -19.06 -12.15 -7.23
N ARG A 442 -18.15 -12.77 -7.98
CA ARG A 442 -16.73 -12.66 -7.66
C ARG A 442 -16.09 -11.47 -8.37
N SER A 443 -16.15 -11.47 -9.69
CA SER A 443 -15.30 -10.59 -10.46
C SER A 443 -16.04 -10.07 -11.67
N VAL A 444 -15.59 -8.91 -12.13
CA VAL A 444 -16.10 -8.23 -13.30
C VAL A 444 -14.95 -8.08 -14.28
N THR A 445 -15.18 -8.35 -15.55
CA THR A 445 -14.18 -8.13 -16.58
C THR A 445 -14.72 -7.21 -17.64
N VAL A 446 -13.97 -6.16 -17.95
CA VAL A 446 -14.35 -5.13 -18.90
C VAL A 446 -13.49 -5.27 -20.14
N ARG A 447 -14.08 -5.04 -21.30
CA ARG A 447 -13.35 -5.08 -22.56
C ARG A 447 -13.57 -3.79 -23.33
N LEU A 448 -12.48 -3.19 -23.80
CA LEU A 448 -12.52 -1.91 -24.51
C LEU A 448 -11.77 -2.02 -25.83
N PRO A 449 -12.47 -2.19 -26.95
CA PRO A 449 -11.78 -2.33 -28.24
C PRO A 449 -10.99 -1.11 -28.66
N GLY A 450 -11.32 0.08 -28.16
CA GLY A 450 -10.56 1.28 -28.47
C GLY A 450 -9.14 1.19 -27.99
N LEU A 451 -8.95 0.65 -26.78
CA LEU A 451 -7.61 0.43 -26.24
C LEU A 451 -7.09 -0.89 -26.78
N HIS A 452 -6.81 -0.90 -28.09
CA HIS A 452 -6.27 -2.06 -28.78
C HIS A 452 -7.18 -3.26 -28.58
N ASN A 453 -6.83 -4.12 -27.62
CA ASN A 453 -7.76 -5.10 -27.11
C ASN A 453 -7.43 -5.37 -25.65
N SER A 454 -8.08 -4.67 -24.74
CA SER A 454 -7.68 -4.72 -23.35
C SER A 454 -8.70 -5.49 -22.52
N LEU A 455 -8.18 -6.34 -21.65
CA LEU A 455 -8.97 -7.01 -20.63
C LEU A 455 -8.54 -6.43 -19.30
N VAL A 456 -9.49 -5.97 -18.49
CA VAL A 456 -9.20 -5.36 -17.21
C VAL A 456 -10.07 -6.06 -16.17
N LYS A 457 -9.56 -7.15 -15.61
CA LYS A 457 -10.28 -7.85 -14.58
C LYS A 457 -10.39 -7.01 -13.31
N LEU A 458 -11.51 -7.14 -12.63
CA LEU A 458 -11.72 -6.55 -11.30
C LEU A 458 -11.95 -7.71 -10.35
N LYS A 459 -11.13 -7.80 -9.30
CA LYS A 459 -11.03 -9.01 -8.49
C LYS A 459 -11.67 -8.81 -7.13
N HIS A 460 -11.67 -9.87 -6.33
CA HIS A 460 -12.48 -9.91 -5.11
C HIS A 460 -12.01 -8.89 -4.08
N GLY A 461 -10.71 -8.70 -3.93
CA GLY A 461 -10.20 -7.61 -3.13
C GLY A 461 -10.43 -6.30 -3.86
N ALA A 462 -9.53 -5.37 -3.65
CA ALA A 462 -9.53 -4.14 -4.44
C ALA A 462 -8.62 -4.25 -5.64
N GLY A 463 -8.44 -5.44 -6.18
CA GLY A 463 -7.41 -5.65 -7.16
C GLY A 463 -7.84 -5.28 -8.56
N VAL A 464 -6.87 -4.83 -9.34
CA VAL A 464 -7.04 -4.54 -10.75
C VAL A 464 -5.89 -5.20 -11.49
N ALA A 465 -6.16 -5.79 -12.65
CA ALA A 465 -5.13 -6.55 -13.33
C ALA A 465 -5.37 -6.47 -14.83
N MET A 466 -4.65 -5.60 -15.51
CA MET A 466 -4.88 -5.36 -16.92
C MET A 466 -3.97 -6.27 -17.75
N ASP A 467 -4.59 -7.12 -18.56
CA ASP A 467 -3.91 -8.07 -19.43
C ASP A 467 -3.04 -9.06 -18.65
N GLY A 468 -3.49 -9.46 -17.47
CA GLY A 468 -2.82 -10.47 -16.68
C GLY A 468 -1.86 -9.95 -15.63
N GLN A 469 -1.43 -8.70 -15.75
CA GLN A 469 -0.45 -8.11 -14.84
C GLN A 469 -1.18 -7.30 -13.78
N ASP A 470 -0.97 -7.66 -12.52
CA ASP A 470 -1.46 -6.81 -11.44
C ASP A 470 -0.77 -5.46 -11.50
N VAL A 471 -1.53 -4.39 -11.31
CA VAL A 471 -1.01 -3.04 -11.47
C VAL A 471 -1.23 -2.24 -10.19
N GLN A 472 -0.45 -1.18 -10.05
CA GLN A 472 -0.55 -0.29 -8.90
C GLN A 472 -1.21 1.01 -9.33
N LEU A 473 -2.23 1.42 -8.59
CA LEU A 473 -3.04 2.58 -8.95
C LEU A 473 -2.39 3.86 -8.45
N PRO A 474 -2.73 5.01 -9.06
CA PRO A 474 -3.67 5.21 -10.16
C PRO A 474 -3.10 4.97 -11.53
N LEU A 475 -3.97 4.67 -12.48
CA LEU A 475 -3.60 4.33 -13.84
C LEU A 475 -4.12 5.39 -14.78
N LEU A 476 -3.28 5.82 -15.71
CA LEU A 476 -3.66 6.76 -16.75
C LEU A 476 -3.24 6.17 -18.08
N LYS A 477 -4.12 6.26 -19.08
CA LYS A 477 -3.81 5.74 -20.40
C LYS A 477 -4.52 6.63 -21.42
N GLY A 478 -4.69 6.12 -22.64
CA GLY A 478 -5.13 6.97 -23.74
C GLY A 478 -6.42 7.69 -23.46
N ASP A 479 -7.40 6.97 -22.95
CA ASP A 479 -8.64 7.63 -22.54
C ASP A 479 -9.22 6.99 -21.28
N LEU A 480 -8.50 6.06 -20.66
CA LEU A 480 -8.94 5.30 -19.51
C LEU A 480 -8.25 5.80 -18.25
N ARG A 481 -8.99 5.86 -17.15
CA ARG A 481 -8.46 6.21 -15.85
C ARG A 481 -9.03 5.28 -14.80
N ILE A 482 -8.18 4.73 -13.95
CA ILE A 482 -8.59 3.94 -12.81
C ILE A 482 -7.94 4.52 -11.57
N GLN A 483 -8.68 4.54 -10.46
CA GLN A 483 -8.17 5.20 -9.28
C GLN A 483 -8.92 4.79 -8.03
N HIS A 484 -8.29 4.86 -6.87
CA HIS A 484 -9.03 4.57 -5.66
C HIS A 484 -10.01 5.68 -5.39
N THR A 485 -10.97 5.39 -4.53
CA THR A 485 -11.87 6.40 -4.01
C THR A 485 -11.62 6.56 -2.52
N VAL A 486 -12.34 7.50 -1.92
CA VAL A 486 -12.17 7.78 -0.50
C VAL A 486 -12.52 6.56 0.34
N THR A 487 -13.65 5.94 0.05
CA THR A 487 -14.16 4.84 0.88
C THR A 487 -13.70 3.48 0.36
N ALA A 488 -12.41 3.39 0.08
CA ALA A 488 -11.73 2.13 -0.23
C ALA A 488 -12.48 1.33 -1.31
N SER A 489 -12.56 1.91 -2.49
CA SER A 489 -13.20 1.25 -3.62
C SER A 489 -12.38 1.57 -4.86
N VAL A 490 -12.94 1.33 -6.05
CA VAL A 490 -12.28 1.67 -7.30
C VAL A 490 -13.24 2.51 -8.13
N ARG A 491 -12.70 3.07 -9.21
CA ARG A 491 -13.48 3.95 -10.06
C ARG A 491 -12.86 3.93 -11.45
N LEU A 492 -13.38 3.10 -12.32
CA LEU A 492 -12.96 3.06 -13.72
C LEU A 492 -13.70 4.11 -14.50
N SER A 493 -13.02 4.76 -15.43
CA SER A 493 -13.61 5.80 -16.25
C SER A 493 -13.15 5.67 -17.69
N TYR A 494 -14.00 6.14 -18.58
CA TYR A 494 -13.71 6.22 -19.99
C TYR A 494 -14.26 7.56 -20.46
N GLY A 495 -13.98 7.92 -21.70
CA GLY A 495 -14.20 9.30 -22.09
C GLY A 495 -15.62 9.82 -21.98
N GLU A 496 -15.87 10.58 -20.90
CA GLU A 496 -17.06 11.42 -20.73
C GLU A 496 -18.38 10.65 -20.75
N ASP A 497 -18.36 9.35 -20.99
CA ASP A 497 -19.62 8.64 -21.14
C ASP A 497 -19.80 7.48 -20.17
N LEU A 498 -18.77 6.65 -20.01
CA LEU A 498 -18.85 5.43 -19.22
C LEU A 498 -18.23 5.63 -17.85
N GLN A 499 -18.71 4.86 -16.87
CA GLN A 499 -18.24 5.01 -15.49
C GLN A 499 -18.69 3.81 -14.67
N MET A 500 -17.84 3.36 -13.74
CA MET A 500 -18.14 2.20 -12.90
C MET A 500 -17.62 2.38 -11.49
N ASP A 501 -18.22 1.64 -10.56
CA ASP A 501 -17.78 1.56 -9.18
C ASP A 501 -17.86 0.12 -8.72
N TRP A 502 -16.92 -0.28 -7.86
CA TRP A 502 -16.74 -1.68 -7.51
C TRP A 502 -15.93 -1.74 -6.23
N ASP A 503 -16.49 -2.29 -5.18
CA ASP A 503 -15.78 -2.36 -3.90
C ASP A 503 -15.83 -3.78 -3.37
N GLY A 504 -14.94 -4.63 -3.87
CA GLY A 504 -14.61 -5.85 -3.17
C GLY A 504 -15.71 -6.88 -3.10
N ARG A 505 -16.73 -6.58 -2.31
CA ARG A 505 -17.73 -7.55 -1.87
C ARG A 505 -19.00 -7.48 -2.72
N GLY A 506 -18.83 -7.61 -4.03
CA GLY A 506 -19.95 -7.69 -4.93
C GLY A 506 -21.02 -6.62 -4.82
N ARG A 507 -20.66 -5.37 -5.15
CA ARG A 507 -21.65 -4.30 -5.30
C ARG A 507 -21.17 -3.37 -6.41
N LEU A 508 -21.66 -3.58 -7.61
CA LEU A 508 -21.24 -2.85 -8.79
C LEU A 508 -22.33 -1.86 -9.18
N LEU A 509 -21.92 -0.63 -9.49
CA LEU A 509 -22.78 0.39 -10.05
C LEU A 509 -22.21 0.86 -11.38
N VAL A 510 -23.09 1.05 -12.37
CA VAL A 510 -22.65 1.44 -13.70
C VAL A 510 -23.46 2.60 -14.26
N LYS A 511 -22.89 3.80 -14.28
CA LYS A 511 -23.55 4.97 -14.85
C LYS A 511 -23.28 5.06 -16.33
N LEU A 512 -24.22 5.66 -17.06
CA LEU A 512 -24.12 5.64 -18.51
C LEU A 512 -24.77 6.90 -19.07
N SER A 513 -24.09 7.54 -20.04
CA SER A 513 -24.45 8.82 -20.62
C SER A 513 -25.56 8.68 -21.66
N PRO A 514 -26.35 9.74 -21.90
CA PRO A 514 -27.47 9.64 -22.84
C PRO A 514 -27.08 9.44 -24.30
N VAL A 515 -25.80 9.24 -24.58
CA VAL A 515 -25.37 8.94 -25.94
C VAL A 515 -25.84 7.56 -26.36
N TYR A 516 -25.77 6.59 -25.45
CA TYR A 516 -26.20 5.23 -25.70
C TYR A 516 -27.67 5.05 -25.34
N ALA A 517 -28.51 5.94 -25.86
CA ALA A 517 -29.86 6.06 -25.34
C ALA A 517 -30.77 4.93 -25.75
N GLY A 518 -30.43 4.16 -26.77
CA GLY A 518 -31.35 3.09 -27.14
C GLY A 518 -30.65 1.87 -27.67
N LYS A 519 -29.33 1.83 -27.56
CA LYS A 519 -28.51 0.79 -28.18
C LYS A 519 -27.73 0.08 -27.08
N THR A 520 -28.28 -1.04 -26.62
CA THR A 520 -27.71 -1.84 -25.54
C THR A 520 -28.43 -3.17 -25.53
N CYS A 521 -27.68 -4.27 -25.57
CA CYS A 521 -28.26 -5.58 -25.34
C CYS A 521 -27.49 -6.26 -24.23
N GLY A 522 -28.17 -6.55 -23.13
CA GLY A 522 -27.51 -7.17 -22.01
C GLY A 522 -28.52 -7.62 -20.99
N LEU A 523 -28.02 -8.01 -19.84
CA LEU A 523 -28.89 -8.43 -18.77
C LEU A 523 -29.50 -7.25 -18.04
N CYS A 524 -29.05 -6.03 -18.30
CA CYS A 524 -29.69 -4.80 -17.84
C CYS A 524 -30.77 -4.29 -18.78
N GLY A 525 -30.91 -4.85 -19.97
CA GLY A 525 -31.88 -4.40 -20.93
C GLY A 525 -31.37 -3.24 -21.74
N ASN A 526 -32.08 -2.92 -22.83
CA ASN A 526 -31.84 -1.71 -23.60
C ASN A 526 -32.27 -0.51 -22.77
N TYR A 527 -31.96 0.67 -23.26
CA TYR A 527 -31.96 1.84 -22.39
C TYR A 527 -32.92 2.92 -22.89
N ASN A 528 -34.08 2.52 -23.41
CA ASN A 528 -35.16 3.45 -23.68
C ASN A 528 -35.98 3.63 -22.42
N GLY A 529 -37.10 4.33 -22.51
CA GLY A 529 -37.80 4.73 -21.30
C GLY A 529 -38.77 3.73 -20.72
N ASN A 530 -39.09 2.68 -21.45
CA ASN A 530 -40.12 1.72 -21.10
C ASN A 530 -39.53 0.54 -20.34
N GLN A 531 -40.03 0.28 -19.13
CA GLN A 531 -39.65 -0.92 -18.40
C GLN A 531 -40.52 -2.12 -18.72
N GLY A 532 -41.41 -1.99 -19.69
CA GLY A 532 -42.25 -3.11 -19.99
C GLY A 532 -41.67 -4.12 -20.93
N ASP A 533 -40.49 -3.88 -21.47
CA ASP A 533 -39.84 -4.81 -22.36
C ASP A 533 -38.43 -5.11 -21.89
N ASP A 534 -38.27 -5.27 -20.58
CA ASP A 534 -36.96 -5.45 -20.00
C ASP A 534 -36.54 -6.89 -19.87
N PHE A 535 -37.35 -7.84 -20.31
CA PHE A 535 -36.94 -9.24 -20.27
C PHE A 535 -36.75 -9.75 -21.68
N LEU A 536 -36.08 -8.97 -22.52
CA LEU A 536 -36.00 -9.17 -23.97
C LEU A 536 -34.77 -10.04 -24.25
N THR A 537 -35.01 -11.23 -24.82
CA THR A 537 -33.94 -12.19 -25.06
C THR A 537 -33.20 -11.88 -26.37
N PRO A 538 -32.03 -12.49 -26.57
CA PRO A 538 -31.31 -12.26 -27.83
C PRO A 538 -32.03 -12.73 -29.06
N SER A 539 -33.08 -13.54 -28.92
CA SER A 539 -33.83 -13.96 -30.09
C SER A 539 -34.72 -12.83 -30.61
N GLY A 540 -35.51 -12.22 -29.73
CA GLY A 540 -36.37 -11.15 -30.16
C GLY A 540 -37.69 -11.02 -29.42
N LEU A 541 -38.16 -12.08 -28.77
CA LEU A 541 -39.38 -12.02 -28.00
C LEU A 541 -39.06 -11.93 -26.52
N ALA A 542 -39.99 -11.35 -25.77
CA ALA A 542 -39.79 -11.12 -24.35
C ALA A 542 -40.49 -12.20 -23.55
N GLU A 543 -39.90 -12.62 -22.58
CA GLU A 543 -40.31 -13.74 -21.77
C GLU A 543 -41.23 -13.29 -20.65
N PRO A 544 -42.09 -14.19 -20.17
CA PRO A 544 -42.92 -13.87 -19.01
C PRO A 544 -42.27 -14.19 -17.67
N ARG A 545 -41.31 -15.10 -17.63
CA ARG A 545 -40.69 -15.56 -16.40
C ARG A 545 -39.27 -15.04 -16.30
N VAL A 546 -38.79 -14.85 -15.07
CA VAL A 546 -37.42 -14.41 -14.91
C VAL A 546 -36.44 -15.56 -15.07
N GLU A 547 -36.87 -16.80 -14.84
CA GLU A 547 -35.94 -17.93 -14.89
C GLU A 547 -35.44 -18.16 -16.30
N ASP A 548 -36.35 -18.17 -17.28
CA ASP A 548 -35.93 -18.37 -18.66
C ASP A 548 -35.26 -17.14 -19.23
N PHE A 549 -35.39 -15.99 -18.57
CA PHE A 549 -34.76 -14.76 -19.04
C PHE A 549 -33.25 -14.85 -18.93
N GLY A 550 -32.75 -15.24 -17.76
CA GLY A 550 -31.32 -15.21 -17.52
C GLY A 550 -30.57 -16.42 -18.01
N ASN A 551 -31.25 -17.49 -18.39
CA ASN A 551 -30.59 -18.61 -19.01
C ASN A 551 -30.21 -18.32 -20.45
N ALA A 552 -30.59 -17.17 -20.97
CA ALA A 552 -30.28 -16.79 -22.34
C ALA A 552 -29.00 -16.00 -22.45
N TRP A 553 -28.44 -15.52 -21.35
CA TRP A 553 -27.24 -14.70 -21.39
C TRP A 553 -26.04 -15.45 -20.81
N LYS A 554 -26.11 -16.78 -20.73
CA LYS A 554 -24.96 -17.58 -20.36
C LYS A 554 -23.92 -17.57 -21.46
N LEU A 555 -22.67 -17.81 -21.06
CA LEU A 555 -21.56 -17.90 -21.98
C LEU A 555 -20.92 -19.28 -22.00
N HIS A 556 -21.44 -20.23 -21.22
CA HIS A 556 -20.88 -21.58 -21.18
C HIS A 556 -22.00 -22.59 -21.37
N GLY A 557 -21.74 -23.60 -22.17
CA GLY A 557 -22.75 -24.59 -22.46
C GLY A 557 -22.90 -25.68 -21.43
N ASP A 558 -22.05 -25.70 -20.41
CA ASP A 558 -22.11 -26.73 -19.38
C ASP A 558 -22.60 -26.21 -18.04
N CYS A 559 -22.82 -24.91 -17.91
CA CYS A 559 -23.50 -24.41 -16.73
C CYS A 559 -24.94 -24.91 -16.72
N GLN A 560 -25.44 -25.23 -15.53
CA GLN A 560 -26.79 -25.74 -15.43
C GLN A 560 -27.79 -24.60 -15.53
N ASP A 561 -28.96 -24.90 -16.08
CA ASP A 561 -30.03 -23.93 -16.19
C ASP A 561 -30.97 -24.12 -15.01
N LEU A 562 -31.15 -23.10 -14.19
CA LEU A 562 -31.85 -23.33 -12.94
C LEU A 562 -33.34 -23.48 -13.16
N GLN A 563 -33.96 -24.19 -12.23
CA GLN A 563 -35.39 -24.40 -12.20
C GLN A 563 -36.01 -23.28 -11.36
N LYS A 564 -37.22 -23.49 -10.87
CA LYS A 564 -37.98 -22.46 -10.16
C LYS A 564 -37.12 -21.68 -9.18
N GLN A 565 -37.25 -20.36 -9.23
CA GLN A 565 -36.74 -19.47 -8.20
C GLN A 565 -37.49 -19.68 -6.90
N HIS A 566 -36.78 -19.65 -5.78
CA HIS A 566 -37.39 -19.83 -4.47
C HIS A 566 -37.58 -18.45 -3.84
N SER A 567 -38.82 -18.12 -3.48
CA SER A 567 -39.16 -16.77 -3.08
C SER A 567 -38.86 -16.50 -1.61
N ASP A 568 -39.09 -17.48 -0.74
CA ASP A 568 -38.88 -17.29 0.69
C ASP A 568 -37.70 -18.13 1.14
N PRO A 569 -36.56 -17.54 1.42
CA PRO A 569 -35.40 -18.35 1.79
C PRO A 569 -35.50 -18.89 3.20
N CYS A 570 -36.18 -18.17 4.08
CA CYS A 570 -36.27 -18.57 5.48
C CYS A 570 -37.58 -19.28 5.81
N ALA A 571 -38.07 -20.08 4.87
CA ALA A 571 -38.85 -21.26 5.20
C ALA A 571 -37.97 -22.47 5.47
N LEU A 572 -36.66 -22.33 5.27
CA LEU A 572 -35.68 -23.35 5.55
C LEU A 572 -34.88 -23.09 6.82
N ASN A 573 -34.92 -21.87 7.35
CA ASN A 573 -34.31 -21.56 8.63
C ASN A 573 -35.32 -20.86 9.53
N PRO A 574 -36.19 -21.61 10.21
CA PRO A 574 -37.19 -20.98 11.06
C PRO A 574 -36.64 -20.15 12.18
N ARG A 575 -35.40 -20.38 12.61
CA ARG A 575 -34.87 -19.66 13.76
C ARG A 575 -34.73 -18.17 13.47
N MET A 576 -34.26 -17.83 12.28
CA MET A 576 -33.96 -16.44 11.94
C MET A 576 -35.14 -15.82 11.20
N THR A 577 -36.27 -15.79 11.88
CA THR A 577 -37.49 -15.20 11.33
C THR A 577 -37.97 -14.01 12.14
N ARG A 578 -37.91 -14.09 13.46
CA ARG A 578 -38.26 -12.94 14.27
C ARG A 578 -37.26 -11.81 14.04
N PHE A 579 -35.97 -12.15 13.96
CA PHE A 579 -34.95 -11.12 13.78
C PHE A 579 -35.09 -10.42 12.44
N SER A 580 -35.48 -11.15 11.39
CA SER A 580 -35.59 -10.54 10.08
C SER A 580 -36.69 -9.50 10.04
N GLU A 581 -37.83 -9.78 10.67
CA GLU A 581 -38.93 -8.81 10.67
C GLU A 581 -38.65 -7.66 11.62
N GLU A 582 -38.10 -7.94 12.80
CA GLU A 582 -37.82 -6.89 13.75
C GLU A 582 -36.76 -5.93 13.23
N ALA A 583 -35.72 -6.47 12.58
CA ALA A 583 -34.55 -5.67 12.22
C ALA A 583 -34.77 -4.91 10.91
N CYS A 584 -35.25 -5.58 9.87
CA CYS A 584 -35.51 -4.92 8.61
C CYS A 584 -36.88 -4.26 8.62
N ALA A 585 -37.16 -3.48 9.64
CA ALA A 585 -38.34 -2.64 9.67
C ALA A 585 -38.00 -1.20 9.96
N VAL A 586 -36.74 -0.89 10.25
CA VAL A 586 -36.28 0.49 10.31
C VAL A 586 -36.47 1.17 8.96
N LEU A 587 -36.54 0.40 7.89
CA LEU A 587 -36.71 0.99 6.57
C LEU A 587 -38.03 1.74 6.48
N THR A 588 -39.10 1.14 7.01
CA THR A 588 -40.39 1.81 7.13
C THR A 588 -40.60 2.30 8.56
N SER A 589 -39.83 3.32 8.92
CA SER A 589 -39.97 3.94 10.24
C SER A 589 -39.61 5.41 10.12
N PRO A 590 -40.03 6.23 11.08
CA PRO A 590 -39.77 7.68 10.98
C PRO A 590 -38.31 8.07 10.86
N THR A 591 -37.37 7.13 10.99
CA THR A 591 -35.97 7.45 10.74
C THR A 591 -35.76 7.86 9.28
N PHE A 592 -36.44 7.20 8.36
CA PHE A 592 -36.29 7.44 6.94
C PHE A 592 -37.44 8.24 6.34
N GLU A 593 -38.32 8.77 7.18
CA GLU A 593 -39.54 9.40 6.68
C GLU A 593 -39.25 10.60 5.78
N ALA A 594 -38.05 11.16 5.87
CA ALA A 594 -37.71 12.28 5.00
C ALA A 594 -37.61 11.85 3.54
N CYS A 595 -37.17 10.63 3.29
CA CYS A 595 -36.89 10.21 1.92
C CYS A 595 -38.05 9.47 1.26
N HIS A 596 -39.10 9.14 2.01
CA HIS A 596 -40.14 8.25 1.50
C HIS A 596 -40.89 8.78 0.30
N ARG A 597 -40.60 9.99 -0.19
CA ARG A 597 -41.29 10.48 -1.37
C ARG A 597 -40.31 10.86 -2.47
N ALA A 598 -39.08 10.37 -2.39
CA ALA A 598 -38.13 10.43 -3.48
C ALA A 598 -37.94 9.08 -4.14
N VAL A 599 -37.79 8.02 -3.35
CA VAL A 599 -37.80 6.63 -3.82
C VAL A 599 -38.67 5.82 -2.87
N SER A 600 -39.59 5.04 -3.43
CA SER A 600 -40.51 4.26 -2.61
C SER A 600 -39.79 3.06 -2.00
N PRO A 601 -39.94 2.80 -0.73
CA PRO A 601 -39.21 1.69 -0.12
C PRO A 601 -39.89 0.35 -0.24
N LEU A 602 -40.46 0.03 -1.39
CA LEU A 602 -41.11 -1.27 -1.50
C LEU A 602 -40.10 -2.39 -1.77
N PRO A 603 -39.25 -2.30 -2.81
CA PRO A 603 -38.33 -3.42 -3.07
C PRO A 603 -37.19 -3.49 -2.07
N TYR A 604 -36.68 -2.36 -1.60
CA TYR A 604 -35.53 -2.39 -0.72
C TYR A 604 -35.85 -3.07 0.59
N LEU A 605 -37.11 -3.31 0.88
CA LEU A 605 -37.55 -3.99 2.10
C LEU A 605 -37.52 -5.50 1.95
N ARG A 606 -38.13 -6.01 0.88
CA ARG A 606 -38.06 -7.42 0.63
C ARG A 606 -36.64 -7.87 0.36
N ASN A 607 -35.80 -6.99 -0.19
CA ASN A 607 -34.39 -7.33 -0.33
C ASN A 607 -33.72 -7.47 1.04
N CYS A 608 -34.02 -6.59 1.98
CA CYS A 608 -33.45 -6.72 3.31
C CYS A 608 -33.87 -8.05 3.93
N ARG A 609 -35.16 -8.40 3.81
CA ARG A 609 -35.66 -9.63 4.40
C ARG A 609 -34.99 -10.86 3.78
N TYR A 610 -34.92 -10.90 2.45
CA TYR A 610 -34.24 -12.00 1.77
C TYR A 610 -32.80 -12.13 2.21
N ASP A 611 -32.08 -11.02 2.20
CA ASP A 611 -30.66 -11.07 2.52
C ASP A 611 -30.44 -11.58 3.92
N VAL A 612 -31.21 -11.08 4.88
CA VAL A 612 -30.98 -11.49 6.26
C VAL A 612 -31.33 -12.94 6.47
N CYS A 613 -32.50 -13.40 5.97
CA CYS A 613 -32.83 -14.81 6.15
C CYS A 613 -31.79 -15.72 5.52
N SER A 614 -31.31 -15.37 4.32
CA SER A 614 -30.57 -16.35 3.54
C SER A 614 -29.08 -16.40 3.86
N CYS A 615 -28.41 -15.26 3.88
CA CYS A 615 -26.96 -15.27 3.97
C CYS A 615 -26.50 -15.78 5.32
N SER A 616 -25.26 -16.28 5.33
CA SER A 616 -24.72 -16.93 6.53
C SER A 616 -24.52 -15.92 7.67
N ASP A 617 -23.95 -14.76 7.37
CA ASP A 617 -23.65 -13.77 8.38
C ASP A 617 -24.71 -12.67 8.34
N GLY A 618 -25.65 -12.73 9.28
CA GLY A 618 -26.69 -11.74 9.37
C GLY A 618 -26.28 -10.43 9.98
N ARG A 619 -25.01 -10.27 10.34
CA ARG A 619 -24.52 -9.00 10.85
C ARG A 619 -24.33 -8.00 9.72
N GLU A 620 -23.40 -8.28 8.81
CA GLU A 620 -23.09 -7.36 7.74
C GLU A 620 -24.07 -7.42 6.58
N CYS A 621 -24.88 -8.47 6.48
CA CYS A 621 -25.92 -8.45 5.48
C CYS A 621 -26.97 -7.39 5.77
N LEU A 622 -27.22 -7.12 7.05
CA LEU A 622 -28.26 -6.14 7.39
C LEU A 622 -27.90 -4.76 6.88
N CYS A 623 -26.72 -4.28 7.23
CA CYS A 623 -26.32 -2.94 6.86
C CYS A 623 -25.67 -2.84 5.49
N GLY A 624 -25.54 -3.96 4.78
CA GLY A 624 -25.38 -3.85 3.35
C GLY A 624 -26.68 -3.58 2.63
N ALA A 625 -27.80 -3.86 3.27
CA ALA A 625 -29.11 -3.59 2.71
C ALA A 625 -29.73 -2.31 3.22
N LEU A 626 -29.38 -1.89 4.43
CA LEU A 626 -29.77 -0.56 4.87
C LEU A 626 -29.01 0.50 4.09
N ALA A 627 -27.71 0.32 3.89
CA ALA A 627 -26.91 1.33 3.22
C ALA A 627 -27.26 1.47 1.76
N SER A 628 -27.84 0.45 1.14
CA SER A 628 -28.25 0.58 -0.24
C SER A 628 -29.38 1.59 -0.40
N TYR A 629 -30.37 1.56 0.49
CA TYR A 629 -31.43 2.56 0.44
C TYR A 629 -30.90 3.96 0.68
N ALA A 630 -30.04 4.12 1.67
CA ALA A 630 -29.49 5.44 1.95
C ALA A 630 -28.69 5.96 0.78
N ALA A 631 -27.94 5.09 0.12
CA ALA A 631 -27.24 5.49 -1.10
C ALA A 631 -28.22 5.88 -2.20
N ALA A 632 -29.34 5.16 -2.28
CA ALA A 632 -30.33 5.48 -3.30
C ALA A 632 -30.93 6.86 -3.08
N CYS A 633 -31.27 7.18 -1.83
CA CYS A 633 -31.87 8.48 -1.54
C CYS A 633 -30.92 9.62 -1.90
N ALA A 634 -29.64 9.45 -1.57
CA ALA A 634 -28.66 10.50 -1.83
C ALA A 634 -28.53 10.83 -3.31
N GLY A 635 -28.81 9.86 -4.18
CA GLY A 635 -28.72 10.11 -5.60
C GLY A 635 -29.76 11.07 -6.11
N ARG A 636 -30.79 11.34 -5.31
CA ARG A 636 -31.82 12.30 -5.64
C ARG A 636 -31.67 13.63 -4.91
N GLY A 637 -30.99 13.64 -3.77
CA GLY A 637 -30.78 14.87 -3.02
C GLY A 637 -31.19 14.82 -1.56
N VAL A 638 -31.53 13.67 -1.01
CA VAL A 638 -31.95 13.58 0.38
C VAL A 638 -30.81 13.05 1.24
N ARG A 639 -30.56 13.71 2.37
CA ARG A 639 -29.57 13.30 3.34
C ARG A 639 -30.25 12.64 4.53
N VAL A 640 -29.52 11.79 5.24
CA VAL A 640 -30.07 11.04 6.36
C VAL A 640 -28.93 10.53 7.22
N ALA A 641 -29.19 10.34 8.52
CA ALA A 641 -28.16 9.92 9.45
C ALA A 641 -28.11 8.40 9.61
N TRP A 642 -29.17 7.81 10.14
CA TRP A 642 -29.46 6.38 10.10
C TRP A 642 -28.41 5.49 10.76
N ARG A 643 -27.29 6.06 11.22
CA ARG A 643 -26.26 5.28 11.88
C ARG A 643 -26.19 5.72 13.33
N GLU A 644 -26.32 4.76 14.24
CA GLU A 644 -26.37 5.06 15.67
C GLU A 644 -25.60 3.99 16.43
N PRO A 645 -25.14 4.31 17.64
CA PRO A 645 -24.64 3.27 18.54
C PRO A 645 -25.65 2.14 18.67
N GLY A 646 -25.22 0.93 18.37
CA GLY A 646 -26.11 -0.21 18.28
C GLY A 646 -26.51 -0.59 16.88
N ARG A 647 -25.89 -0.01 15.87
CA ARG A 647 -26.13 -0.33 14.47
C ARG A 647 -24.77 -0.52 13.81
N CYS A 648 -24.73 -0.43 12.49
CA CYS A 648 -23.47 -0.55 11.77
C CYS A 648 -22.82 0.82 11.67
N GLU A 649 -21.93 1.12 12.60
CA GLU A 649 -21.09 2.30 12.49
C GLU A 649 -19.89 1.98 11.62
N LEU A 650 -19.42 2.99 10.87
CA LEU A 650 -18.29 2.77 9.97
C LEU A 650 -17.04 2.34 10.71
N ASN A 651 -16.90 2.76 11.97
CA ASN A 651 -15.76 2.38 12.80
C ASN A 651 -14.44 2.77 12.13
N CYS A 652 -14.30 4.07 11.87
CA CYS A 652 -13.15 4.56 11.13
C CYS A 652 -11.87 4.37 11.95
N PRO A 653 -10.74 4.09 11.30
CA PRO A 653 -9.49 3.95 12.05
C PRO A 653 -9.10 5.24 12.76
N LYS A 654 -8.26 5.08 13.77
CA LYS A 654 -7.82 6.22 14.58
C LYS A 654 -7.02 7.20 13.73
N GLY A 655 -7.06 8.47 14.12
CA GLY A 655 -6.41 9.52 13.37
C GLY A 655 -7.20 10.05 12.20
N GLN A 656 -8.41 9.56 11.98
CA GLN A 656 -9.27 9.99 10.89
C GLN A 656 -10.61 10.41 11.47
N VAL A 657 -11.50 10.91 10.61
CA VAL A 657 -12.80 11.43 11.03
C VAL A 657 -13.88 10.75 10.21
N TYR A 658 -14.94 10.30 10.88
CA TYR A 658 -16.06 9.65 10.20
C TYR A 658 -16.91 10.63 9.42
N LEU A 659 -16.67 11.93 9.58
CA LEU A 659 -17.62 12.99 9.25
C LEU A 659 -18.38 12.77 7.96
N GLN A 660 -19.63 13.21 7.95
CA GLN A 660 -20.46 13.28 6.75
C GLN A 660 -19.79 14.26 5.77
N CYS A 661 -20.43 14.52 4.64
CA CYS A 661 -19.81 15.10 3.45
C CYS A 661 -18.64 16.04 3.68
N GLY A 662 -17.53 15.78 2.98
CA GLY A 662 -16.33 16.59 3.14
C GLY A 662 -15.65 16.90 1.82
N THR A 663 -16.41 16.88 0.72
CA THR A 663 -16.02 17.29 -0.62
C THR A 663 -14.61 16.83 -1.00
N PRO A 664 -14.42 15.54 -1.28
CA PRO A 664 -13.07 15.04 -1.58
C PRO A 664 -12.58 15.52 -2.95
N CYS A 665 -11.77 16.56 -2.93
CA CYS A 665 -10.99 17.01 -4.06
C CYS A 665 -9.64 17.47 -3.56
N ASN A 666 -9.26 17.01 -2.39
CA ASN A 666 -8.22 17.56 -1.53
C ASN A 666 -7.90 16.42 -0.58
N LEU A 667 -7.19 16.68 0.51
CA LEU A 667 -6.85 15.63 1.45
C LEU A 667 -6.09 14.49 0.76
N THR A 668 -5.17 14.82 -0.13
CA THR A 668 -4.28 13.82 -0.71
C THR A 668 -3.05 14.54 -1.23
N CYS A 669 -1.87 14.11 -0.79
CA CYS A 669 -0.68 14.81 -1.20
C CYS A 669 -0.34 14.58 -2.67
N ARG A 670 -1.00 13.64 -3.34
CA ARG A 670 -0.96 13.61 -4.80
C ARG A 670 -1.59 14.86 -5.37
N SER A 671 -2.59 15.43 -4.68
CA SER A 671 -3.31 16.60 -5.15
C SER A 671 -2.54 17.89 -4.99
N LEU A 672 -1.42 17.88 -4.26
CA LEU A 672 -0.61 19.08 -4.15
C LEU A 672 0.39 19.19 -5.30
N SER A 673 0.96 18.09 -5.75
CA SER A 673 1.94 18.16 -6.83
C SER A 673 1.28 18.35 -8.19
N TYR A 674 0.00 17.99 -8.29
CA TYR A 674 -0.79 18.29 -9.49
C TYR A 674 -2.01 19.08 -9.07
N PRO A 675 -1.96 20.41 -9.15
CA PRO A 675 -3.06 21.25 -8.66
C PRO A 675 -4.08 21.68 -9.71
N ASP A 676 -3.89 21.31 -10.98
CA ASP A 676 -4.69 21.86 -12.08
C ASP A 676 -5.14 20.74 -13.01
N GLU A 677 -5.69 19.67 -12.44
CA GLU A 677 -6.14 18.54 -13.25
C GLU A 677 -7.65 18.57 -13.46
N GLU A 678 -8.43 18.60 -12.38
CA GLU A 678 -9.88 18.57 -12.41
C GLU A 678 -10.39 18.71 -10.98
N CYS A 679 -11.53 19.36 -10.79
CA CYS A 679 -12.14 19.39 -9.46
C CYS A 679 -13.65 19.48 -9.64
N ASN A 680 -14.29 18.31 -9.67
CA ASN A 680 -15.75 18.22 -9.78
C ASN A 680 -16.16 16.96 -9.04
N GLU A 681 -16.60 17.13 -7.79
CA GLU A 681 -16.93 15.98 -6.96
C GLU A 681 -18.13 16.31 -6.10
N ALA A 682 -18.88 15.27 -5.75
CA ALA A 682 -20.06 15.37 -4.92
C ALA A 682 -19.68 15.18 -3.45
N CYS A 683 -20.68 14.89 -2.62
CA CYS A 683 -20.48 14.52 -1.23
C CYS A 683 -20.32 13.01 -1.12
N LEU A 684 -19.35 12.55 -0.31
CA LEU A 684 -19.08 11.13 -0.21
C LEU A 684 -19.01 10.56 1.19
N GLU A 685 -19.27 11.35 2.23
CA GLU A 685 -19.51 10.88 3.59
C GLU A 685 -18.51 9.82 4.09
N GLY A 686 -17.29 9.82 3.55
CA GLY A 686 -16.31 8.83 3.93
C GLY A 686 -15.47 9.27 5.11
N CYS A 687 -14.34 8.58 5.27
CA CYS A 687 -13.37 8.92 6.31
C CYS A 687 -12.46 10.04 5.83
N PHE A 688 -12.23 11.02 6.69
CA PHE A 688 -11.47 12.21 6.32
C PHE A 688 -10.50 12.60 7.42
N CYS A 689 -10.01 13.83 7.39
CA CYS A 689 -9.06 14.36 8.34
C CYS A 689 -9.47 15.76 8.77
N PRO A 690 -8.96 16.23 9.91
CA PRO A 690 -9.23 17.61 10.30
C PRO A 690 -8.69 18.57 9.26
N PRO A 691 -9.36 19.71 9.08
CA PRO A 691 -9.06 20.56 7.91
C PRO A 691 -7.75 21.34 8.02
N GLY A 692 -6.67 20.65 8.37
CA GLY A 692 -5.35 21.23 8.28
C GLY A 692 -4.31 20.21 7.90
N LEU A 693 -4.76 19.02 7.53
CA LEU A 693 -3.89 17.88 7.34
C LEU A 693 -4.14 17.25 5.98
N TYR A 694 -3.21 16.39 5.56
CA TYR A 694 -3.28 15.71 4.28
C TYR A 694 -2.93 14.24 4.45
N MET A 695 -3.36 13.43 3.49
CA MET A 695 -3.01 12.01 3.49
C MET A 695 -1.56 11.79 3.12
N ASP A 696 -0.95 10.80 3.76
CA ASP A 696 0.41 10.34 3.49
C ASP A 696 0.37 9.15 2.55
N GLU A 697 1.52 8.89 1.93
CA GLU A 697 1.62 7.78 0.98
C GLU A 697 1.33 6.45 1.66
N ARG A 698 1.87 6.25 2.86
CA ARG A 698 1.75 4.95 3.51
C ARG A 698 0.41 4.75 4.21
N GLY A 699 -0.35 5.82 4.44
CA GLY A 699 -1.67 5.65 5.03
C GLY A 699 -1.96 6.51 6.24
N ASP A 700 -1.01 7.34 6.65
CA ASP A 700 -1.24 8.25 7.77
C ASP A 700 -1.70 9.62 7.26
N CYS A 701 -2.20 10.44 8.18
CA CYS A 701 -2.69 11.76 7.83
C CYS A 701 -2.02 12.88 8.61
N VAL A 702 -1.06 12.56 9.47
CA VAL A 702 -0.42 13.54 10.34
C VAL A 702 0.22 14.74 9.62
N PRO A 703 0.88 14.60 8.46
CA PRO A 703 1.69 15.71 7.98
C PRO A 703 0.87 16.96 7.62
N LYS A 704 1.55 18.10 7.72
CA LYS A 704 1.01 19.39 7.30
C LYS A 704 1.80 19.96 6.14
N ALA A 705 3.10 20.18 6.34
CA ALA A 705 4.05 20.52 5.29
C ALA A 705 5.17 19.50 5.30
N GLN A 706 4.84 18.30 5.74
CA GLN A 706 5.77 17.18 5.84
C GLN A 706 5.37 16.05 4.92
N CYS A 707 4.82 16.37 3.75
CA CYS A 707 4.44 15.23 2.95
C CYS A 707 5.13 15.26 1.59
N PRO A 708 5.33 14.09 0.96
CA PRO A 708 6.29 13.99 -0.13
C PRO A 708 5.96 14.78 -1.37
N CYS A 709 6.87 14.72 -2.35
CA CYS A 709 6.76 15.41 -3.61
C CYS A 709 6.65 14.34 -4.70
N TYR A 710 5.89 14.62 -5.74
CA TYR A 710 5.73 13.67 -6.83
C TYR A 710 6.26 14.28 -8.12
N TYR A 711 6.83 13.43 -8.97
CA TYR A 711 7.48 13.94 -10.17
C TYR A 711 7.40 12.89 -11.27
N ASP A 712 8.29 12.95 -12.25
CA ASP A 712 8.09 12.19 -13.47
C ASP A 712 8.20 10.70 -13.21
N GLY A 713 7.17 10.12 -12.60
CA GLY A 713 7.20 8.74 -12.19
C GLY A 713 7.62 8.57 -10.74
N GLU A 714 8.77 9.12 -10.37
CA GLU A 714 9.37 8.87 -9.06
C GLU A 714 8.73 9.66 -7.93
N ILE A 715 9.17 9.38 -6.70
CA ILE A 715 8.65 10.00 -5.48
C ILE A 715 9.82 10.58 -4.70
N PHE A 716 9.74 11.85 -4.32
CA PHE A 716 10.80 12.51 -3.57
C PHE A 716 10.40 12.82 -2.14
N GLN A 717 11.27 13.47 -1.41
CA GLN A 717 11.05 13.70 0.02
C GLN A 717 11.27 15.18 0.34
N PRO A 718 10.82 15.66 1.50
CA PRO A 718 10.91 17.09 1.76
C PRO A 718 12.34 17.61 1.69
N GLU A 719 12.47 18.87 1.24
CA GLU A 719 13.72 19.56 0.92
C GLU A 719 14.75 18.71 0.17
N ASP A 720 14.38 18.04 -0.91
CA ASP A 720 15.34 17.41 -1.80
C ASP A 720 15.72 18.35 -2.93
N ILE A 721 16.99 18.32 -3.32
CA ILE A 721 17.50 19.15 -4.39
C ILE A 721 18.20 18.27 -5.40
N PHE A 722 17.89 18.47 -6.68
CA PHE A 722 18.63 17.80 -7.73
C PHE A 722 18.59 18.64 -8.99
N SER A 723 19.72 18.72 -9.68
CA SER A 723 19.83 19.47 -10.92
C SER A 723 20.48 18.55 -11.94
N ASP A 724 19.69 18.00 -12.85
CA ASP A 724 20.19 16.88 -13.62
C ASP A 724 21.06 17.23 -14.82
N HIS A 725 20.46 17.66 -15.93
CA HIS A 725 21.27 18.12 -17.06
C HIS A 725 20.55 19.18 -17.89
N HIS A 726 19.32 19.52 -17.55
CA HIS A 726 18.53 20.49 -18.28
C HIS A 726 17.95 21.48 -17.30
N THR A 727 17.55 20.97 -16.14
CA THR A 727 16.72 21.70 -15.21
C THR A 727 17.28 21.54 -13.82
N MET A 728 17.05 22.55 -12.98
CA MET A 728 17.30 22.47 -11.55
C MET A 728 15.97 22.40 -10.84
N CYS A 729 15.74 21.35 -10.07
CA CYS A 729 14.51 21.23 -9.32
C CYS A 729 14.81 20.95 -7.85
N TYR A 730 14.09 21.64 -6.98
CA TYR A 730 14.05 21.30 -5.55
C TYR A 730 12.59 21.03 -5.23
N CYS A 731 12.21 20.87 -3.96
CA CYS A 731 10.75 20.90 -3.72
C CYS A 731 10.49 21.41 -2.31
N GLU A 732 9.88 22.59 -2.25
CA GLU A 732 9.35 23.21 -1.05
C GLU A 732 7.89 22.82 -0.89
N ASP A 733 7.46 22.63 0.35
CA ASP A 733 6.07 22.25 0.66
C ASP A 733 5.80 20.92 -0.05
N GLY A 734 4.73 20.81 -0.85
CA GLY A 734 4.43 19.56 -1.52
C GLY A 734 4.57 19.66 -3.02
N PHE A 735 5.15 20.74 -3.51
CA PHE A 735 5.25 21.02 -4.92
C PHE A 735 6.71 21.24 -5.33
N MET A 736 6.98 21.10 -6.61
CA MET A 736 8.35 21.17 -7.12
C MET A 736 8.97 22.57 -7.14
N HIS A 737 8.22 23.58 -7.56
CA HIS A 737 8.77 24.93 -7.64
C HIS A 737 10.04 25.00 -8.46
N CYS A 738 10.17 24.22 -9.53
CA CYS A 738 11.48 24.21 -10.17
C CYS A 738 11.49 24.94 -11.50
N THR A 739 12.69 25.30 -11.94
CA THR A 739 12.92 26.30 -12.97
C THR A 739 13.71 25.66 -14.12
N MET A 740 14.17 26.43 -15.09
CA MET A 740 14.98 25.94 -16.22
C MET A 740 14.31 24.78 -16.95
N CYS A 767 -8.07 -35.39 -33.46
CA CYS A 767 -8.41 -36.17 -32.28
C CYS A 767 -9.56 -37.13 -32.58
N ARG A 768 -10.56 -36.64 -33.31
CA ARG A 768 -11.73 -37.44 -33.63
C ARG A 768 -12.39 -36.86 -34.88
N PRO A 769 -12.75 -37.71 -35.85
CA PRO A 769 -13.27 -37.22 -37.13
C PRO A 769 -14.67 -36.67 -36.99
N PRO A 770 -15.23 -36.02 -38.02
CA PRO A 770 -14.64 -35.67 -39.33
C PRO A 770 -14.16 -34.22 -39.51
N MET A 771 -13.75 -33.54 -38.44
CA MET A 771 -13.21 -32.19 -38.59
C MET A 771 -11.81 -32.12 -37.97
N VAL A 772 -11.06 -31.10 -38.38
CA VAL A 772 -9.65 -30.95 -38.05
C VAL A 772 -9.49 -30.41 -36.64
N LYS A 773 -8.28 -30.49 -36.09
CA LYS A 773 -8.00 -30.09 -34.71
C LYS A 773 -6.81 -29.14 -34.69
N LEU A 774 -6.79 -28.28 -33.69
CA LEU A 774 -5.66 -27.42 -33.36
C LEU A 774 -5.42 -27.45 -31.87
N VAL A 775 -4.17 -27.25 -31.46
CA VAL A 775 -3.85 -27.33 -30.04
C VAL A 775 -3.70 -25.95 -29.41
N CYS A 776 -2.65 -25.20 -29.80
CA CYS A 776 -2.36 -23.83 -29.36
C CYS A 776 -1.19 -23.27 -30.13
N PRO A 777 -1.25 -22.02 -30.58
CA PRO A 777 -0.01 -21.33 -31.01
C PRO A 777 0.82 -20.85 -29.82
N ALA A 778 0.16 -20.39 -28.76
CA ALA A 778 0.81 -20.07 -27.48
C ALA A 778 1.86 -18.97 -27.62
N ASP A 779 1.41 -17.81 -28.11
CA ASP A 779 2.24 -16.61 -28.09
C ASP A 779 1.92 -15.75 -26.88
N ASN A 780 0.69 -15.22 -26.82
CA ASN A 780 0.13 -14.73 -25.56
C ASN A 780 -1.35 -15.09 -25.46
N LEU A 781 -1.74 -16.21 -26.06
CA LEU A 781 -2.96 -16.95 -25.73
C LEU A 781 -4.23 -16.15 -26.11
N ARG A 782 -4.39 -15.92 -27.42
CA ARG A 782 -5.67 -15.46 -27.93
C ARG A 782 -6.53 -16.58 -28.51
N ALA A 783 -5.94 -17.73 -28.82
CA ALA A 783 -6.62 -18.73 -29.64
C ALA A 783 -7.87 -19.26 -28.95
N GLU A 784 -8.91 -19.48 -29.75
CA GLU A 784 -10.19 -20.00 -29.26
C GLU A 784 -10.07 -21.52 -29.15
N GLY A 785 -9.84 -22.01 -27.94
CA GLY A 785 -9.76 -23.43 -27.68
C GLY A 785 -11.09 -24.01 -27.26
N LEU A 786 -11.02 -25.10 -26.50
CA LEU A 786 -12.22 -25.76 -26.01
C LEU A 786 -13.00 -24.90 -25.02
N GLU A 787 -12.40 -23.84 -24.50
CA GLU A 787 -13.08 -22.98 -23.54
C GLU A 787 -14.22 -22.20 -24.18
N CYS A 788 -14.14 -21.93 -25.49
CA CYS A 788 -15.11 -21.10 -26.19
C CYS A 788 -15.61 -21.86 -27.41
N THR A 789 -16.61 -22.71 -27.19
CA THR A 789 -17.21 -23.49 -28.27
C THR A 789 -18.55 -22.85 -28.63
N LYS A 790 -18.64 -22.31 -29.83
CA LYS A 790 -19.83 -21.59 -30.25
C LYS A 790 -20.95 -22.59 -30.50
N THR A 791 -21.91 -22.64 -29.59
CA THR A 791 -23.14 -23.40 -29.85
C THR A 791 -24.13 -22.48 -30.54
N CYS A 792 -25.36 -22.96 -30.72
CA CYS A 792 -26.38 -22.14 -31.37
C CYS A 792 -27.10 -21.22 -30.39
N GLN A 793 -26.76 -21.28 -29.11
CA GLN A 793 -27.18 -20.28 -28.15
C GLN A 793 -26.12 -19.23 -27.88
N ASN A 794 -24.84 -19.59 -27.97
CA ASN A 794 -23.76 -18.66 -27.69
C ASN A 794 -23.18 -18.02 -28.94
N TYR A 795 -23.79 -18.22 -30.10
CA TYR A 795 -23.10 -17.87 -31.33
C TYR A 795 -22.78 -16.38 -31.39
N ASP A 796 -23.74 -15.53 -31.00
CA ASP A 796 -23.53 -14.09 -31.10
C ASP A 796 -22.94 -13.48 -29.85
N LEU A 797 -23.00 -14.17 -28.72
CA LEU A 797 -22.64 -13.53 -27.46
C LEU A 797 -21.15 -13.26 -27.38
N GLU A 798 -20.80 -12.28 -26.55
CA GLU A 798 -19.41 -11.89 -26.35
C GLU A 798 -18.71 -12.99 -25.55
N CYS A 799 -18.26 -14.03 -26.24
CA CYS A 799 -17.64 -15.17 -25.57
C CYS A 799 -16.33 -14.77 -24.91
N MET A 800 -16.09 -15.30 -23.73
CA MET A 800 -14.88 -14.98 -22.99
C MET A 800 -13.73 -15.87 -23.47
N SER A 801 -12.50 -15.48 -23.10
CA SER A 801 -11.31 -16.25 -23.46
C SER A 801 -10.27 -16.11 -22.35
N MET A 802 -10.19 -17.13 -21.49
CA MET A 802 -9.18 -17.13 -20.44
C MET A 802 -7.81 -17.50 -21.00
N GLY A 803 -7.77 -18.16 -22.15
CA GLY A 803 -6.53 -18.60 -22.76
C GLY A 803 -6.75 -19.87 -23.56
N CYS A 804 -5.91 -20.06 -24.57
CA CYS A 804 -6.02 -21.24 -25.43
C CYS A 804 -5.78 -22.51 -24.64
N VAL A 805 -6.66 -23.49 -24.84
CA VAL A 805 -6.54 -24.82 -24.26
C VAL A 805 -6.62 -25.84 -25.38
N SER A 806 -5.66 -26.75 -25.44
CA SER A 806 -5.64 -27.74 -26.51
C SER A 806 -6.83 -28.69 -26.38
N GLY A 807 -7.58 -28.82 -27.47
CA GLY A 807 -8.76 -29.66 -27.45
C GLY A 807 -9.31 -29.98 -28.83
N CYS A 808 -10.63 -30.10 -28.94
CA CYS A 808 -11.27 -30.49 -30.18
C CYS A 808 -12.45 -29.56 -30.44
N LEU A 809 -12.65 -29.23 -31.72
CA LEU A 809 -13.75 -28.34 -32.10
C LEU A 809 -14.10 -28.56 -33.56
N CYS A 810 -15.36 -28.27 -33.89
CA CYS A 810 -15.82 -28.28 -35.27
C CYS A 810 -15.34 -27.04 -36.01
N PRO A 811 -15.37 -27.05 -37.35
CA PRO A 811 -14.75 -25.96 -38.10
C PRO A 811 -15.56 -24.68 -37.99
N PRO A 812 -14.99 -23.53 -38.38
CA PRO A 812 -15.63 -22.24 -38.06
C PRO A 812 -17.05 -22.09 -38.60
N GLY A 813 -17.36 -22.67 -39.76
CA GLY A 813 -18.69 -22.50 -40.32
C GLY A 813 -19.71 -23.48 -39.74
N MET A 814 -19.67 -23.68 -38.43
CA MET A 814 -20.45 -24.74 -37.83
C MET A 814 -20.75 -24.38 -36.37
N VAL A 815 -21.79 -25.00 -35.82
CA VAL A 815 -22.15 -24.83 -34.42
C VAL A 815 -22.51 -26.18 -33.83
N ARG A 816 -22.23 -26.35 -32.55
CA ARG A 816 -22.54 -27.58 -31.84
C ARG A 816 -23.99 -27.59 -31.39
N HIS A 817 -24.60 -28.77 -31.43
CA HIS A 817 -25.90 -29.01 -30.84
C HIS A 817 -25.74 -30.06 -29.73
N GLU A 818 -26.87 -30.56 -29.23
CA GLU A 818 -26.81 -31.47 -28.08
C GLU A 818 -25.98 -32.71 -28.39
N ASN A 819 -26.10 -33.26 -29.60
CA ASN A 819 -25.28 -34.42 -29.97
C ASN A 819 -23.92 -34.00 -30.50
N ARG A 820 -23.90 -33.35 -31.66
CA ARG A 820 -22.67 -32.95 -32.32
C ARG A 820 -22.93 -31.63 -33.05
N CYS A 821 -22.05 -31.27 -33.96
CA CYS A 821 -22.17 -30.01 -34.68
C CYS A 821 -22.94 -30.21 -35.99
N VAL A 822 -24.06 -29.49 -36.10
CA VAL A 822 -24.98 -29.59 -37.23
C VAL A 822 -25.04 -28.22 -37.88
N ALA A 823 -25.40 -28.20 -39.16
CA ALA A 823 -25.34 -26.99 -39.99
C ALA A 823 -25.98 -25.80 -39.29
N LEU A 824 -25.36 -24.63 -39.50
CA LEU A 824 -25.75 -23.42 -38.77
C LEU A 824 -27.23 -23.11 -38.96
N GLU A 825 -27.73 -23.29 -40.17
CA GLU A 825 -29.09 -22.90 -40.51
C GLU A 825 -30.15 -23.89 -40.04
N ARG A 826 -29.84 -24.73 -39.06
CA ARG A 826 -30.86 -25.64 -38.54
C ARG A 826 -30.86 -25.73 -37.02
N CYS A 827 -30.26 -24.74 -36.31
CA CYS A 827 -30.55 -24.89 -34.90
C CYS A 827 -31.80 -24.10 -34.55
N PRO A 828 -32.70 -24.68 -33.75
CA PRO A 828 -33.94 -23.99 -33.38
C PRO A 828 -33.69 -22.66 -32.70
N CYS A 829 -34.68 -21.78 -32.82
CA CYS A 829 -34.79 -20.55 -32.04
C CYS A 829 -35.74 -20.79 -30.88
N PHE A 830 -35.34 -20.37 -29.70
CA PHE A 830 -35.97 -20.81 -28.46
C PHE A 830 -36.96 -19.75 -27.96
N HIS A 831 -38.23 -20.11 -27.90
CA HIS A 831 -39.15 -19.40 -27.02
C HIS A 831 -39.15 -20.13 -25.69
N GLN A 832 -40.17 -19.94 -24.86
CA GLN A 832 -40.07 -20.31 -23.46
C GLN A 832 -39.76 -21.78 -23.26
N GLY A 833 -38.50 -22.07 -22.93
CA GLY A 833 -38.08 -23.37 -22.50
C GLY A 833 -37.94 -24.46 -23.55
N LYS A 834 -38.70 -24.39 -24.63
CA LYS A 834 -38.86 -25.56 -25.50
C LYS A 834 -38.20 -25.34 -26.87
N GLU A 835 -38.05 -26.45 -27.59
CA GLU A 835 -37.48 -26.46 -28.92
C GLU A 835 -38.48 -25.88 -29.92
N TYR A 836 -37.98 -25.43 -31.06
CA TYR A 836 -38.84 -24.92 -32.13
C TYR A 836 -38.14 -25.10 -33.47
N ALA A 837 -38.61 -26.05 -34.26
CA ALA A 837 -38.01 -26.31 -35.56
C ALA A 837 -38.14 -25.08 -36.47
N PRO A 838 -37.16 -24.84 -37.34
CA PRO A 838 -37.23 -23.66 -38.21
C PRO A 838 -38.47 -23.70 -39.10
N GLY A 839 -39.03 -22.52 -39.37
CA GLY A 839 -40.22 -22.38 -40.18
C GLY A 839 -41.52 -22.51 -39.41
N GLU A 840 -41.49 -23.04 -38.18
CA GLU A 840 -42.69 -23.14 -37.37
C GLU A 840 -43.06 -21.78 -36.81
N THR A 841 -44.35 -21.61 -36.55
CA THR A 841 -44.91 -20.35 -36.11
C THR A 841 -45.36 -20.44 -34.65
N VAL A 842 -45.68 -19.28 -34.09
CA VAL A 842 -46.30 -19.19 -32.77
C VAL A 842 -47.10 -17.90 -32.72
N LYS A 843 -48.26 -17.94 -32.07
CA LYS A 843 -49.09 -16.75 -31.93
C LYS A 843 -49.12 -16.31 -30.47
N ILE A 844 -48.96 -15.02 -30.25
CA ILE A 844 -48.97 -14.46 -28.91
C ILE A 844 -50.15 -13.51 -28.76
N GLY A 845 -51.28 -14.05 -28.33
CA GLY A 845 -52.44 -13.25 -28.03
C GLY A 845 -53.09 -12.62 -29.25
N CYS A 846 -52.29 -11.85 -29.98
CA CYS A 846 -52.79 -10.94 -30.99
C CYS A 846 -51.97 -10.97 -32.28
N ASN A 847 -50.74 -11.45 -32.24
CA ASN A 847 -49.80 -11.43 -33.36
C ASN A 847 -49.18 -12.80 -33.51
N THR A 848 -48.67 -13.09 -34.71
CA THR A 848 -47.98 -14.34 -34.97
C THR A 848 -46.53 -14.10 -35.34
N CYS A 849 -45.66 -15.00 -34.88
CA CYS A 849 -44.22 -14.88 -35.05
C CYS A 849 -43.66 -16.19 -35.58
N VAL A 850 -42.67 -16.10 -36.47
CA VAL A 850 -42.11 -17.27 -37.13
C VAL A 850 -40.59 -17.17 -37.10
N CYS A 851 -39.92 -18.31 -37.23
CA CYS A 851 -38.47 -18.39 -37.06
C CYS A 851 -37.78 -18.21 -38.40
N ARG A 852 -36.83 -17.28 -38.45
CA ARG A 852 -36.07 -16.98 -39.67
C ARG A 852 -34.63 -16.68 -39.23
N ASP A 853 -33.72 -17.62 -39.47
CA ASP A 853 -32.29 -17.39 -39.21
C ASP A 853 -32.03 -17.12 -37.72
N ARG A 854 -32.48 -18.04 -36.88
CA ARG A 854 -32.28 -18.02 -35.43
C ARG A 854 -32.82 -16.78 -34.74
N LYS A 855 -33.60 -15.96 -35.45
CA LYS A 855 -34.20 -14.77 -34.86
C LYS A 855 -35.66 -14.70 -35.28
N TRP A 856 -36.51 -14.26 -34.36
CA TRP A 856 -37.94 -14.20 -34.60
C TRP A 856 -38.25 -12.95 -35.41
N ASN A 857 -38.88 -13.13 -36.56
CA ASN A 857 -39.41 -12.04 -37.36
C ASN A 857 -40.93 -12.07 -37.26
N CYS A 858 -41.54 -10.98 -36.83
CA CYS A 858 -42.98 -10.97 -36.78
C CYS A 858 -43.53 -9.54 -36.71
N THR A 859 -44.82 -9.44 -37.02
CA THR A 859 -45.50 -8.21 -37.36
C THR A 859 -46.03 -7.50 -36.12
N ASP A 860 -46.27 -6.21 -36.27
CA ASP A 860 -46.79 -5.39 -35.20
C ASP A 860 -48.22 -4.97 -35.48
N HIS A 861 -49.03 -5.01 -34.43
CA HIS A 861 -50.44 -4.66 -34.50
C HIS A 861 -50.84 -4.20 -33.11
N VAL A 862 -50.88 -2.89 -32.91
CA VAL A 862 -51.38 -2.38 -31.64
C VAL A 862 -52.84 -2.77 -31.54
N CYS A 863 -53.16 -3.59 -30.55
CA CYS A 863 -54.53 -4.03 -30.34
C CYS A 863 -54.96 -3.75 -28.90
N ASP A 864 -56.21 -4.08 -28.62
CA ASP A 864 -56.95 -3.48 -27.52
C ASP A 864 -56.35 -3.80 -26.16
N ALA A 865 -56.71 -3.00 -25.16
CA ALA A 865 -56.17 -3.10 -23.82
C ALA A 865 -57.32 -3.18 -22.83
N THR A 866 -56.99 -3.37 -21.55
CA THR A 866 -58.01 -3.53 -20.52
C THR A 866 -57.51 -2.96 -19.20
N CYS A 867 -58.27 -2.04 -18.63
CA CYS A 867 -58.01 -1.50 -17.32
C CYS A 867 -59.06 -2.04 -16.38
N SER A 868 -58.64 -2.61 -15.26
CA SER A 868 -59.57 -3.33 -14.42
C SER A 868 -59.24 -3.08 -12.95
N THR A 869 -60.20 -3.40 -12.10
CA THR A 869 -60.03 -3.33 -10.66
C THR A 869 -59.77 -4.73 -10.14
N ILE A 870 -58.51 -5.03 -9.83
CA ILE A 870 -58.18 -6.37 -9.33
C ILE A 870 -58.59 -6.40 -7.86
N GLY A 871 -59.74 -6.96 -7.58
CA GLY A 871 -60.21 -7.04 -6.21
C GLY A 871 -60.95 -5.79 -5.84
N MET A 872 -60.61 -5.23 -4.68
CA MET A 872 -61.37 -4.10 -4.16
C MET A 872 -60.51 -3.07 -3.45
N ALA A 873 -59.20 -3.08 -3.66
CA ALA A 873 -58.39 -1.90 -3.38
C ALA A 873 -57.33 -1.63 -4.45
N HIS A 874 -57.18 -2.51 -5.43
CA HIS A 874 -56.04 -2.45 -6.33
C HIS A 874 -56.54 -2.15 -7.74
N TYR A 875 -55.72 -1.43 -8.50
CA TYR A 875 -56.03 -1.09 -9.88
C TYR A 875 -54.93 -1.62 -10.78
N LEU A 876 -55.23 -1.63 -12.07
CA LEU A 876 -54.36 -2.19 -13.10
C LEU A 876 -54.45 -1.29 -14.32
N THR A 877 -53.42 -0.52 -14.62
CA THR A 877 -53.57 0.48 -15.66
C THR A 877 -53.69 -0.20 -17.01
N PHE A 878 -53.73 0.60 -18.06
CA PHE A 878 -53.90 0.02 -19.39
C PHE A 878 -52.65 -0.71 -19.87
N ASP A 879 -51.48 -0.29 -19.42
CA ASP A 879 -50.21 -0.91 -19.78
C ASP A 879 -49.72 -1.89 -18.74
N GLY A 880 -50.55 -2.26 -17.79
CA GLY A 880 -50.16 -3.27 -16.85
C GLY A 880 -49.26 -2.76 -15.76
N LEU A 881 -49.74 -1.81 -14.99
CA LEU A 881 -49.12 -1.44 -13.74
C LEU A 881 -50.11 -1.70 -12.63
N LYS A 882 -49.63 -2.21 -11.52
CA LYS A 882 -50.45 -2.49 -10.35
C LYS A 882 -50.13 -1.47 -9.27
N TYR A 883 -51.16 -0.89 -8.68
CA TYR A 883 -50.95 -0.01 -7.54
C TYR A 883 -52.08 -0.18 -6.54
N LEU A 884 -51.81 0.25 -5.33
CA LEU A 884 -52.76 0.20 -4.23
C LEU A 884 -53.27 1.60 -3.95
N PHE A 885 -54.59 1.75 -3.90
CA PHE A 885 -55.11 3.05 -3.51
C PHE A 885 -56.52 2.89 -2.99
N PRO A 886 -56.70 2.89 -1.68
CA PRO A 886 -58.06 2.83 -1.12
C PRO A 886 -58.67 4.19 -0.84
N GLY A 887 -59.76 4.54 -1.52
CA GLY A 887 -60.44 5.79 -1.27
C GLY A 887 -61.92 5.58 -1.09
N GLU A 888 -62.67 6.64 -0.78
CA GLU A 888 -64.07 6.47 -0.45
C GLU A 888 -65.04 7.39 -1.17
N CYS A 889 -64.58 8.29 -2.01
CA CYS A 889 -65.48 9.14 -2.77
C CYS A 889 -65.34 8.91 -4.27
N GLN A 890 -65.97 9.77 -5.08
CA GLN A 890 -66.00 9.61 -6.52
C GLN A 890 -64.70 10.05 -7.17
N TYR A 891 -64.20 9.20 -8.07
CA TYR A 891 -62.94 9.42 -8.74
C TYR A 891 -63.18 9.25 -10.23
N VAL A 892 -62.11 9.22 -11.02
CA VAL A 892 -62.19 9.17 -12.46
C VAL A 892 -61.46 7.93 -12.95
N LEU A 893 -62.19 6.97 -13.52
CA LEU A 893 -61.57 5.77 -14.08
C LEU A 893 -60.85 6.08 -15.36
N VAL A 894 -61.58 6.57 -16.36
CA VAL A 894 -60.98 6.90 -17.63
C VAL A 894 -61.91 7.86 -18.34
N GLN A 895 -61.33 8.91 -18.92
CA GLN A 895 -62.06 9.87 -19.72
C GLN A 895 -61.16 10.35 -20.82
N ASP A 896 -61.70 11.21 -21.67
CA ASP A 896 -60.83 11.83 -22.67
C ASP A 896 -61.00 13.34 -22.77
N TYR A 897 -61.58 13.97 -21.75
CA TYR A 897 -61.63 15.43 -21.65
C TYR A 897 -60.37 15.98 -21.01
N CYS A 898 -59.21 15.60 -21.51
CA CYS A 898 -57.98 16.20 -20.98
C CYS A 898 -56.99 16.67 -22.02
N GLY A 899 -56.99 16.11 -23.23
CA GLY A 899 -56.05 16.52 -24.23
C GLY A 899 -56.53 17.75 -24.99
N SER A 900 -55.78 18.06 -26.04
CA SER A 900 -56.15 19.16 -26.94
C SER A 900 -57.11 18.66 -28.01
N ASN A 901 -58.22 18.10 -27.56
CA ASN A 901 -59.25 17.62 -28.47
C ASN A 901 -60.56 17.58 -27.71
N PRO A 902 -61.70 17.69 -28.39
CA PRO A 902 -62.99 17.66 -27.69
C PRO A 902 -63.28 16.25 -27.17
N GLY A 903 -63.62 16.15 -25.90
CA GLY A 903 -63.85 14.88 -25.29
C GLY A 903 -65.13 14.22 -25.77
N THR A 904 -65.22 12.91 -25.52
CA THR A 904 -66.41 12.15 -25.84
C THR A 904 -67.05 11.51 -24.62
N PHE A 905 -66.34 10.65 -23.90
CA PHE A 905 -66.93 9.85 -22.85
C PHE A 905 -66.26 10.18 -21.52
N ARG A 906 -66.72 9.50 -20.48
CA ARG A 906 -66.25 9.76 -19.13
C ARG A 906 -66.88 8.73 -18.19
N ILE A 907 -66.09 7.96 -17.46
CA ILE A 907 -66.61 6.92 -16.57
C ILE A 907 -66.13 7.18 -15.16
N LEU A 908 -67.05 7.25 -14.21
CA LEU A 908 -66.77 7.69 -12.85
C LEU A 908 -67.08 6.55 -11.89
N VAL A 909 -66.19 6.28 -10.97
CA VAL A 909 -66.27 5.01 -10.25
C VAL A 909 -66.38 5.24 -8.74
N GLY A 910 -67.13 6.24 -8.34
CA GLY A 910 -67.35 6.49 -6.94
C GLY A 910 -67.88 5.33 -6.11
N ASN A 911 -67.11 4.94 -5.10
CA ASN A 911 -67.43 3.79 -4.27
C ASN A 911 -67.85 4.22 -2.88
N LYS A 912 -68.67 3.40 -2.24
CA LYS A 912 -69.29 3.74 -0.98
C LYS A 912 -68.67 2.91 0.14
N GLY A 913 -68.07 3.57 1.11
CA GLY A 913 -67.58 2.91 2.31
C GLY A 913 -66.61 1.79 2.07
N CYS A 914 -65.69 1.99 1.12
CA CYS A 914 -64.69 0.98 0.78
C CYS A 914 -63.28 1.49 1.06
N SER A 915 -63.16 2.47 1.96
CA SER A 915 -61.86 2.89 2.44
C SER A 915 -61.20 1.81 3.28
N HIS A 916 -61.98 0.82 3.70
CA HIS A 916 -61.53 -0.38 4.35
C HIS A 916 -62.23 -1.57 3.70
N PRO A 917 -61.52 -2.62 3.38
CA PRO A 917 -62.08 -3.69 2.53
C PRO A 917 -63.07 -4.61 3.21
N SER A 918 -63.72 -4.18 4.29
CA SER A 918 -64.73 -5.01 4.95
C SER A 918 -65.80 -5.49 3.96
N VAL A 919 -66.64 -6.40 4.45
CA VAL A 919 -67.75 -6.94 3.66
C VAL A 919 -68.81 -5.89 3.33
N LYS A 920 -68.89 -4.81 4.10
CA LYS A 920 -69.96 -3.84 3.78
C LYS A 920 -69.70 -3.07 2.47
N CYS A 921 -68.62 -3.35 1.73
CA CYS A 921 -68.24 -2.55 0.59
C CYS A 921 -69.28 -2.63 -0.51
N LYS A 922 -69.57 -1.49 -1.13
CA LYS A 922 -70.43 -1.39 -2.30
C LYS A 922 -69.82 -0.36 -3.24
N LYS A 923 -69.99 -0.57 -4.54
CA LYS A 923 -69.43 0.31 -5.54
C LYS A 923 -70.51 0.72 -6.52
N ARG A 924 -70.34 1.89 -7.12
N ARG A 924 -70.32 1.88 -7.14
CA ARG A 924 -71.25 2.44 -8.10
CA ARG A 924 -71.27 2.41 -8.11
C ARG A 924 -70.46 3.01 -9.26
C ARG A 924 -70.51 3.06 -9.25
N VAL A 925 -70.98 2.83 -10.48
CA VAL A 925 -70.32 3.35 -11.68
C VAL A 925 -71.32 4.13 -12.51
N THR A 926 -70.94 5.35 -12.90
CA THR A 926 -71.76 6.20 -13.75
C THR A 926 -71.04 6.50 -15.04
N ILE A 927 -71.73 6.34 -16.17
CA ILE A 927 -71.14 6.46 -17.50
C ILE A 927 -71.85 7.60 -18.22
N LEU A 928 -71.07 8.55 -18.76
CA LEU A 928 -71.62 9.75 -19.41
C LEU A 928 -71.10 9.79 -20.85
N VAL A 929 -71.80 9.12 -21.76
CA VAL A 929 -71.27 8.97 -23.11
C VAL A 929 -71.60 10.18 -23.97
N GLU A 930 -72.87 10.36 -24.34
CA GLU A 930 -73.27 11.53 -25.11
C GLU A 930 -74.19 12.44 -24.31
N GLY A 931 -75.29 11.92 -23.77
CA GLY A 931 -76.19 12.73 -22.99
C GLY A 931 -76.92 11.91 -21.94
N GLY A 932 -76.34 10.80 -21.49
CA GLY A 932 -77.03 9.93 -20.57
C GLY A 932 -76.14 9.44 -19.45
N GLU A 933 -76.77 8.77 -18.50
CA GLU A 933 -76.09 8.05 -17.43
C GLU A 933 -76.57 6.60 -17.45
N ILE A 934 -75.80 5.71 -16.84
CA ILE A 934 -76.18 4.30 -16.79
C ILE A 934 -76.27 3.74 -15.37
N GLU A 935 -75.54 4.27 -14.39
CA GLU A 935 -75.76 3.87 -13.00
C GLU A 935 -75.72 2.36 -12.76
N LEU A 936 -74.54 1.75 -12.83
CA LEU A 936 -74.39 0.35 -12.46
C LEU A 936 -74.35 0.26 -10.94
N PHE A 937 -75.49 -0.07 -10.34
CA PHE A 937 -75.57 -0.20 -8.88
C PHE A 937 -76.53 -1.31 -8.52
N ASP A 938 -76.08 -2.24 -7.69
CA ASP A 938 -76.90 -3.34 -7.20
C ASP A 938 -77.32 -4.28 -8.32
N GLY A 939 -78.54 -4.13 -8.80
CA GLY A 939 -79.10 -5.11 -9.70
C GLY A 939 -78.64 -5.03 -11.14
N GLU A 940 -79.01 -3.96 -11.84
CA GLU A 940 -78.88 -3.92 -13.28
C GLU A 940 -78.55 -2.49 -13.71
N VAL A 941 -78.73 -2.22 -14.99
CA VAL A 941 -78.45 -0.93 -15.57
C VAL A 941 -79.66 -0.04 -15.45
N ASN A 942 -79.41 1.27 -15.53
CA ASN A 942 -80.44 2.27 -15.71
C ASN A 942 -80.16 3.00 -17.01
N VAL A 943 -81.13 3.79 -17.45
CA VAL A 943 -80.96 4.55 -18.68
C VAL A 943 -81.33 6.00 -18.44
N LYS A 944 -81.06 6.52 -17.24
CA LYS A 944 -81.74 7.69 -16.72
C LYS A 944 -81.83 8.86 -17.71
N ARG A 945 -81.01 8.88 -18.76
CA ARG A 945 -81.15 9.90 -19.80
C ARG A 945 -80.86 9.25 -21.14
N PRO A 946 -81.90 8.94 -21.91
CA PRO A 946 -81.69 8.24 -23.18
C PRO A 946 -80.61 8.89 -24.04
N MET A 947 -79.80 8.07 -24.65
CA MET A 947 -78.81 8.55 -25.61
C MET A 947 -79.44 8.60 -27.00
N LYS A 948 -79.13 9.67 -27.74
CA LYS A 948 -79.66 9.87 -29.07
C LYS A 948 -79.03 8.92 -30.09
N ASP A 949 -78.06 8.11 -29.69
CA ASP A 949 -77.36 7.22 -30.61
C ASP A 949 -77.44 5.77 -30.14
N GLU A 950 -78.64 5.31 -29.79
CA GLU A 950 -78.87 3.92 -29.42
C GLU A 950 -78.63 2.97 -30.58
N THR A 951 -78.19 3.47 -31.73
CA THR A 951 -77.88 2.61 -32.88
C THR A 951 -76.81 1.59 -32.58
N HIS A 952 -75.95 1.82 -31.59
CA HIS A 952 -75.03 0.81 -31.11
C HIS A 952 -75.07 0.69 -29.59
N PHE A 953 -76.27 0.57 -29.02
CA PHE A 953 -76.43 0.41 -27.58
C PHE A 953 -77.03 -0.96 -27.32
N GLU A 954 -76.25 -1.82 -26.66
CA GLU A 954 -76.67 -3.16 -26.30
C GLU A 954 -76.42 -3.40 -24.82
N VAL A 955 -77.18 -4.33 -24.25
CA VAL A 955 -76.91 -4.88 -22.94
C VAL A 955 -77.13 -6.38 -23.01
N VAL A 956 -76.18 -7.15 -22.50
CA VAL A 956 -76.20 -8.60 -22.60
C VAL A 956 -75.99 -9.18 -21.21
N GLU A 957 -76.79 -10.20 -20.87
CA GLU A 957 -76.68 -10.92 -19.60
C GLU A 957 -76.29 -12.36 -19.91
N SER A 958 -75.01 -12.66 -19.86
CA SER A 958 -74.49 -14.00 -20.14
C SER A 958 -73.68 -14.49 -18.95
N GLY A 959 -73.85 -15.75 -18.60
CA GLY A 959 -73.10 -16.28 -17.49
C GLY A 959 -73.44 -15.55 -16.22
N ARG A 960 -72.43 -15.16 -15.47
CA ARG A 960 -72.62 -14.36 -14.27
C ARG A 960 -72.18 -12.91 -14.46
N TYR A 961 -72.03 -12.47 -15.70
CA TYR A 961 -71.51 -11.16 -16.04
C TYR A 961 -72.58 -10.39 -16.82
N ILE A 962 -72.33 -9.10 -17.00
CA ILE A 962 -73.15 -8.22 -17.83
C ILE A 962 -72.23 -7.43 -18.75
N ILE A 963 -72.56 -7.40 -20.03
CA ILE A 963 -71.69 -6.80 -21.05
C ILE A 963 -72.41 -5.61 -21.66
N LEU A 964 -71.74 -4.45 -21.67
CA LEU A 964 -72.27 -3.22 -22.23
C LEU A 964 -71.42 -2.84 -23.44
N LEU A 965 -72.07 -2.47 -24.53
CA LEU A 965 -71.38 -1.98 -25.71
C LEU A 965 -71.82 -0.55 -25.96
N LEU A 966 -70.85 0.37 -25.99
CA LEU A 966 -71.15 1.79 -25.97
C LEU A 966 -70.62 2.54 -27.18
N GLY A 967 -70.16 1.83 -28.20
CA GLY A 967 -69.63 2.50 -29.37
C GLY A 967 -68.77 1.55 -30.17
N LYS A 968 -68.10 2.11 -31.18
CA LYS A 968 -67.27 1.29 -32.06
C LYS A 968 -66.18 0.56 -31.27
N ALA A 969 -65.58 1.22 -30.29
CA ALA A 969 -64.44 0.68 -29.57
C ALA A 969 -64.70 0.45 -28.10
N LEU A 970 -65.56 1.24 -27.48
CA LEU A 970 -65.68 1.25 -26.03
C LEU A 970 -66.58 0.11 -25.55
N SER A 971 -66.13 -0.61 -24.52
CA SER A 971 -66.89 -1.70 -23.92
C SER A 971 -66.67 -1.65 -22.41
N VAL A 972 -67.62 -2.21 -21.66
CA VAL A 972 -67.49 -2.35 -20.21
C VAL A 972 -68.01 -3.70 -19.81
N VAL A 973 -67.24 -4.42 -18.97
CA VAL A 973 -67.61 -5.76 -18.51
C VAL A 973 -67.73 -5.73 -16.99
N TRP A 974 -68.87 -6.18 -16.47
CA TRP A 974 -69.22 -6.03 -15.06
C TRP A 974 -69.55 -7.37 -14.43
N ASP A 975 -69.01 -7.60 -13.24
CA ASP A 975 -69.17 -8.86 -12.51
C ASP A 975 -70.52 -8.93 -11.82
N ARG A 976 -71.12 -7.78 -11.53
CA ARG A 976 -72.25 -7.52 -10.65
C ARG A 976 -71.86 -7.38 -9.18
N HIS A 977 -70.60 -7.56 -8.78
CA HIS A 977 -70.25 -7.26 -7.40
C HIS A 977 -69.16 -6.18 -7.28
N LEU A 978 -67.93 -6.45 -7.67
CA LEU A 978 -66.88 -5.46 -7.42
C LEU A 978 -65.81 -5.32 -8.49
N SER A 979 -65.85 -6.07 -9.59
CA SER A 979 -64.80 -5.99 -10.57
C SER A 979 -65.35 -5.35 -11.84
N ILE A 980 -64.70 -4.27 -12.28
CA ILE A 980 -65.11 -3.52 -13.45
C ILE A 980 -63.94 -3.49 -14.40
N SER A 981 -64.20 -3.79 -15.68
CA SER A 981 -63.16 -3.82 -16.70
C SER A 981 -63.63 -2.99 -17.89
N VAL A 982 -62.67 -2.43 -18.61
CA VAL A 982 -62.95 -1.57 -19.75
C VAL A 982 -62.00 -1.90 -20.90
N VAL A 983 -62.53 -1.95 -22.12
CA VAL A 983 -61.77 -2.32 -23.29
C VAL A 983 -61.84 -1.19 -24.31
N LEU A 984 -60.68 -0.81 -24.86
CA LEU A 984 -60.60 0.18 -25.92
C LEU A 984 -59.77 -0.36 -27.06
N LYS A 985 -60.25 -0.18 -28.29
CA LYS A 985 -59.50 -0.63 -29.45
C LYS A 985 -58.49 0.45 -29.84
N GLN A 986 -57.75 0.22 -30.92
CA GLN A 986 -56.53 0.97 -31.16
C GLN A 986 -56.76 2.43 -31.47
N THR A 987 -58.00 2.84 -31.73
CA THR A 987 -58.27 4.23 -32.05
C THR A 987 -57.91 5.17 -30.91
N TYR A 988 -58.27 4.81 -29.68
CA TYR A 988 -58.02 5.71 -28.56
C TYR A 988 -56.60 5.60 -28.05
N GLN A 989 -55.62 5.80 -28.92
CA GLN A 989 -54.22 5.64 -28.57
C GLN A 989 -53.65 6.99 -28.15
N GLU A 990 -53.06 7.05 -26.96
CA GLU A 990 -52.43 8.27 -26.43
C GLU A 990 -53.41 9.41 -26.21
N LYS A 991 -54.68 9.11 -25.96
CA LYS A 991 -55.71 10.14 -25.96
C LYS A 991 -56.59 10.17 -24.72
N VAL A 992 -56.30 9.38 -23.70
CA VAL A 992 -57.11 9.36 -22.48
C VAL A 992 -56.23 9.56 -21.26
N CYS A 993 -56.86 9.55 -20.09
CA CYS A 993 -56.20 9.86 -18.84
C CYS A 993 -57.10 9.40 -17.71
N GLY A 994 -56.55 9.31 -16.51
CA GLY A 994 -57.35 8.96 -15.37
C GLY A 994 -56.59 8.04 -14.47
N LEU A 995 -57.31 7.30 -13.63
CA LEU A 995 -56.66 6.30 -12.80
C LEU A 995 -56.25 5.08 -13.61
N CYS A 996 -56.31 5.15 -14.93
CA CYS A 996 -55.92 4.06 -15.82
C CYS A 996 -54.87 4.47 -16.83
N GLY A 997 -54.17 5.57 -16.63
CA GLY A 997 -53.05 5.89 -17.51
C GLY A 997 -53.51 6.32 -18.89
N ASN A 998 -52.54 6.59 -19.76
CA ASN A 998 -52.85 7.22 -21.03
C ASN A 998 -52.62 6.35 -22.25
N PHE A 999 -52.36 5.04 -22.08
CA PHE A 999 -52.46 4.08 -23.16
C PHE A 999 -51.60 4.46 -24.38
N ASP A 1000 -50.29 4.38 -24.19
CA ASP A 1000 -49.36 4.58 -25.30
C ASP A 1000 -48.26 3.54 -25.40
N GLY A 1001 -48.14 2.62 -24.45
CA GLY A 1001 -47.13 1.58 -24.53
C GLY A 1001 -45.90 1.80 -23.68
N ILE A 1002 -45.91 2.79 -22.79
CA ILE A 1002 -44.81 3.06 -21.87
C ILE A 1002 -45.36 3.00 -20.48
N GLN A 1003 -44.76 2.18 -19.63
CA GLN A 1003 -45.27 2.10 -18.27
C GLN A 1003 -44.81 3.28 -17.44
N ASN A 1004 -43.61 3.78 -17.69
CA ASN A 1004 -42.95 4.61 -16.70
C ASN A 1004 -43.72 5.89 -16.46
N ASN A 1005 -44.23 6.51 -17.52
CA ASN A 1005 -44.88 7.80 -17.37
C ASN A 1005 -46.37 7.68 -17.15
N ASP A 1006 -46.91 6.46 -17.10
CA ASP A 1006 -48.36 6.28 -16.93
C ASP A 1006 -48.73 6.28 -15.45
N LEU A 1007 -48.26 7.30 -14.73
CA LEU A 1007 -48.67 7.55 -13.36
C LEU A 1007 -48.76 9.05 -13.10
N THR A 1008 -49.13 9.83 -14.11
CA THR A 1008 -49.13 11.29 -14.01
C THR A 1008 -50.43 11.78 -13.39
N SER A 1009 -50.33 12.85 -12.61
CA SER A 1009 -51.48 13.42 -11.94
C SER A 1009 -52.22 14.36 -12.88
N SER A 1010 -53.32 14.91 -12.38
CA SER A 1010 -54.23 15.72 -13.19
C SER A 1010 -53.61 17.03 -13.64
N ASN A 1011 -52.59 17.50 -12.93
CA ASN A 1011 -51.91 18.76 -13.24
C ASN A 1011 -50.54 18.54 -13.88
N LEU A 1012 -50.42 17.50 -14.69
CA LEU A 1012 -49.28 17.33 -15.59
C LEU A 1012 -47.96 17.10 -14.84
N GLN A 1013 -47.99 16.56 -13.64
CA GLN A 1013 -46.79 16.24 -12.89
C GLN A 1013 -46.75 14.76 -12.57
N VAL A 1014 -45.57 14.15 -12.68
CA VAL A 1014 -45.40 12.73 -12.40
C VAL A 1014 -45.13 12.54 -10.91
N GLU A 1015 -46.06 11.90 -10.21
CA GLU A 1015 -45.92 11.66 -8.78
C GLU A 1015 -44.93 10.53 -8.53
N GLU A 1016 -44.85 10.11 -7.27
CA GLU A 1016 -43.99 9.00 -6.88
C GLU A 1016 -44.75 7.83 -6.29
N ASP A 1017 -45.58 8.07 -5.27
CA ASP A 1017 -46.33 6.94 -4.75
C ASP A 1017 -47.80 7.07 -5.12
N PRO A 1018 -48.52 5.96 -5.22
CA PRO A 1018 -49.87 6.02 -5.76
C PRO A 1018 -50.85 6.84 -4.94
N VAL A 1019 -50.60 7.03 -3.65
CA VAL A 1019 -51.62 7.63 -2.80
C VAL A 1019 -51.81 9.10 -3.12
N ASP A 1020 -50.72 9.85 -3.34
CA ASP A 1020 -50.84 11.26 -3.70
C ASP A 1020 -51.13 11.46 -5.18
N PHE A 1021 -50.92 10.43 -6.00
CA PHE A 1021 -51.34 10.45 -7.39
C PHE A 1021 -52.84 10.46 -7.49
N GLY A 1022 -53.50 9.61 -6.71
CA GLY A 1022 -54.92 9.38 -6.91
C GLY A 1022 -55.82 10.40 -6.29
N ASN A 1023 -55.32 11.23 -5.39
CA ASN A 1023 -56.12 12.31 -4.86
C ASN A 1023 -56.44 13.35 -5.92
N SER A 1024 -55.68 13.42 -6.99
CA SER A 1024 -55.84 14.48 -7.97
C SER A 1024 -56.99 14.24 -8.93
N TRP A 1025 -57.52 13.02 -9.00
CA TRP A 1025 -58.63 12.70 -9.89
C TRP A 1025 -59.95 12.65 -9.16
N LYS A 1026 -59.99 13.20 -7.97
CA LYS A 1026 -61.19 13.24 -7.17
C LYS A 1026 -62.13 14.32 -7.68
N VAL A 1027 -63.40 13.98 -7.82
CA VAL A 1027 -64.36 14.88 -8.43
C VAL A 1027 -64.72 16.01 -7.48
N SER A 1028 -65.27 15.68 -6.33
CA SER A 1028 -65.66 16.68 -5.36
C SER A 1028 -64.49 17.04 -4.46
N SER A 1029 -64.35 18.33 -4.18
CA SER A 1029 -63.20 18.84 -3.44
C SER A 1029 -63.42 18.85 -1.94
N GLN A 1030 -64.27 17.97 -1.43
CA GLN A 1030 -64.59 17.91 -0.01
C GLN A 1030 -64.64 16.45 0.45
N CYS A 1031 -63.56 15.71 0.18
CA CYS A 1031 -63.59 14.27 0.41
C CYS A 1031 -62.71 13.81 1.54
N ALA A 1032 -61.81 14.66 2.04
CA ALA A 1032 -60.82 14.19 2.99
C ALA A 1032 -59.95 13.12 2.36
N ASP A 1033 -59.08 13.53 1.45
CA ASP A 1033 -58.13 12.63 0.81
C ASP A 1033 -57.52 11.63 1.79
N THR A 1034 -57.40 10.38 1.33
CA THR A 1034 -56.80 9.33 2.14
C THR A 1034 -55.34 9.65 2.44
N ARG A 1035 -54.87 9.32 3.64
CA ARG A 1035 -53.59 9.88 4.06
C ARG A 1035 -52.40 9.12 3.52
N LYS A 1036 -52.05 8.00 4.17
CA LYS A 1036 -51.12 6.99 3.67
C LYS A 1036 -50.96 5.91 4.74
N VAL A 1037 -50.89 4.66 4.33
CA VAL A 1037 -50.64 3.59 5.29
C VAL A 1037 -49.13 3.38 5.36
N PRO A 1038 -48.49 3.67 6.48
CA PRO A 1038 -47.02 3.63 6.51
C PRO A 1038 -46.46 2.23 6.57
N LEU A 1039 -47.22 1.27 7.10
CA LEU A 1039 -46.66 -0.03 7.39
C LEU A 1039 -46.41 -0.82 6.11
N ASP A 1040 -45.80 -1.99 6.29
CA ASP A 1040 -45.52 -2.92 5.22
C ASP A 1040 -46.66 -3.93 5.08
N SER A 1041 -46.40 -5.01 4.35
CA SER A 1041 -47.40 -6.04 4.08
C SER A 1041 -47.90 -6.68 5.37
N SER A 1042 -48.93 -7.52 5.23
CA SER A 1042 -49.70 -8.09 6.33
C SER A 1042 -50.30 -6.97 7.15
N PRO A 1043 -51.34 -6.28 6.63
CA PRO A 1043 -51.90 -5.12 7.34
C PRO A 1043 -52.24 -5.38 8.80
N ALA A 1044 -52.47 -4.31 9.56
CA ALA A 1044 -52.50 -4.41 11.02
C ALA A 1044 -53.52 -5.42 11.52
N THR A 1045 -54.55 -5.69 10.72
CA THR A 1045 -55.50 -6.75 11.07
C THR A 1045 -54.82 -8.11 11.10
N CYS A 1046 -53.64 -8.23 10.49
CA CYS A 1046 -52.76 -9.37 10.61
C CYS A 1046 -51.49 -8.99 11.38
N HIS A 1047 -50.54 -9.91 11.39
CA HIS A 1047 -49.19 -9.89 11.98
C HIS A 1047 -49.24 -9.81 13.50
N ASN A 1048 -50.42 -9.63 14.09
CA ASN A 1048 -50.58 -9.73 15.53
C ASN A 1048 -51.05 -11.11 15.94
N ASN A 1049 -51.27 -12.00 14.97
CA ASN A 1049 -51.68 -13.37 15.22
C ASN A 1049 -50.61 -14.35 14.76
N ILE A 1050 -50.18 -14.24 13.50
CA ILE A 1050 -49.34 -15.21 12.81
C ILE A 1050 -49.80 -16.60 13.21
N MET A 1051 -51.11 -16.75 13.28
CA MET A 1051 -51.84 -18.00 13.40
C MET A 1051 -52.91 -17.80 12.35
N LYS A 1052 -53.20 -16.53 12.09
CA LYS A 1052 -54.03 -16.09 11.00
C LYS A 1052 -53.23 -15.67 9.79
N GLN A 1053 -52.02 -15.16 9.96
CA GLN A 1053 -51.19 -14.85 8.81
C GLN A 1053 -50.67 -16.08 8.11
N THR A 1054 -50.47 -17.19 8.82
CA THR A 1054 -49.97 -18.41 8.23
C THR A 1054 -51.09 -19.34 7.77
N MET A 1055 -52.34 -19.01 8.07
CA MET A 1055 -53.42 -19.68 7.36
C MET A 1055 -53.79 -18.99 6.08
N VAL A 1056 -53.69 -17.66 6.01
CA VAL A 1056 -54.12 -17.00 4.80
C VAL A 1056 -53.18 -17.30 3.64
N ASP A 1057 -51.86 -17.35 3.89
CA ASP A 1057 -50.94 -17.58 2.78
C ASP A 1057 -51.14 -18.97 2.20
N SER A 1058 -51.36 -19.97 3.05
CA SER A 1058 -51.56 -21.32 2.54
C SER A 1058 -52.96 -21.49 1.97
N SER A 1059 -53.95 -20.79 2.51
CA SER A 1059 -55.32 -20.96 2.04
C SER A 1059 -55.43 -20.54 0.58
N CYS A 1060 -54.83 -19.41 0.24
CA CYS A 1060 -54.78 -18.97 -1.15
C CYS A 1060 -53.36 -19.02 -1.68
N ARG A 1061 -52.72 -20.16 -1.48
CA ARG A 1061 -51.62 -20.61 -2.31
C ARG A 1061 -52.09 -21.58 -3.37
N ILE A 1062 -53.40 -21.76 -3.53
CA ILE A 1062 -53.93 -22.67 -4.54
C ILE A 1062 -53.78 -22.04 -5.91
N LEU A 1063 -53.29 -20.81 -5.94
CA LEU A 1063 -52.95 -20.17 -7.20
C LEU A 1063 -51.75 -20.83 -7.86
N THR A 1064 -51.08 -21.74 -7.17
CA THR A 1064 -49.94 -22.44 -7.74
C THR A 1064 -50.04 -23.95 -7.52
N SER A 1065 -51.23 -24.46 -7.19
CA SER A 1065 -51.29 -25.79 -6.56
C SER A 1065 -51.24 -26.91 -7.59
N ASP A 1066 -52.34 -27.12 -8.31
CA ASP A 1066 -52.36 -28.20 -9.28
C ASP A 1066 -53.09 -27.88 -10.58
N VAL A 1067 -54.02 -26.94 -10.58
CA VAL A 1067 -54.84 -26.68 -11.74
C VAL A 1067 -54.22 -25.52 -12.50
N PHE A 1068 -53.51 -24.67 -11.78
CA PHE A 1068 -52.92 -23.46 -12.33
C PHE A 1068 -51.48 -23.62 -12.75
N GLN A 1069 -50.93 -24.83 -12.68
CA GLN A 1069 -49.55 -25.00 -13.09
C GLN A 1069 -49.34 -24.79 -14.57
N ASP A 1070 -50.39 -24.94 -15.39
CA ASP A 1070 -50.26 -24.60 -16.79
C ASP A 1070 -50.40 -23.10 -17.03
N CYS A 1071 -51.22 -22.42 -16.23
CA CYS A 1071 -51.29 -20.97 -16.33
C CYS A 1071 -49.96 -20.34 -15.97
N ASN A 1072 -49.30 -20.87 -14.93
CA ASN A 1072 -48.14 -20.19 -14.37
C ASN A 1072 -47.02 -20.00 -15.37
N LYS A 1073 -47.00 -20.80 -16.44
CA LYS A 1073 -46.02 -20.58 -17.51
C LYS A 1073 -46.31 -19.30 -18.26
N LEU A 1074 -47.58 -18.99 -18.50
CA LEU A 1074 -47.96 -17.89 -19.38
C LEU A 1074 -48.19 -16.58 -18.65
N VAL A 1075 -48.65 -16.60 -17.40
CA VAL A 1075 -48.88 -15.39 -16.62
C VAL A 1075 -48.50 -15.66 -15.17
N ASP A 1076 -47.73 -14.75 -14.58
CA ASP A 1076 -47.10 -15.06 -13.30
C ASP A 1076 -47.99 -14.64 -12.14
N PRO A 1077 -48.18 -15.48 -11.18
CA PRO A 1077 -49.05 -15.20 -10.03
C PRO A 1077 -48.36 -14.44 -8.89
N GLU A 1078 -47.49 -13.52 -9.25
CA GLU A 1078 -46.81 -12.69 -8.26
C GLU A 1078 -47.73 -11.57 -7.76
N PRO A 1079 -48.41 -10.83 -8.65
CA PRO A 1079 -49.26 -9.75 -8.14
C PRO A 1079 -50.58 -10.21 -7.55
N TYR A 1080 -51.22 -11.21 -8.16
CA TYR A 1080 -52.51 -11.67 -7.67
C TYR A 1080 -52.39 -12.33 -6.29
N LEU A 1081 -51.27 -12.97 -6.02
CA LEU A 1081 -51.03 -13.49 -4.69
C LEU A 1081 -51.01 -12.36 -3.68
N ASP A 1082 -50.34 -11.26 -4.00
CA ASP A 1082 -50.22 -10.12 -3.11
C ASP A 1082 -51.53 -9.37 -2.98
N VAL A 1083 -52.42 -9.48 -3.97
CA VAL A 1083 -53.79 -9.03 -3.77
C VAL A 1083 -54.48 -9.90 -2.75
N CYS A 1084 -54.31 -11.22 -2.86
CA CYS A 1084 -55.02 -12.13 -1.96
C CYS A 1084 -54.55 -12.01 -0.52
N ILE A 1085 -53.27 -11.77 -0.31
CA ILE A 1085 -52.78 -11.58 1.06
C ILE A 1085 -53.47 -10.36 1.68
N TYR A 1086 -53.58 -9.28 0.91
CA TYR A 1086 -54.41 -8.14 1.25
C TYR A 1086 -55.86 -8.57 1.10
N ASP A 1087 -56.78 -7.76 1.63
CA ASP A 1087 -58.23 -7.91 1.56
C ASP A 1087 -58.70 -9.30 1.92
N THR A 1088 -57.86 -10.07 2.57
CA THR A 1088 -58.25 -11.26 3.29
C THR A 1088 -57.82 -11.17 4.75
N CYS A 1089 -56.65 -10.58 4.99
CA CYS A 1089 -56.31 -10.11 6.32
C CYS A 1089 -57.30 -9.05 6.79
N SER A 1090 -57.68 -8.14 5.90
CA SER A 1090 -58.43 -6.94 6.28
C SER A 1090 -59.92 -7.10 6.06
N CYS A 1091 -60.48 -8.30 6.17
CA CYS A 1091 -61.85 -8.54 5.74
C CYS A 1091 -62.51 -9.57 6.66
N GLU A 1092 -63.09 -9.11 7.76
CA GLU A 1092 -63.65 -9.98 8.78
C GLU A 1092 -64.90 -10.65 8.21
N SER A 1093 -64.75 -11.81 7.60
CA SER A 1093 -65.85 -12.49 6.92
C SER A 1093 -66.55 -13.45 7.87
N ILE A 1094 -67.88 -13.34 7.93
CA ILE A 1094 -68.72 -14.13 8.82
C ILE A 1094 -69.92 -14.60 8.01
N GLY A 1095 -69.83 -15.79 7.42
CA GLY A 1095 -70.95 -16.34 6.69
C GLY A 1095 -71.09 -15.86 5.27
N ASP A 1096 -70.21 -14.98 4.82
CA ASP A 1096 -70.15 -14.55 3.43
C ASP A 1096 -68.71 -14.73 2.97
N CYS A 1097 -68.49 -15.68 2.07
CA CYS A 1097 -67.16 -16.02 1.63
C CYS A 1097 -66.75 -15.30 0.34
N ALA A 1098 -67.55 -14.34 -0.12
CA ALA A 1098 -67.26 -13.69 -1.39
C ALA A 1098 -65.98 -12.87 -1.39
N CYS A 1099 -65.45 -12.55 -0.21
CA CYS A 1099 -64.26 -11.73 -0.12
C CYS A 1099 -63.01 -12.46 -0.58
N PHE A 1100 -63.10 -13.78 -0.78
CA PHE A 1100 -61.98 -14.65 -1.11
C PHE A 1100 -62.15 -15.34 -2.45
N CYS A 1101 -63.36 -15.74 -2.82
CA CYS A 1101 -63.55 -16.45 -4.07
C CYS A 1101 -63.31 -15.55 -5.26
N ASP A 1102 -63.48 -14.23 -5.09
CA ASP A 1102 -63.46 -13.33 -6.23
C ASP A 1102 -62.05 -13.06 -6.74
N THR A 1103 -61.05 -13.07 -5.87
CA THR A 1103 -59.67 -12.96 -6.34
C THR A 1103 -59.27 -14.15 -7.20
N ILE A 1104 -59.59 -15.37 -6.75
CA ILE A 1104 -59.30 -16.53 -7.56
C ILE A 1104 -60.07 -16.48 -8.86
N ALA A 1105 -61.30 -15.98 -8.81
CA ALA A 1105 -62.07 -15.80 -10.04
C ALA A 1105 -61.38 -14.83 -10.99
N ALA A 1106 -60.77 -13.77 -10.46
CA ALA A 1106 -60.07 -12.83 -11.32
C ALA A 1106 -58.90 -13.48 -12.03
N TYR A 1107 -58.09 -14.23 -11.28
CA TYR A 1107 -56.92 -14.88 -11.89
C TYR A 1107 -57.35 -15.89 -12.94
N ALA A 1108 -58.42 -16.65 -12.65
CA ALA A 1108 -58.92 -17.61 -13.62
C ALA A 1108 -59.46 -16.91 -14.86
N HIS A 1109 -60.12 -15.76 -14.69
CA HIS A 1109 -60.60 -15.01 -15.83
C HIS A 1109 -59.45 -14.55 -16.72
N VAL A 1110 -58.35 -14.12 -16.10
CA VAL A 1110 -57.21 -13.68 -16.91
C VAL A 1110 -56.59 -14.85 -17.65
N CYS A 1111 -56.52 -16.02 -17.03
CA CYS A 1111 -56.05 -17.20 -17.78
C CYS A 1111 -56.90 -17.45 -19.01
N ALA A 1112 -58.21 -17.37 -18.89
CA ALA A 1112 -59.08 -17.74 -20.00
C ALA A 1112 -58.83 -16.91 -21.25
N GLN A 1113 -58.37 -15.68 -21.08
CA GLN A 1113 -58.06 -14.80 -22.21
C GLN A 1113 -56.83 -15.28 -22.97
N HIS A 1114 -56.06 -16.21 -22.41
CA HIS A 1114 -54.89 -16.77 -23.06
C HIS A 1114 -55.13 -18.21 -23.52
N GLY A 1115 -56.38 -18.62 -23.61
CA GLY A 1115 -56.68 -19.97 -24.09
C GLY A 1115 -56.20 -21.07 -23.18
N LYS A 1116 -56.41 -20.92 -21.88
CA LYS A 1116 -56.01 -21.90 -20.88
C LYS A 1116 -57.13 -22.10 -19.85
N VAL A 1117 -58.33 -22.42 -20.34
CA VAL A 1117 -59.48 -22.60 -19.44
C VAL A 1117 -59.16 -23.58 -18.33
N VAL A 1118 -59.58 -23.24 -17.11
CA VAL A 1118 -59.34 -24.06 -15.93
C VAL A 1118 -60.64 -24.23 -15.16
N THR A 1119 -60.69 -25.29 -14.36
CA THR A 1119 -61.81 -25.56 -13.46
C THR A 1119 -61.24 -25.81 -12.08
N TRP A 1120 -61.75 -25.09 -11.09
CA TRP A 1120 -61.16 -25.05 -9.77
C TRP A 1120 -62.14 -25.14 -8.62
N ARG A 1121 -63.44 -25.12 -8.88
CA ARG A 1121 -64.44 -25.09 -7.81
C ARG A 1121 -64.86 -26.50 -7.43
N THR A 1122 -64.78 -26.81 -6.14
CA THR A 1122 -65.10 -28.11 -5.61
C THR A 1122 -66.42 -28.05 -4.86
N ALA A 1123 -66.71 -29.12 -4.10
CA ALA A 1123 -67.85 -29.14 -3.19
C ALA A 1123 -67.51 -28.57 -1.82
N THR A 1124 -66.25 -28.24 -1.56
CA THR A 1124 -65.86 -27.67 -0.28
C THR A 1124 -64.94 -26.47 -0.46
N LEU A 1125 -65.00 -25.79 -1.59
CA LEU A 1125 -64.12 -24.65 -1.86
C LEU A 1125 -64.89 -23.70 -2.78
N CYS A 1126 -65.53 -22.71 -2.19
CA CYS A 1126 -66.31 -21.72 -2.92
C CYS A 1126 -67.29 -22.38 -3.90
N PRO A 1127 -68.27 -23.12 -3.38
CA PRO A 1127 -69.22 -23.80 -4.26
C PRO A 1127 -70.23 -22.87 -4.88
N GLN A 1128 -70.73 -23.26 -6.05
CA GLN A 1128 -71.67 -22.45 -6.80
C GLN A 1128 -72.73 -23.34 -7.42
N SER A 1129 -73.97 -22.87 -7.42
CA SER A 1129 -75.08 -23.58 -8.02
C SER A 1129 -75.90 -22.60 -8.86
N CYS A 1130 -76.51 -23.13 -9.92
CA CYS A 1130 -77.45 -22.33 -10.71
C CYS A 1130 -78.73 -23.12 -10.99
N GLU A 1131 -79.07 -24.09 -10.14
CA GLU A 1131 -80.30 -24.84 -10.35
C GLU A 1131 -81.50 -24.22 -9.68
N GLU A 1132 -81.32 -23.13 -8.93
CA GLU A 1132 -82.45 -22.49 -8.29
C GLU A 1132 -83.45 -21.95 -9.31
N ARG A 1133 -82.97 -21.34 -10.40
CA ARG A 1133 -83.85 -20.75 -11.40
C ARG A 1133 -84.12 -21.80 -12.47
N ASN A 1134 -84.85 -22.83 -12.09
CA ASN A 1134 -85.01 -23.97 -12.98
C ASN A 1134 -86.47 -24.39 -13.11
N LEU A 1135 -87.38 -23.42 -13.27
CA LEU A 1135 -88.79 -23.66 -13.61
C LEU A 1135 -89.47 -24.55 -12.56
N ARG A 1136 -89.67 -23.95 -11.38
CA ARG A 1136 -90.17 -24.69 -10.24
C ARG A 1136 -91.54 -25.32 -10.48
N GLU A 1137 -92.26 -24.90 -11.51
CA GLU A 1137 -93.55 -25.52 -11.83
C GLU A 1137 -93.38 -27.02 -12.07
N ASN A 1138 -92.45 -27.39 -12.94
CA ASN A 1138 -92.10 -28.79 -13.16
C ASN A 1138 -90.66 -29.09 -12.81
N GLY A 1139 -89.71 -28.34 -13.37
CA GLY A 1139 -88.32 -28.45 -13.02
C GLY A 1139 -87.59 -29.64 -13.57
N TYR A 1140 -88.31 -30.71 -13.93
CA TYR A 1140 -87.65 -31.91 -14.44
C TYR A 1140 -86.91 -31.64 -15.74
N GLU A 1141 -87.30 -30.61 -16.48
CA GLU A 1141 -86.58 -30.17 -17.66
C GLU A 1141 -85.40 -29.32 -17.18
N CYS A 1142 -84.31 -30.00 -16.82
CA CYS A 1142 -83.14 -29.33 -16.29
C CYS A 1142 -82.48 -28.54 -17.42
N GLU A 1143 -82.78 -27.24 -17.48
CA GLU A 1143 -82.32 -26.36 -18.54
C GLU A 1143 -81.17 -25.47 -18.14
N TRP A 1144 -80.46 -25.80 -17.06
CA TRP A 1144 -79.39 -24.94 -16.58
C TRP A 1144 -78.23 -25.79 -16.10
N ARG A 1145 -77.02 -25.31 -16.37
CA ARG A 1145 -75.82 -26.00 -15.96
C ARG A 1145 -74.71 -25.00 -15.72
N TYR A 1146 -73.73 -25.40 -14.92
CA TYR A 1146 -72.54 -24.60 -14.68
C TYR A 1146 -71.43 -25.11 -15.59
N ASN A 1147 -70.91 -24.24 -16.44
CA ASN A 1147 -69.88 -24.63 -17.38
C ASN A 1147 -68.59 -23.90 -17.09
N SER A 1148 -67.52 -24.35 -17.73
CA SER A 1148 -66.20 -23.78 -17.54
C SER A 1148 -66.18 -22.32 -17.95
N CYS A 1149 -66.29 -22.01 -19.27
CA CYS A 1149 -66.42 -20.61 -19.63
C CYS A 1149 -67.37 -20.33 -20.79
N ALA A 1150 -68.23 -21.26 -21.19
CA ALA A 1150 -69.53 -20.89 -21.75
C ALA A 1150 -69.53 -19.75 -22.78
N PRO A 1151 -69.23 -19.99 -24.05
CA PRO A 1151 -68.97 -18.87 -24.98
C PRO A 1151 -70.02 -17.77 -24.89
N ALA A 1152 -69.52 -16.54 -24.94
CA ALA A 1152 -70.17 -15.37 -24.33
C ALA A 1152 -71.53 -14.99 -24.88
N CYS A 1153 -71.58 -14.51 -26.12
CA CYS A 1153 -72.78 -13.86 -26.66
C CYS A 1153 -73.49 -14.79 -27.61
N GLN A 1154 -74.67 -15.25 -27.23
CA GLN A 1154 -75.48 -16.14 -28.04
C GLN A 1154 -76.70 -15.39 -28.53
N VAL A 1155 -76.99 -15.54 -29.83
CA VAL A 1155 -78.12 -14.82 -30.43
C VAL A 1155 -79.43 -15.37 -29.88
N THR A 1156 -80.45 -14.53 -29.92
CA THR A 1156 -81.81 -14.92 -29.58
C THR A 1156 -82.74 -13.89 -30.24
N CYS A 1157 -84.01 -13.86 -29.82
CA CYS A 1157 -84.88 -12.82 -30.34
C CYS A 1157 -84.60 -11.52 -29.60
N GLN A 1158 -83.32 -11.19 -29.44
CA GLN A 1158 -82.90 -9.90 -28.90
C GLN A 1158 -81.95 -9.18 -29.84
N HIS A 1159 -80.93 -9.87 -30.34
CA HIS A 1159 -80.01 -9.32 -31.34
C HIS A 1159 -79.70 -10.42 -32.35
N PRO A 1160 -80.64 -10.72 -33.25
CA PRO A 1160 -80.50 -11.92 -34.08
C PRO A 1160 -79.36 -11.84 -35.08
N GLU A 1161 -78.17 -11.55 -34.59
CA GLU A 1161 -76.95 -11.53 -35.37
C GLU A 1161 -75.77 -11.45 -34.42
N PRO A 1162 -74.62 -12.01 -34.79
CA PRO A 1162 -73.46 -11.98 -33.87
C PRO A 1162 -73.04 -10.55 -33.56
N LEU A 1163 -72.62 -10.35 -32.31
CA LEU A 1163 -72.13 -9.07 -31.85
C LEU A 1163 -70.60 -9.09 -31.82
N ALA A 1164 -70.00 -8.03 -31.29
CA ALA A 1164 -68.57 -7.98 -31.06
C ALA A 1164 -68.35 -7.92 -29.56
N CYS A 1165 -68.42 -9.08 -28.91
CA CYS A 1165 -68.29 -9.15 -27.46
C CYS A 1165 -66.86 -9.56 -27.14
N PRO A 1166 -66.06 -8.68 -26.57
CA PRO A 1166 -64.62 -8.97 -26.46
C PRO A 1166 -64.24 -9.84 -25.28
N VAL A 1167 -64.92 -10.96 -25.08
CA VAL A 1167 -64.60 -11.83 -23.95
C VAL A 1167 -64.53 -13.31 -24.36
N GLN A 1168 -65.57 -13.81 -25.02
CA GLN A 1168 -65.71 -15.15 -25.61
C GLN A 1168 -65.49 -16.32 -24.65
N CYS A 1169 -65.25 -16.07 -23.37
CA CYS A 1169 -64.99 -17.17 -22.43
C CYS A 1169 -65.58 -16.82 -21.06
N VAL A 1170 -66.86 -16.44 -21.03
CA VAL A 1170 -67.50 -16.02 -19.80
C VAL A 1170 -67.81 -17.24 -18.93
N GLU A 1171 -67.13 -17.36 -17.79
CA GLU A 1171 -67.51 -18.33 -16.78
C GLU A 1171 -68.90 -18.01 -16.25
N GLY A 1172 -69.67 -19.04 -15.92
CA GLY A 1172 -70.96 -18.83 -15.30
C GLY A 1172 -71.85 -20.04 -15.50
N CYS A 1173 -73.14 -19.84 -15.29
CA CYS A 1173 -74.13 -20.88 -15.57
C CYS A 1173 -74.77 -20.61 -16.92
N HIS A 1174 -74.89 -21.65 -17.73
CA HIS A 1174 -75.05 -21.58 -19.17
C HIS A 1174 -76.27 -22.37 -19.61
N ALA A 1175 -76.86 -21.99 -20.73
CA ALA A 1175 -77.99 -22.71 -21.31
C ALA A 1175 -77.56 -23.36 -22.62
N HIS A 1176 -77.77 -24.66 -22.74
CA HIS A 1176 -77.25 -25.44 -23.87
C HIS A 1176 -78.36 -26.11 -24.65
N CYS A 1177 -79.41 -25.38 -25.00
CA CYS A 1177 -80.55 -25.97 -25.68
C CYS A 1177 -80.16 -26.51 -27.05
N PRO A 1178 -80.89 -27.49 -27.57
CA PRO A 1178 -80.55 -28.10 -28.87
C PRO A 1178 -80.55 -27.08 -29.99
N PRO A 1179 -80.11 -27.46 -31.19
CA PRO A 1179 -80.05 -26.50 -32.30
C PRO A 1179 -81.36 -25.76 -32.55
N GLY A 1180 -82.49 -26.45 -32.48
CA GLY A 1180 -83.77 -25.78 -32.53
C GLY A 1180 -84.20 -25.31 -31.16
N LYS A 1181 -85.25 -24.47 -31.14
CA LYS A 1181 -85.85 -23.98 -29.91
C LYS A 1181 -84.82 -23.21 -29.07
N ILE A 1182 -84.40 -22.07 -29.60
CA ILE A 1182 -83.39 -21.22 -28.97
C ILE A 1182 -83.98 -20.57 -27.72
N LEU A 1183 -83.12 -19.98 -26.90
CA LEU A 1183 -83.57 -19.42 -25.63
C LEU A 1183 -84.35 -18.12 -25.84
N ASP A 1184 -85.23 -17.83 -24.90
CA ASP A 1184 -86.10 -16.68 -24.94
C ASP A 1184 -85.43 -15.48 -24.25
N GLU A 1185 -86.21 -14.44 -24.00
CA GLU A 1185 -85.72 -13.18 -23.44
C GLU A 1185 -86.09 -13.03 -21.96
N LEU A 1186 -87.38 -13.08 -21.65
CA LEU A 1186 -87.87 -12.66 -20.34
C LEU A 1186 -88.12 -13.81 -19.37
N LEU A 1187 -88.72 -14.89 -19.83
CA LEU A 1187 -89.12 -15.97 -18.92
C LEU A 1187 -88.06 -17.04 -18.74
N GLN A 1188 -86.93 -16.92 -19.45
CA GLN A 1188 -85.81 -17.85 -19.31
C GLN A 1188 -86.24 -19.30 -19.56
N THR A 1189 -86.81 -19.52 -20.74
CA THR A 1189 -87.18 -20.86 -21.17
C THR A 1189 -87.05 -20.93 -22.68
N CYS A 1190 -86.29 -21.90 -23.18
CA CYS A 1190 -86.10 -22.05 -24.62
C CYS A 1190 -87.43 -22.33 -25.30
N VAL A 1191 -87.72 -21.58 -26.37
CA VAL A 1191 -88.96 -21.71 -27.12
C VAL A 1191 -88.65 -21.68 -28.61
N ASP A 1192 -89.61 -22.13 -29.39
CA ASP A 1192 -89.47 -22.15 -30.84
C ASP A 1192 -89.47 -20.73 -31.40
N PRO A 1193 -88.77 -20.50 -32.53
CA PRO A 1193 -88.48 -19.11 -32.95
C PRO A 1193 -89.66 -18.19 -33.27
N GLU A 1194 -90.90 -18.63 -33.02
CA GLU A 1194 -92.03 -17.74 -33.31
C GLU A 1194 -91.99 -16.46 -32.47
N ASP A 1195 -91.58 -16.57 -31.21
CA ASP A 1195 -91.69 -15.42 -30.29
C ASP A 1195 -90.52 -14.45 -30.46
N CYS A 1196 -90.35 -14.01 -31.70
CA CYS A 1196 -89.47 -12.91 -32.05
C CYS A 1196 -90.30 -11.65 -32.31
N PRO A 1197 -89.69 -10.48 -32.25
CA PRO A 1197 -90.44 -9.24 -32.49
C PRO A 1197 -91.08 -9.22 -33.88
N VAL A 1198 -92.29 -8.64 -33.95
CA VAL A 1198 -92.97 -8.51 -35.23
C VAL A 1198 -92.21 -7.58 -36.17
N CYS A 1199 -91.75 -6.45 -35.65
CA CYS A 1199 -91.01 -5.49 -36.45
C CYS A 1199 -90.02 -4.75 -35.55
N GLU A 1200 -89.00 -4.17 -36.18
CA GLU A 1200 -87.95 -3.46 -35.46
C GLU A 1200 -88.13 -1.95 -35.51
N VAL A 1201 -89.31 -1.47 -35.91
CA VAL A 1201 -89.54 -0.03 -35.99
C VAL A 1201 -89.52 0.58 -34.59
N ALA A 1202 -88.86 1.73 -34.47
CA ALA A 1202 -88.72 2.51 -33.24
C ALA A 1202 -87.91 1.78 -32.17
N GLY A 1203 -87.29 0.64 -32.50
CA GLY A 1203 -86.44 -0.07 -31.57
C GLY A 1203 -87.14 -0.55 -30.33
N ARG A 1204 -88.32 -1.14 -30.49
CA ARG A 1204 -89.12 -1.63 -29.38
C ARG A 1204 -89.16 -3.14 -29.38
N ARG A 1205 -89.38 -3.71 -28.20
CA ARG A 1205 -89.39 -5.17 -28.06
C ARG A 1205 -90.51 -5.80 -28.89
N PHE A 1206 -91.72 -5.25 -28.78
CA PHE A 1206 -92.87 -5.71 -29.57
C PHE A 1206 -93.11 -7.20 -29.40
N ALA A 1207 -92.94 -7.68 -28.18
CA ALA A 1207 -93.12 -9.10 -27.85
C ALA A 1207 -92.26 -10.01 -28.72
N SER B 31 87.94 -8.65 22.96
CA SER B 31 87.98 -8.37 24.39
C SER B 31 86.64 -7.86 24.89
N THR B 32 86.30 -8.26 26.11
CA THR B 32 85.04 -7.86 26.74
C THR B 32 85.22 -7.91 28.24
N ALA B 33 85.34 -6.75 28.86
CA ALA B 33 85.45 -6.68 30.31
C ALA B 33 84.11 -7.04 30.93
N ARG B 34 84.13 -7.36 32.21
CA ARG B 34 82.91 -7.79 32.88
C ARG B 34 83.11 -7.69 34.38
N CYS B 35 82.10 -7.18 35.07
CA CYS B 35 82.02 -7.27 36.53
C CYS B 35 80.75 -8.01 36.86
N SER B 36 80.68 -8.52 38.08
CA SER B 36 79.44 -9.12 38.56
C SER B 36 79.25 -8.78 40.03
N LEU B 37 77.99 -8.53 40.37
CA LEU B 37 77.57 -8.34 41.74
C LEU B 37 76.83 -9.59 42.19
N PHE B 38 77.47 -10.39 43.03
CA PHE B 38 77.04 -11.75 43.32
C PHE B 38 76.86 -11.95 44.82
N GLY B 39 76.49 -13.18 45.18
CA GLY B 39 76.45 -13.58 46.57
C GLY B 39 75.49 -12.73 47.39
N SER B 40 75.97 -12.26 48.53
CA SER B 40 75.22 -11.36 49.39
C SER B 40 76.16 -10.25 49.84
N ASP B 41 75.94 -9.04 49.30
CA ASP B 41 76.75 -7.87 49.63
C ASP B 41 78.20 -8.05 49.17
N PHE B 42 78.40 -8.67 48.01
CA PHE B 42 79.71 -8.87 47.41
C PHE B 42 79.75 -8.21 46.03
N VAL B 43 80.95 -7.80 45.63
CA VAL B 43 81.16 -7.15 44.33
C VAL B 43 82.43 -7.67 43.69
N ASN B 44 82.37 -7.94 42.39
CA ASN B 44 83.57 -8.08 41.57
C ASN B 44 83.77 -6.82 40.75
N THR B 45 85.01 -6.37 40.65
CA THR B 45 85.31 -5.19 39.86
C THR B 45 85.73 -5.65 38.46
N PHE B 46 85.98 -4.69 37.56
CA PHE B 46 86.36 -5.10 36.21
C PHE B 46 87.74 -5.73 36.14
N ASP B 47 88.55 -5.64 37.19
CA ASP B 47 89.88 -6.20 37.11
C ASP B 47 90.13 -7.33 38.12
N GLY B 48 89.22 -7.56 39.05
CA GLY B 48 89.26 -8.79 39.83
C GLY B 48 89.21 -8.57 41.32
N SER B 49 89.81 -7.47 41.76
CA SER B 49 89.91 -7.19 43.18
C SER B 49 88.51 -7.05 43.76
N MET B 50 88.17 -7.95 44.67
CA MET B 50 86.81 -8.10 45.17
C MET B 50 86.68 -7.33 46.47
N TYR B 51 85.44 -7.06 46.87
CA TYR B 51 85.18 -6.51 48.21
C TYR B 51 83.72 -6.72 48.59
N SER B 52 83.37 -6.44 49.83
CA SER B 52 82.00 -6.58 50.30
C SER B 52 81.41 -5.21 50.54
N PHE B 53 80.21 -5.00 50.02
CA PHE B 53 79.54 -3.71 50.16
C PHE B 53 78.06 -3.88 50.43
N ALA B 54 77.53 -3.10 51.36
CA ALA B 54 76.09 -3.04 51.63
C ALA B 54 75.67 -1.59 51.53
N GLY B 55 74.64 -1.30 50.74
CA GLY B 55 74.29 0.07 50.48
C GLY B 55 72.83 0.45 50.62
N TYR B 56 72.51 1.73 50.35
CA TYR B 56 71.14 2.21 50.47
C TYR B 56 70.72 3.24 49.43
N CYS B 57 71.56 3.61 48.46
CA CYS B 57 71.33 4.86 47.74
C CYS B 57 71.61 4.74 46.25
N SER B 58 71.17 3.67 45.60
CA SER B 58 71.18 3.57 44.14
C SER B 58 72.54 3.98 43.57
N TYR B 59 73.54 3.18 43.88
CA TYR B 59 74.90 3.54 43.53
C TYR B 59 75.12 3.42 42.03
N LEU B 60 76.09 4.16 41.52
CA LEU B 60 76.41 4.18 40.10
C LEU B 60 77.45 3.10 39.80
N LEU B 61 77.19 2.29 38.75
CA LEU B 61 78.02 1.14 38.42
C LEU B 61 79.00 1.39 37.27
N ALA B 62 78.54 1.75 36.08
CA ALA B 62 79.45 1.93 34.97
C ALA B 62 79.00 3.10 34.09
N GLY B 63 79.96 3.71 33.42
CA GLY B 63 79.75 4.94 32.69
C GLY B 63 80.84 5.95 33.01
N GLY B 64 81.48 6.51 31.99
CA GLY B 64 82.64 7.34 32.22
C GLY B 64 82.30 8.63 32.96
N CYS B 65 83.30 9.20 33.63
CA CYS B 65 83.12 10.45 34.34
C CYS B 65 83.73 11.64 33.60
N GLN B 66 83.81 11.59 32.28
CA GLN B 66 84.20 12.74 31.47
C GLN B 66 83.14 13.10 30.45
N LYS B 67 82.63 12.13 29.71
CA LYS B 67 81.50 12.30 28.81
C LYS B 67 80.56 11.12 29.09
N ARG B 68 79.52 11.37 29.87
CA ARG B 68 78.71 10.28 30.41
C ARG B 68 77.99 9.48 29.32
N SER B 69 76.97 10.07 28.70
CA SER B 69 76.28 9.52 27.54
C SER B 69 75.52 8.23 27.81
N PHE B 70 75.67 7.65 29.01
CA PHE B 70 74.86 6.52 29.46
C PHE B 70 75.27 6.23 30.89
N SER B 71 74.39 5.54 31.62
CA SER B 71 74.73 5.17 32.99
C SER B 71 73.92 3.95 33.40
N ILE B 72 74.53 3.08 34.21
CA ILE B 72 73.88 1.90 34.75
C ILE B 72 73.85 2.03 36.27
N ILE B 73 72.66 1.96 36.86
CA ILE B 73 72.47 2.19 38.29
C ILE B 73 71.64 1.07 38.89
N GLY B 74 72.08 0.57 40.04
CA GLY B 74 71.28 -0.40 40.79
C GLY B 74 70.90 0.05 42.18
N ASP B 75 69.63 -0.10 42.54
CA ASP B 75 69.16 0.28 43.87
C ASP B 75 69.47 -0.79 44.88
N PHE B 76 69.67 -0.37 46.13
CA PHE B 76 69.79 -1.27 47.27
C PHE B 76 68.74 -0.88 48.31
N GLN B 77 68.30 -1.87 49.08
CA GLN B 77 67.36 -1.64 50.18
C GLN B 77 67.75 -2.61 51.30
N ASN B 78 68.14 -2.05 52.45
CA ASN B 78 68.46 -2.82 53.64
C ASN B 78 69.57 -3.84 53.38
N GLY B 79 70.44 -3.53 52.44
CA GLY B 79 71.52 -4.42 52.07
C GLY B 79 71.15 -5.47 51.05
N LYS B 80 69.92 -5.49 50.58
CA LYS B 80 69.48 -6.47 49.60
C LYS B 80 69.66 -5.89 48.19
N ARG B 81 69.15 -6.59 47.18
CA ARG B 81 69.31 -6.17 45.79
C ARG B 81 67.99 -6.33 45.04
N VAL B 82 67.34 -5.20 44.76
CA VAL B 82 66.22 -5.17 43.82
C VAL B 82 66.49 -4.09 42.80
N SER B 83 66.08 -4.33 41.55
CA SER B 83 66.14 -3.39 40.44
C SER B 83 67.53 -3.19 39.86
N LEU B 84 67.56 -3.02 38.55
CA LEU B 84 68.71 -2.57 37.79
C LEU B 84 68.18 -1.56 36.78
N SER B 85 68.89 -0.43 36.62
CA SER B 85 68.34 0.64 35.81
C SER B 85 69.42 1.30 34.96
N VAL B 86 69.05 1.66 33.74
CA VAL B 86 69.94 2.37 32.82
C VAL B 86 69.42 3.79 32.65
N TYR B 87 70.24 4.67 32.09
CA TYR B 87 69.83 6.06 31.89
C TYR B 87 70.63 6.67 30.75
N LEU B 88 69.97 6.92 29.62
CA LEU B 88 70.62 7.46 28.44
C LEU B 88 70.39 8.97 28.42
N GLY B 89 71.46 9.73 28.62
CA GLY B 89 71.29 11.17 28.68
C GLY B 89 70.35 11.53 29.83
N GLU B 90 69.31 12.31 29.53
CA GLU B 90 68.36 12.69 30.58
C GLU B 90 66.91 12.59 30.13
N PHE B 91 66.56 11.59 29.36
CA PHE B 91 65.19 11.42 28.88
C PHE B 91 64.65 10.01 29.08
N PHE B 92 65.50 8.99 29.03
CA PHE B 92 65.05 7.61 28.97
C PHE B 92 65.47 6.86 30.24
N ASP B 93 64.57 6.03 30.77
CA ASP B 93 64.79 5.40 32.07
C ASP B 93 64.91 3.88 32.00
N ILE B 94 63.83 3.16 31.70
CA ILE B 94 63.75 1.71 31.87
C ILE B 94 64.23 1.22 33.23
N HIS B 95 63.33 0.59 34.00
CA HIS B 95 63.67 -0.07 35.24
C HIS B 95 63.30 -1.55 35.14
N LEU B 96 64.26 -2.41 35.48
CA LEU B 96 64.19 -3.82 35.13
C LEU B 96 63.68 -4.72 36.23
N PHE B 97 64.10 -4.47 37.48
CA PHE B 97 63.70 -5.23 38.66
C PHE B 97 64.20 -6.67 38.58
N VAL B 98 64.33 -7.33 39.73
CA VAL B 98 64.90 -8.67 39.75
C VAL B 98 63.85 -9.76 39.65
N ASN B 99 62.57 -9.41 39.70
CA ASN B 99 61.51 -10.39 39.52
C ASN B 99 60.91 -10.32 38.11
N GLY B 100 61.58 -9.61 37.20
CA GLY B 100 61.19 -9.60 35.80
C GLY B 100 60.09 -8.63 35.44
N THR B 101 59.68 -7.75 36.35
CA THR B 101 58.66 -6.73 36.06
C THR B 101 59.36 -5.45 35.63
N VAL B 102 59.13 -5.04 34.39
CA VAL B 102 59.91 -3.99 33.74
C VAL B 102 59.09 -2.72 33.65
N THR B 103 59.74 -1.59 33.94
CA THR B 103 59.02 -0.32 33.88
C THR B 103 59.79 0.76 33.13
N GLN B 104 59.20 1.94 33.02
CA GLN B 104 59.70 3.06 32.24
C GLN B 104 60.06 4.26 33.11
N GLY B 105 59.74 4.23 34.39
CA GLY B 105 59.90 5.38 35.25
C GLY B 105 58.58 5.77 35.88
N ASP B 106 57.51 5.69 35.10
CA ASP B 106 56.17 5.87 35.65
C ASP B 106 55.13 4.96 35.00
N GLN B 107 55.51 4.10 34.07
CA GLN B 107 54.56 3.28 33.35
C GLN B 107 54.84 1.80 33.61
N ARG B 108 53.99 0.94 33.07
CA ARG B 108 54.12 -0.50 33.28
C ARG B 108 54.04 -1.15 31.91
N VAL B 109 55.20 -1.43 31.33
CA VAL B 109 55.29 -1.97 29.98
C VAL B 109 55.43 -3.48 30.07
N SER B 110 55.04 -4.17 29.00
CA SER B 110 55.16 -5.62 28.97
C SER B 110 56.55 -6.00 28.50
N MET B 111 56.75 -7.27 28.16
CA MET B 111 58.05 -7.77 27.76
C MET B 111 57.84 -8.66 26.55
N PRO B 112 58.75 -8.69 25.57
CA PRO B 112 60.09 -8.11 25.39
C PRO B 112 60.23 -6.58 25.31
N TYR B 113 59.31 -5.87 24.67
CA TYR B 113 59.36 -4.40 24.67
C TYR B 113 60.65 -3.83 24.11
N ALA B 114 60.89 -4.00 22.81
CA ALA B 114 61.97 -3.31 22.14
C ALA B 114 61.69 -1.81 22.07
N SER B 115 62.76 -1.01 22.05
CA SER B 115 62.64 0.44 22.04
C SER B 115 63.84 1.01 21.28
N LYS B 116 64.16 2.28 21.51
CA LYS B 116 65.19 2.99 20.77
C LYS B 116 66.58 2.53 21.24
N GLY B 117 67.01 1.40 20.70
CA GLY B 117 68.06 0.64 21.34
C GLY B 117 67.41 -0.14 22.47
N LEU B 118 68.23 -0.81 23.26
CA LEU B 118 67.75 -1.43 24.49
C LEU B 118 66.69 -2.50 24.19
N TYR B 119 67.16 -3.64 23.68
CA TYR B 119 66.28 -4.75 23.40
C TYR B 119 66.15 -5.65 24.63
N LEU B 120 65.12 -5.43 25.43
CA LEU B 120 64.80 -6.37 26.50
C LEU B 120 64.28 -7.67 25.90
N GLU B 121 64.92 -8.79 26.25
CA GLU B 121 64.63 -10.05 25.59
C GLU B 121 64.56 -11.15 26.64
N THR B 122 64.07 -12.31 26.22
CA THR B 122 64.19 -13.55 26.96
C THR B 122 65.41 -14.29 26.43
N GLU B 123 65.96 -15.15 27.28
CA GLU B 123 67.25 -15.75 26.98
C GLU B 123 67.18 -17.23 27.39
N ALA B 124 68.33 -17.84 27.66
CA ALA B 124 68.38 -19.22 28.13
C ALA B 124 67.67 -19.36 29.48
N GLY B 125 67.07 -18.28 29.97
CA GLY B 125 66.26 -18.32 31.17
C GLY B 125 66.36 -17.04 31.96
N TYR B 126 67.28 -16.16 31.59
CA TYR B 126 67.47 -14.93 32.34
C TYR B 126 66.80 -13.77 31.62
N TYR B 127 66.93 -12.58 32.18
CA TYR B 127 66.45 -11.35 31.56
C TYR B 127 67.66 -10.57 31.06
N LYS B 128 67.71 -10.31 29.76
CA LYS B 128 68.80 -9.55 29.17
C LYS B 128 68.29 -8.19 28.69
N LEU B 129 69.01 -7.14 29.05
CA LEU B 129 68.78 -5.79 28.57
C LEU B 129 69.98 -5.36 27.76
N SER B 130 69.89 -5.49 26.45
CA SER B 130 71.04 -5.46 25.56
C SER B 130 71.03 -4.18 24.74
N GLY B 131 72.18 -3.52 24.66
CA GLY B 131 72.33 -2.44 23.72
C GLY B 131 73.61 -2.58 22.92
N GLU B 132 73.50 -2.79 21.61
CA GLU B 132 74.68 -2.94 20.78
C GLU B 132 75.09 -1.67 20.06
N ALA B 133 74.19 -0.69 19.95
CA ALA B 133 74.58 0.60 19.39
C ALA B 133 75.56 1.34 20.30
N TYR B 134 75.46 1.13 21.61
CA TYR B 134 76.26 1.87 22.57
C TYR B 134 77.40 1.01 23.12
N GLY B 135 77.05 -0.20 23.54
CA GLY B 135 77.98 -1.21 24.01
C GLY B 135 77.83 -1.50 25.48
N PHE B 136 76.99 -2.47 25.79
CA PHE B 136 76.91 -3.16 27.08
C PHE B 136 75.80 -4.20 26.98
N VAL B 137 75.89 -5.21 27.82
CA VAL B 137 74.89 -6.27 27.87
C VAL B 137 74.63 -6.61 29.34
N ALA B 138 73.37 -6.69 29.71
CA ALA B 138 72.98 -6.82 31.11
C ALA B 138 72.21 -8.11 31.33
N ARG B 139 72.32 -8.69 32.52
CA ARG B 139 71.63 -9.94 32.84
C ARG B 139 71.27 -10.04 34.31
N ILE B 140 70.08 -10.56 34.58
CA ILE B 140 69.65 -10.95 35.92
C ILE B 140 69.17 -12.40 35.84
N ASP B 141 69.69 -13.25 36.71
CA ASP B 141 69.32 -14.66 36.69
C ASP B 141 68.00 -14.88 37.43
N GLY B 142 67.64 -16.14 37.65
CA GLY B 142 66.57 -16.45 38.57
C GLY B 142 66.90 -16.07 40.00
N SER B 143 68.18 -16.18 40.38
CA SER B 143 68.61 -15.88 41.74
C SER B 143 68.72 -14.38 42.02
N GLY B 144 68.77 -13.54 41.00
CA GLY B 144 68.99 -12.12 41.23
C GLY B 144 70.45 -11.77 41.24
N ASN B 145 71.18 -12.13 40.19
CA ASN B 145 72.58 -11.79 40.05
C ASN B 145 72.76 -10.90 38.83
N PHE B 146 73.53 -9.82 38.99
CA PHE B 146 73.69 -8.82 37.96
C PHE B 146 75.00 -9.03 37.21
N GLN B 147 75.02 -8.63 35.96
CA GLN B 147 76.20 -8.79 35.13
C GLN B 147 76.18 -7.76 34.02
N VAL B 148 77.34 -7.18 33.71
CA VAL B 148 77.48 -6.26 32.58
C VAL B 148 78.75 -6.59 31.85
N LEU B 149 78.72 -6.47 30.53
CA LEU B 149 79.87 -6.75 29.68
C LEU B 149 80.13 -5.56 28.77
N LEU B 150 81.15 -4.79 29.08
CA LEU B 150 81.48 -3.60 28.30
C LEU B 150 82.42 -3.98 27.16
N SER B 151 82.83 -3.00 26.37
CA SER B 151 83.58 -3.25 25.15
C SER B 151 84.98 -2.67 25.27
N ASP B 152 85.74 -2.79 24.19
CA ASP B 152 87.12 -2.32 24.17
C ASP B 152 87.23 -0.81 24.16
N ARG B 153 86.38 -0.11 23.42
CA ARG B 153 86.57 1.33 23.22
C ARG B 153 86.38 2.14 24.50
N TYR B 154 86.22 1.50 25.64
CA TYR B 154 86.18 2.19 26.92
C TYR B 154 87.36 1.86 27.82
N PHE B 155 88.51 1.56 27.24
CA PHE B 155 89.67 1.27 28.06
C PHE B 155 90.15 2.55 28.75
N ASN B 156 90.38 2.45 30.06
CA ASN B 156 90.91 3.57 30.84
C ASN B 156 89.95 4.75 30.83
N LYS B 157 88.66 4.48 30.67
CA LYS B 157 87.67 5.56 30.61
C LYS B 157 86.48 5.35 31.53
N THR B 158 86.12 4.12 31.86
CA THR B 158 85.04 3.88 32.79
C THR B 158 85.44 4.36 34.18
N CYS B 159 84.45 4.71 34.99
CA CYS B 159 84.70 5.41 36.22
C CYS B 159 83.88 4.90 37.41
N GLY B 160 82.83 4.11 37.17
CA GLY B 160 81.88 3.77 38.20
C GLY B 160 82.33 2.79 39.26
N LEU B 161 81.36 2.12 39.90
CA LEU B 161 81.60 1.32 41.10
C LEU B 161 82.30 0.00 40.80
N CYS B 162 82.09 -0.59 39.64
CA CYS B 162 82.93 -1.70 39.22
C CYS B 162 84.35 -1.28 38.88
N GLY B 163 84.73 -0.03 39.20
CA GLY B 163 86.11 0.38 39.12
C GLY B 163 86.54 0.77 37.73
N ASN B 164 87.67 1.47 37.66
CA ASN B 164 88.19 1.86 36.36
C ASN B 164 88.61 0.62 35.59
N PHE B 165 88.62 0.74 34.27
CA PHE B 165 88.96 -0.39 33.41
C PHE B 165 90.39 -0.17 32.92
N ASN B 166 91.30 -0.93 33.54
CA ASN B 166 92.71 -0.88 33.25
C ASN B 166 93.32 -2.22 33.61
N ILE B 167 94.54 -2.46 33.11
CA ILE B 167 95.22 -3.72 33.37
C ILE B 167 95.65 -3.84 34.82
N PHE B 168 96.10 -2.75 35.43
CA PHE B 168 96.59 -2.78 36.81
C PHE B 168 95.40 -2.96 37.74
N ALA B 169 95.51 -3.93 38.65
CA ALA B 169 94.41 -4.27 39.55
C ALA B 169 94.59 -3.70 40.94
N GLU B 170 95.57 -2.82 41.15
CA GLU B 170 95.85 -2.28 42.48
C GLU B 170 95.31 -0.87 42.70
N ASP B 171 95.00 -0.14 41.63
CA ASP B 171 94.56 1.25 41.73
C ASP B 171 93.12 1.44 41.29
N ASP B 172 92.21 0.56 41.71
CA ASP B 172 90.81 0.66 41.31
C ASP B 172 89.91 1.00 42.49
N PHE B 173 90.41 1.71 43.49
CA PHE B 173 89.58 2.27 44.54
C PHE B 173 89.67 3.79 44.55
N MET B 174 89.78 4.41 43.38
CA MET B 174 89.88 5.86 43.35
C MET B 174 88.52 6.48 43.63
N THR B 175 88.48 7.43 44.55
CA THR B 175 87.25 8.05 44.99
C THR B 175 86.74 8.97 43.88
N GLN B 176 85.58 9.59 44.11
CA GLN B 176 85.08 10.50 43.08
C GLN B 176 85.90 11.77 43.01
N GLU B 177 86.53 12.18 44.12
CA GLU B 177 87.32 13.40 44.13
C GLU B 177 88.62 13.25 43.33
N GLY B 178 88.97 12.04 42.94
CA GLY B 178 90.19 11.79 42.20
C GLY B 178 91.30 11.16 43.00
N THR B 179 91.22 11.16 44.32
CA THR B 179 92.23 10.54 45.15
C THR B 179 91.98 9.03 45.27
N LEU B 180 92.94 8.34 45.87
CA LEU B 180 92.87 6.91 46.09
C LEU B 180 92.79 6.61 47.58
N THR B 181 92.01 5.60 47.94
CA THR B 181 91.87 5.21 49.34
C THR B 181 92.12 3.72 49.52
N SER B 182 91.87 3.21 50.73
CA SER B 182 91.98 1.78 51.00
C SER B 182 90.69 1.26 51.61
N ASP B 183 89.92 2.15 52.22
CA ASP B 183 88.68 1.75 52.89
C ASP B 183 87.60 1.47 51.86
N PRO B 184 87.02 0.27 51.85
CA PRO B 184 85.95 0.00 50.88
C PRO B 184 84.77 0.93 50.99
N TYR B 185 84.27 1.19 52.20
CA TYR B 185 83.05 1.96 52.34
C TYR B 185 83.28 3.45 52.09
N ASP B 186 84.45 3.96 52.44
CA ASP B 186 84.77 5.33 52.07
C ASP B 186 84.85 5.50 50.55
N PHE B 187 85.41 4.52 49.86
CA PHE B 187 85.47 4.55 48.40
C PHE B 187 84.07 4.46 47.80
N ALA B 188 83.23 3.58 48.34
CA ALA B 188 81.97 3.25 47.71
C ALA B 188 80.79 4.08 48.18
N ASN B 189 80.95 4.89 49.24
CA ASN B 189 79.90 5.86 49.57
C ASN B 189 80.01 7.13 48.75
N SER B 190 81.08 7.30 48.00
CA SER B 190 81.26 8.50 47.18
C SER B 190 80.55 8.38 45.85
N TRP B 191 79.88 7.27 45.57
CA TRP B 191 79.20 7.08 44.29
C TRP B 191 77.70 6.93 44.45
N ALA B 192 77.12 7.40 45.55
CA ALA B 192 75.68 7.32 45.75
C ALA B 192 74.94 8.43 45.01
N LEU B 193 73.69 8.16 44.65
CA LEU B 193 72.87 9.11 43.90
C LEU B 193 71.55 9.32 44.61
N SER B 194 71.15 10.58 44.78
CA SER B 194 69.89 10.92 45.43
C SER B 194 68.95 11.56 44.42
N SER B 195 67.65 11.39 44.66
CA SER B 195 66.63 11.78 43.68
C SER B 195 65.36 12.24 44.38
N GLY B 196 65.30 13.52 44.72
CA GLY B 196 64.09 14.06 45.30
C GLY B 196 63.68 13.42 46.61
N GLU B 197 62.62 12.60 46.57
CA GLU B 197 62.04 12.09 47.81
C GLU B 197 63.01 11.22 48.58
N GLN B 198 63.88 10.47 47.90
CA GLN B 198 64.72 9.46 48.53
C GLN B 198 66.05 10.09 48.92
N TRP B 199 66.29 10.20 50.22
CA TRP B 199 67.54 10.69 50.78
C TRP B 199 68.26 9.55 51.45
N CYS B 200 69.59 9.57 51.35
CA CYS B 200 70.40 8.46 51.86
C CYS B 200 71.43 9.00 52.83
N GLU B 201 71.76 8.18 53.81
CA GLU B 201 72.79 8.49 54.80
C GLU B 201 74.10 7.83 54.42
N ARG B 202 75.06 7.90 55.35
CA ARG B 202 76.32 7.19 55.19
C ARG B 202 76.16 5.75 55.67
N ALA B 203 76.58 4.80 54.85
CA ALA B 203 76.46 3.39 55.17
C ALA B 203 77.64 2.94 56.01
N SER B 204 77.39 1.98 56.90
CA SER B 204 78.41 1.48 57.79
C SER B 204 78.47 -0.05 57.69
N PRO B 205 79.66 -0.65 57.81
CA PRO B 205 79.76 -2.11 57.80
C PRO B 205 78.99 -2.72 58.95
N PRO B 206 78.35 -3.87 58.74
CA PRO B 206 77.61 -4.51 59.83
C PRO B 206 78.54 -5.01 60.92
N SER B 207 78.15 -4.76 62.17
CA SER B 207 78.92 -5.20 63.33
C SER B 207 78.36 -6.49 63.91
N SER B 208 78.45 -7.56 63.11
CA SER B 208 77.96 -8.88 63.52
C SER B 208 78.96 -9.92 63.06
N SER B 209 79.61 -10.60 64.01
CA SER B 209 80.58 -11.64 63.69
C SER B 209 79.88 -12.99 63.67
N CYS B 210 80.67 -14.06 63.61
CA CYS B 210 80.13 -15.42 63.58
C CYS B 210 79.49 -15.78 64.93
N LEU B 221 79.39 -27.78 60.75
CA LEU B 221 80.66 -27.12 60.47
C LEU B 221 81.54 -27.98 59.57
N TRP B 222 81.66 -27.57 58.31
CA TRP B 222 82.46 -28.30 57.35
C TRP B 222 83.25 -27.31 56.50
N GLU B 223 84.38 -27.77 55.98
CA GLU B 223 85.28 -26.96 55.17
C GLU B 223 85.23 -27.49 53.74
N GLN B 224 84.26 -27.03 52.97
CA GLN B 224 84.11 -27.41 51.57
C GLN B 224 84.74 -26.40 50.63
N CYS B 225 85.30 -25.31 51.16
CA CYS B 225 85.89 -24.28 50.31
C CYS B 225 87.14 -24.78 49.60
N GLN B 226 87.80 -25.81 50.14
CA GLN B 226 88.99 -26.35 49.49
C GLN B 226 88.65 -27.19 48.27
N LEU B 227 87.36 -27.30 47.92
CA LEU B 227 86.97 -28.11 46.78
C LEU B 227 87.60 -27.60 45.48
N LEU B 228 87.81 -26.29 45.38
CA LEU B 228 88.50 -25.72 44.23
C LEU B 228 90.01 -25.97 44.28
N LYS B 229 90.52 -26.42 45.43
CA LYS B 229 91.94 -26.71 45.59
C LYS B 229 92.28 -28.19 45.44
N SER B 230 91.30 -29.08 45.55
CA SER B 230 91.53 -30.51 45.54
C SER B 230 91.09 -31.18 44.25
N THR B 231 89.83 -31.01 43.85
CA THR B 231 89.30 -31.70 42.69
C THR B 231 89.97 -31.21 41.41
N SER B 232 90.10 -32.12 40.45
CA SER B 232 90.79 -31.84 39.20
C SER B 232 89.91 -31.14 38.18
N VAL B 233 88.65 -30.86 38.52
CA VAL B 233 87.79 -30.09 37.64
C VAL B 233 88.37 -28.70 37.42
N PHE B 234 88.84 -28.06 38.48
CA PHE B 234 89.27 -26.67 38.43
C PHE B 234 90.77 -26.53 38.15
N ALA B 235 91.48 -27.64 37.96
CA ALA B 235 92.93 -27.57 37.81
C ALA B 235 93.36 -26.84 36.55
N ARG B 236 92.47 -26.69 35.56
CA ARG B 236 92.82 -25.99 34.33
C ARG B 236 92.54 -24.50 34.38
N CYS B 237 91.68 -24.06 35.30
CA CYS B 237 91.53 -22.63 35.57
C CYS B 237 92.61 -22.11 36.51
N HIS B 238 93.39 -23.01 37.13
CA HIS B 238 94.45 -22.61 38.05
C HIS B 238 95.50 -21.72 37.41
N PRO B 239 96.05 -22.03 36.22
CA PRO B 239 97.11 -21.18 35.67
C PRO B 239 96.65 -19.80 35.22
N LEU B 240 95.35 -19.50 35.28
CA LEU B 240 94.85 -18.19 34.86
C LEU B 240 94.40 -17.32 36.04
N VAL B 241 93.77 -17.91 37.05
CA VAL B 241 93.27 -17.16 38.20
C VAL B 241 93.64 -17.87 39.49
N ASP B 242 93.77 -17.07 40.55
CA ASP B 242 94.13 -17.57 41.87
C ASP B 242 92.89 -17.63 42.74
N PRO B 243 92.46 -18.82 43.18
CA PRO B 243 91.29 -18.92 44.06
C PRO B 243 91.49 -18.38 45.47
N GLU B 244 92.63 -17.75 45.79
CA GLU B 244 92.84 -17.26 47.15
C GLU B 244 91.80 -16.21 47.56
N PRO B 245 91.51 -15.17 46.77
CA PRO B 245 90.37 -14.32 47.13
C PRO B 245 89.06 -15.07 47.17
N PHE B 246 88.91 -16.07 46.30
CA PHE B 246 87.73 -16.93 46.35
C PHE B 246 87.69 -17.72 47.64
N VAL B 247 88.86 -18.20 48.10
CA VAL B 247 88.93 -18.87 49.39
C VAL B 247 88.50 -17.92 50.50
N ALA B 248 88.99 -16.68 50.48
CA ALA B 248 88.67 -15.72 51.53
C ALA B 248 87.17 -15.44 51.57
N LEU B 249 86.57 -15.18 50.40
CA LEU B 249 85.14 -14.93 50.38
C LEU B 249 84.34 -16.17 50.75
N CYS B 250 84.82 -17.36 50.40
CA CYS B 250 84.12 -18.58 50.77
C CYS B 250 84.10 -18.77 52.29
N GLU B 251 85.22 -18.48 52.94
CA GLU B 251 85.22 -18.62 54.41
C GLU B 251 84.45 -17.47 55.07
N LYS B 252 84.43 -16.29 54.44
CA LYS B 252 83.57 -15.22 54.94
C LYS B 252 82.11 -15.66 54.92
N THR B 253 81.69 -16.31 53.84
CA THR B 253 80.35 -16.88 53.77
C THR B 253 80.17 -18.00 54.79
N LEU B 254 81.22 -18.82 54.98
CA LEU B 254 81.17 -19.91 55.94
C LEU B 254 80.93 -19.38 57.35
N CYS B 255 81.38 -18.16 57.63
CA CYS B 255 81.08 -17.55 58.92
C CYS B 255 79.58 -17.54 59.19
N GLU B 256 78.79 -17.03 58.25
CA GLU B 256 77.34 -16.97 58.45
C GLU B 256 76.71 -18.36 58.51
N CYS B 257 76.70 -19.07 57.38
CA CYS B 257 76.06 -20.38 57.24
C CYS B 257 74.70 -20.43 57.96
N ALA B 258 73.78 -19.64 57.43
CA ALA B 258 72.37 -19.71 57.80
C ALA B 258 71.70 -20.69 56.84
N GLY B 259 72.07 -21.97 56.97
CA GLY B 259 71.56 -23.00 56.09
C GLY B 259 72.49 -24.19 55.96
N GLY B 260 72.02 -25.25 55.31
CA GLY B 260 72.80 -26.46 55.18
C GLY B 260 73.91 -26.41 54.16
N LEU B 261 73.55 -26.29 52.87
CA LEU B 261 74.52 -26.28 51.79
C LEU B 261 74.60 -24.95 51.08
N GLU B 262 74.08 -23.88 51.67
CA GLU B 262 74.12 -22.56 51.06
C GLU B 262 75.43 -21.83 51.34
N CYS B 263 76.34 -22.42 52.11
CA CYS B 263 77.54 -21.73 52.53
C CYS B 263 78.46 -21.42 51.35
N ALA B 264 78.61 -22.38 50.45
CA ALA B 264 79.66 -22.32 49.42
C ALA B 264 79.14 -22.19 47.99
N CYS B 265 77.98 -22.77 47.69
CA CYS B 265 77.50 -22.79 46.31
C CYS B 265 77.33 -21.41 45.67
N PRO B 266 76.80 -20.39 46.36
CA PRO B 266 76.83 -19.05 45.75
C PRO B 266 78.22 -18.55 45.41
N ALA B 267 79.25 -19.00 46.13
CA ALA B 267 80.62 -18.66 45.79
C ALA B 267 81.20 -19.55 44.70
N LEU B 268 80.56 -20.67 44.38
CA LEU B 268 81.07 -21.60 43.38
C LEU B 268 80.67 -21.24 41.96
N LEU B 269 79.52 -20.61 41.78
CA LEU B 269 79.12 -20.19 40.44
C LEU B 269 80.09 -19.15 39.89
N GLU B 270 80.49 -18.21 40.74
CA GLU B 270 81.24 -17.03 40.33
C GLU B 270 82.60 -17.42 39.74
N TYR B 271 83.29 -18.36 40.38
CA TYR B 271 84.61 -18.74 39.90
C TYR B 271 84.51 -19.40 38.53
N ALA B 272 83.48 -20.23 38.34
CA ALA B 272 83.29 -20.91 37.08
C ALA B 272 83.07 -19.93 35.95
N ARG B 273 82.18 -18.96 36.15
CA ARG B 273 81.94 -17.94 35.14
C ARG B 273 83.19 -17.13 34.87
N THR B 274 83.93 -16.78 35.93
CA THR B 274 85.13 -15.96 35.76
C THR B 274 86.15 -16.66 34.87
N CYS B 275 86.49 -17.90 35.21
CA CYS B 275 87.53 -18.54 34.41
C CYS B 275 87.00 -19.11 33.09
N ALA B 276 85.68 -19.19 32.93
CA ALA B 276 85.14 -19.49 31.60
C ALA B 276 85.27 -18.28 30.69
N GLN B 277 84.94 -17.10 31.19
CA GLN B 277 85.13 -15.89 30.39
C GLN B 277 86.60 -15.62 30.15
N GLU B 278 87.48 -16.11 31.03
CA GLU B 278 88.91 -15.95 30.80
C GLU B 278 89.37 -16.65 29.52
N GLY B 279 88.68 -17.71 29.09
CA GLY B 279 89.02 -18.32 27.82
C GLY B 279 88.88 -19.83 27.70
N MET B 280 88.81 -20.53 28.84
CA MET B 280 88.68 -21.99 28.85
C MET B 280 87.46 -22.35 29.68
N VAL B 281 86.33 -22.55 29.00
CA VAL B 281 85.07 -22.82 29.69
C VAL B 281 85.14 -24.18 30.37
N LEU B 282 84.63 -24.25 31.59
CA LEU B 282 84.65 -25.50 32.34
C LEU B 282 83.58 -26.45 31.81
N TYR B 283 83.97 -27.70 31.60
CA TYR B 283 83.11 -28.70 30.99
C TYR B 283 82.68 -29.72 32.03
N GLY B 284 81.38 -29.91 32.17
CA GLY B 284 80.85 -31.01 32.94
C GLY B 284 81.18 -31.02 34.42
N TRP B 285 81.17 -29.86 35.04
CA TRP B 285 81.13 -29.81 36.50
C TRP B 285 79.67 -29.94 36.92
N THR B 286 79.36 -29.57 38.17
CA THR B 286 78.01 -29.56 38.72
C THR B 286 77.57 -30.98 39.04
N ASP B 287 78.37 -31.95 38.61
CA ASP B 287 78.05 -33.37 38.82
C ASP B 287 78.56 -33.91 40.14
N HIS B 288 79.24 -33.09 40.95
CA HIS B 288 79.86 -33.58 42.17
C HIS B 288 79.21 -32.99 43.43
N SER B 289 79.18 -31.67 43.57
CA SER B 289 78.73 -31.07 44.82
C SER B 289 77.90 -29.82 44.67
N ALA B 290 77.54 -29.42 43.45
CA ALA B 290 76.87 -28.14 43.25
C ALA B 290 75.46 -28.17 43.86
N CYS B 291 74.86 -26.98 43.95
CA CYS B 291 73.55 -26.82 44.56
C CYS B 291 72.49 -26.45 43.52
N SER B 292 72.69 -26.87 42.27
CA SER B 292 71.67 -26.78 41.23
C SER B 292 71.10 -25.38 41.08
N PRO B 293 71.81 -24.46 40.44
CA PRO B 293 71.27 -23.10 40.25
C PRO B 293 69.88 -23.14 39.63
N VAL B 294 68.99 -22.33 40.19
CA VAL B 294 67.56 -22.48 39.98
C VAL B 294 67.09 -21.68 38.79
N CYS B 295 66.26 -22.30 37.96
CA CYS B 295 65.52 -21.60 36.90
C CYS B 295 64.17 -22.29 36.74
N PRO B 296 63.15 -21.58 36.23
CA PRO B 296 61.75 -22.03 36.43
C PRO B 296 61.43 -23.43 35.93
N ALA B 297 61.62 -23.68 34.64
CA ALA B 297 61.15 -24.92 34.03
C ALA B 297 62.29 -25.60 33.29
N GLY B 298 62.15 -26.91 33.12
CA GLY B 298 63.18 -27.69 32.44
C GLY B 298 64.37 -28.04 33.31
N MET B 299 64.92 -27.05 34.00
CA MET B 299 66.06 -27.21 34.90
C MET B 299 67.27 -27.82 34.21
N GLU B 300 67.33 -27.78 32.88
CA GLU B 300 68.45 -28.36 32.16
C GLU B 300 69.58 -27.34 32.07
N TYR B 301 70.10 -27.00 33.25
CA TYR B 301 71.26 -26.14 33.30
C TYR B 301 72.44 -26.82 32.63
N ARG B 302 73.03 -26.16 31.64
CA ARG B 302 74.19 -26.70 30.96
C ARG B 302 74.96 -25.56 30.32
N GLN B 303 76.20 -25.87 29.95
CA GLN B 303 77.10 -24.88 29.39
C GLN B 303 77.14 -25.01 27.87
N CYS B 304 77.51 -23.90 27.22
CA CYS B 304 77.64 -23.84 25.77
C CYS B 304 76.33 -24.20 25.07
N VAL B 305 75.31 -23.39 25.33
CA VAL B 305 74.01 -23.52 24.67
C VAL B 305 73.85 -22.34 23.71
N SER B 306 73.40 -22.64 22.50
CA SER B 306 73.25 -21.60 21.49
C SER B 306 72.15 -20.63 21.90
N PRO B 307 72.38 -19.31 21.79
CA PRO B 307 71.33 -18.35 22.14
C PRO B 307 70.26 -18.23 21.08
N CYS B 308 70.41 -18.90 19.94
CA CYS B 308 69.37 -18.85 18.91
C CYS B 308 68.08 -19.47 19.41
N ALA B 309 68.16 -20.54 20.19
CA ALA B 309 67.01 -21.11 20.90
C ALA B 309 65.90 -21.50 19.92
N ARG B 310 66.23 -22.49 19.10
CA ARG B 310 65.33 -22.92 18.03
C ARG B 310 63.95 -23.31 18.57
N THR B 311 62.92 -22.78 17.92
CA THR B 311 61.54 -23.16 18.21
C THR B 311 60.83 -23.48 16.90
N CYS B 312 59.56 -23.89 16.97
CA CYS B 312 58.80 -24.20 15.78
C CYS B 312 58.13 -22.98 15.17
N GLN B 313 58.11 -21.84 15.86
CA GLN B 313 57.62 -20.59 15.28
C GLN B 313 58.84 -19.82 14.79
N SER B 314 59.48 -20.37 13.78
CA SER B 314 60.67 -19.74 13.20
C SER B 314 60.86 -20.30 11.80
N LEU B 315 61.83 -19.74 11.09
CA LEU B 315 62.08 -20.09 9.70
C LEU B 315 63.25 -21.04 9.54
N HIS B 316 63.72 -21.62 10.63
CA HIS B 316 64.89 -22.51 10.66
C HIS B 316 66.00 -22.01 9.75
N ILE B 317 66.38 -20.76 9.99
CA ILE B 317 67.49 -20.14 9.27
C ILE B 317 68.80 -20.44 10.00
N ASN B 318 69.74 -21.05 9.29
CA ASN B 318 71.01 -21.43 9.90
C ASN B 318 72.10 -20.44 9.54
N GLU B 319 73.34 -20.79 9.86
CA GLU B 319 74.53 -20.06 9.45
C GLU B 319 74.61 -18.70 10.13
N MET B 320 73.59 -18.33 10.89
CA MET B 320 73.57 -17.07 11.63
C MET B 320 73.42 -17.31 13.13
N CYS B 321 74.16 -18.28 13.65
CA CYS B 321 74.33 -18.48 15.09
C CYS B 321 75.82 -18.40 15.35
N GLN B 322 76.34 -17.19 15.47
CA GLN B 322 77.76 -16.92 15.61
C GLN B 322 78.08 -16.33 16.98
N GLU B 323 77.40 -16.78 18.01
CA GLU B 323 77.57 -16.26 19.36
C GLU B 323 78.37 -17.24 20.21
N ARG B 324 79.10 -16.70 21.18
CA ARG B 324 79.93 -17.53 22.04
C ARG B 324 79.06 -18.31 23.01
N CYS B 325 79.70 -19.17 23.81
CA CYS B 325 78.97 -19.99 24.76
C CYS B 325 78.35 -19.13 25.86
N VAL B 326 77.15 -19.50 26.27
CA VAL B 326 76.47 -18.82 27.36
C VAL B 326 75.82 -19.88 28.25
N ASP B 327 75.94 -19.70 29.56
CA ASP B 327 75.27 -20.58 30.50
C ASP B 327 73.80 -20.19 30.63
N GLY B 328 72.96 -21.18 30.96
CA GLY B 328 71.54 -20.93 31.06
C GLY B 328 70.76 -22.21 31.27
N CYS B 329 69.52 -22.19 30.81
CA CYS B 329 68.61 -23.34 30.95
C CYS B 329 67.92 -23.63 29.62
N SER B 330 67.25 -24.76 29.59
CA SER B 330 66.40 -25.20 28.49
C SER B 330 65.61 -26.40 28.99
N CYS B 331 64.98 -27.14 28.08
CA CYS B 331 64.33 -28.39 28.41
C CYS B 331 64.77 -29.46 27.41
N PRO B 332 64.99 -30.73 27.87
CA PRO B 332 65.70 -31.75 27.09
C PRO B 332 66.18 -31.42 25.68
N GLU B 333 65.80 -32.26 24.71
CA GLU B 333 66.15 -32.04 23.31
C GLU B 333 64.93 -32.16 22.42
N GLY B 334 64.03 -33.07 22.76
CA GLY B 334 62.85 -33.34 21.96
C GLY B 334 61.70 -32.39 22.14
N GLN B 335 61.85 -31.39 23.00
CA GLN B 335 60.80 -30.41 23.26
C GLN B 335 61.24 -29.04 22.74
N LEU B 336 60.32 -28.34 22.09
CA LEU B 336 60.59 -27.01 21.55
C LEU B 336 59.86 -25.97 22.40
N LEU B 337 60.53 -24.83 22.58
CA LEU B 337 60.08 -23.83 23.53
C LEU B 337 58.97 -22.97 22.94
N ASP B 338 57.92 -22.74 23.73
CA ASP B 338 56.87 -21.79 23.41
C ASP B 338 57.03 -20.59 24.35
N GLU B 339 56.05 -19.67 24.33
CA GLU B 339 56.22 -18.46 25.13
C GLU B 339 56.25 -18.78 26.63
N GLY B 340 55.35 -19.63 27.09
CA GLY B 340 55.30 -19.98 28.49
C GLY B 340 56.29 -21.08 28.86
N LEU B 341 56.10 -22.25 28.25
CA LEU B 341 56.97 -23.40 28.48
C LEU B 341 57.21 -24.13 27.17
N CYS B 342 57.78 -25.33 27.22
CA CYS B 342 58.07 -26.09 26.03
C CYS B 342 57.21 -27.34 25.98
N VAL B 343 56.69 -27.64 24.79
CA VAL B 343 55.81 -28.78 24.55
C VAL B 343 56.43 -29.61 23.42
N GLU B 344 56.06 -30.89 23.39
CA GLU B 344 56.55 -31.81 22.38
C GLU B 344 56.28 -31.28 20.98
N SER B 345 57.06 -31.77 20.01
CA SER B 345 56.99 -31.27 18.65
C SER B 345 55.63 -31.49 18.00
N THR B 346 54.83 -32.41 18.53
CA THR B 346 53.55 -32.74 17.90
C THR B 346 52.48 -31.68 18.15
N GLU B 347 52.66 -30.82 19.15
CA GLU B 347 51.62 -29.91 19.59
C GLU B 347 52.02 -28.45 19.44
N CYS B 348 52.61 -28.10 18.31
CA CYS B 348 52.90 -26.68 18.04
C CYS B 348 51.65 -26.01 17.47
N PRO B 349 51.09 -25.02 18.16
CA PRO B 349 49.83 -24.42 17.69
C PRO B 349 50.02 -23.52 16.49
N CYS B 350 48.93 -23.32 15.76
CA CYS B 350 48.91 -22.40 14.64
C CYS B 350 48.61 -20.98 15.12
N VAL B 351 48.84 -20.02 14.23
CA VAL B 351 48.58 -18.61 14.49
C VAL B 351 47.76 -18.07 13.33
N HIS B 352 46.69 -17.35 13.65
CA HIS B 352 45.95 -16.59 12.65
C HIS B 352 45.53 -15.27 13.28
N SER B 353 46.07 -14.16 12.77
CA SER B 353 45.75 -12.83 13.27
C SER B 353 46.05 -12.68 14.76
N GLY B 354 47.15 -13.27 15.22
CA GLY B 354 47.57 -13.11 16.60
C GLY B 354 46.92 -14.06 17.59
N LYS B 355 46.01 -14.92 17.16
CA LYS B 355 45.42 -15.88 18.08
C LYS B 355 46.18 -17.21 18.04
N ARG B 356 45.94 -18.03 19.06
CA ARG B 356 46.58 -19.33 19.19
C ARG B 356 45.51 -20.42 19.16
N TYR B 357 45.75 -21.45 18.36
CA TYR B 357 44.77 -22.52 18.19
C TYR B 357 45.43 -23.88 18.32
N PRO B 358 44.83 -24.80 19.07
CA PRO B 358 45.35 -26.16 19.16
C PRO B 358 45.17 -26.88 17.83
N PRO B 359 45.96 -27.94 17.59
CA PRO B 359 45.85 -28.64 16.30
C PRO B 359 44.47 -29.24 16.10
N GLY B 360 44.07 -29.32 14.84
CA GLY B 360 42.77 -29.87 14.49
C GLY B 360 41.62 -29.01 14.96
N THR B 361 41.74 -27.70 14.80
CA THR B 361 40.73 -26.73 15.21
C THR B 361 40.39 -25.85 14.02
N SER B 362 40.09 -26.48 12.89
CA SER B 362 39.94 -25.81 11.61
C SER B 362 38.97 -24.63 11.68
N LEU B 363 39.43 -23.48 11.19
CA LEU B 363 38.59 -22.29 11.07
C LEU B 363 37.89 -22.29 9.72
N SER B 364 36.86 -21.46 9.62
CA SER B 364 36.05 -21.38 8.42
C SER B 364 36.02 -19.94 7.91
N ARG B 365 36.41 -19.75 6.66
CA ARG B 365 36.24 -18.49 5.97
C ARG B 365 34.87 -18.47 5.29
N ASP B 366 34.53 -17.36 4.66
CA ASP B 366 33.30 -17.33 3.87
C ASP B 366 33.44 -18.19 2.62
N CYS B 367 34.61 -18.15 1.98
CA CYS B 367 34.82 -18.81 0.71
C CYS B 367 35.29 -20.25 0.87
N ASN B 368 36.24 -20.51 1.77
CA ASN B 368 36.84 -21.82 1.93
C ASN B 368 37.13 -22.05 3.40
N THR B 369 37.96 -23.06 3.67
CA THR B 369 38.36 -23.44 5.02
C THR B 369 39.47 -24.48 4.92
N CYS B 370 40.22 -24.64 6.00
CA CYS B 370 41.18 -25.74 6.12
C CYS B 370 41.56 -25.95 7.57
N ILE B 371 42.48 -26.89 7.78
CA ILE B 371 42.78 -27.45 9.08
C ILE B 371 44.20 -27.07 9.48
N CYS B 372 44.38 -26.72 10.75
CA CYS B 372 45.68 -26.48 11.33
C CYS B 372 46.48 -27.79 11.35
N ARG B 373 47.51 -27.87 10.52
CA ARG B 373 48.52 -28.91 10.60
C ARG B 373 49.57 -28.47 11.61
N ASN B 374 50.76 -29.09 11.57
CA ASN B 374 51.83 -28.74 12.50
C ASN B 374 52.31 -27.33 12.17
N SER B 375 51.53 -26.35 12.62
CA SER B 375 51.79 -24.93 12.37
C SER B 375 51.93 -24.66 10.87
N GLN B 376 50.94 -25.10 10.10
CA GLN B 376 50.94 -24.91 8.67
C GLN B 376 49.52 -25.04 8.12
N TRP B 377 48.83 -23.93 7.88
CA TRP B 377 47.52 -24.01 7.26
C TRP B 377 47.66 -24.36 5.79
N ILE B 378 46.83 -25.26 5.30
CA ILE B 378 46.79 -25.61 3.88
C ILE B 378 45.33 -25.65 3.44
N CYS B 379 44.86 -24.53 2.90
CA CYS B 379 43.54 -24.46 2.30
C CYS B 379 43.60 -24.76 0.80
N SER B 380 42.44 -25.04 0.23
CA SER B 380 42.28 -25.29 -1.19
C SER B 380 41.55 -24.11 -1.82
N ASN B 381 42.10 -23.58 -2.90
CA ASN B 381 41.49 -22.44 -3.56
C ASN B 381 40.15 -22.82 -4.19
N GLU B 382 39.23 -21.85 -4.21
CA GLU B 382 37.91 -22.05 -4.78
C GLU B 382 37.23 -20.69 -4.97
N GLU B 383 36.61 -20.49 -6.13
CA GLU B 383 35.93 -19.23 -6.39
C GLU B 383 34.77 -19.05 -5.43
N CYS B 384 34.57 -17.82 -4.97
CA CYS B 384 33.46 -17.47 -4.10
C CYS B 384 32.80 -16.20 -4.60
N PRO B 385 31.55 -15.96 -4.22
CA PRO B 385 30.76 -14.90 -4.87
C PRO B 385 31.41 -13.53 -4.75
N GLY B 386 31.23 -12.73 -5.80
CA GLY B 386 31.70 -11.36 -5.79
C GLY B 386 30.58 -10.36 -5.93
N GLU B 387 30.75 -9.15 -5.39
CA GLU B 387 29.69 -8.17 -5.34
C GLU B 387 30.22 -6.79 -5.67
N CYS B 388 29.47 -6.03 -6.47
CA CYS B 388 29.83 -4.69 -6.91
C CYS B 388 28.94 -3.69 -6.19
N LEU B 389 29.54 -2.83 -5.38
CA LEU B 389 28.78 -1.89 -4.57
C LEU B 389 28.84 -0.48 -5.16
N VAL B 390 27.71 0.22 -5.11
CA VAL B 390 27.59 1.60 -5.57
C VAL B 390 26.78 2.33 -4.52
N THR B 391 27.44 3.12 -3.68
CA THR B 391 26.74 3.76 -2.58
C THR B 391 27.20 5.20 -2.43
N GLY B 392 26.65 5.87 -1.42
CA GLY B 392 27.13 7.17 -1.05
C GLY B 392 26.95 8.20 -2.14
N GLN B 393 27.86 9.16 -2.16
CA GLN B 393 27.82 10.17 -3.21
C GLN B 393 28.24 9.53 -4.52
N SER B 394 29.51 9.16 -4.64
CA SER B 394 29.94 8.31 -5.75
C SER B 394 31.12 7.48 -5.25
N HIS B 395 30.80 6.30 -4.72
CA HIS B 395 31.84 5.45 -4.18
C HIS B 395 31.61 4.07 -4.73
N PHE B 396 32.57 3.57 -5.49
CA PHE B 396 32.43 2.29 -6.15
C PHE B 396 33.41 1.29 -5.54
N LYS B 397 32.98 0.03 -5.53
CA LYS B 397 33.81 -1.10 -5.15
C LYS B 397 33.63 -2.14 -6.23
N SER B 398 34.68 -2.43 -6.99
CA SER B 398 34.58 -3.35 -8.10
C SER B 398 34.34 -4.75 -7.60
N PHE B 399 34.26 -5.70 -8.54
CA PHE B 399 33.96 -7.07 -8.16
C PHE B 399 35.08 -7.71 -7.37
N ASP B 400 36.33 -7.26 -7.54
CA ASP B 400 37.32 -7.82 -6.65
C ASP B 400 37.34 -7.07 -5.34
N ASN B 401 38.05 -5.94 -5.25
CA ASN B 401 37.86 -5.05 -4.12
C ASN B 401 38.20 -3.59 -4.39
N ARG B 402 38.59 -3.19 -5.60
CA ARG B 402 39.22 -1.88 -5.75
C ARG B 402 38.21 -0.79 -5.45
N TYR B 403 38.61 0.17 -4.61
CA TYR B 403 37.78 1.30 -4.23
C TYR B 403 38.19 2.54 -5.00
N PHE B 404 37.22 3.32 -5.43
CA PHE B 404 37.51 4.55 -6.15
C PHE B 404 36.26 5.43 -6.14
N THR B 405 36.43 6.68 -6.54
CA THR B 405 35.38 7.67 -6.62
C THR B 405 35.43 8.29 -8.00
N PHE B 406 34.30 8.39 -8.68
CA PHE B 406 34.31 8.88 -10.05
C PHE B 406 33.54 10.19 -10.20
N SER B 407 32.26 10.23 -9.87
CA SER B 407 31.48 11.47 -9.88
C SER B 407 31.37 12.09 -11.28
N GLY B 408 30.72 11.37 -12.17
CA GLY B 408 30.36 11.90 -13.49
C GLY B 408 28.85 11.97 -13.63
N ILE B 409 28.39 12.85 -14.52
CA ILE B 409 26.96 13.05 -14.74
C ILE B 409 26.56 12.66 -16.14
N CYS B 410 26.07 11.43 -16.30
CA CYS B 410 25.60 10.91 -17.58
C CYS B 410 24.95 9.56 -17.28
N GLN B 411 24.73 8.76 -18.31
CA GLN B 411 24.41 7.35 -18.12
C GLN B 411 25.63 6.48 -18.41
N TYR B 412 25.81 5.43 -17.63
CA TYR B 412 26.99 4.60 -17.71
C TYR B 412 26.62 3.13 -17.67
N LEU B 413 27.48 2.29 -18.21
CA LEU B 413 27.31 0.85 -18.22
C LEU B 413 27.99 0.27 -16.99
N LEU B 414 27.21 -0.40 -16.13
CA LEU B 414 27.70 -0.88 -14.84
C LEU B 414 28.07 -2.36 -14.84
N ALA B 415 27.43 -3.17 -15.67
CA ALA B 415 27.74 -4.59 -15.75
C ALA B 415 27.17 -5.15 -17.04
N ARG B 416 27.72 -6.28 -17.47
CA ARG B 416 27.30 -6.90 -18.72
C ARG B 416 27.97 -8.26 -18.83
N ASP B 417 27.23 -9.26 -19.34
CA ASP B 417 27.83 -10.58 -19.54
C ASP B 417 28.95 -10.52 -20.58
N CYS B 418 28.71 -9.80 -21.68
CA CYS B 418 29.75 -9.34 -22.58
C CYS B 418 30.31 -10.48 -23.41
N GLN B 419 29.92 -11.70 -23.10
CA GLN B 419 30.40 -12.89 -23.78
C GLN B 419 29.28 -13.79 -24.27
N ASP B 420 28.16 -13.84 -23.56
CA ASP B 420 26.94 -14.47 -24.06
C ASP B 420 25.75 -13.52 -24.09
N HIS B 421 25.89 -12.33 -23.52
CA HIS B 421 24.82 -11.32 -23.51
C HIS B 421 23.57 -11.85 -22.80
N SER B 422 23.68 -12.07 -21.50
CA SER B 422 22.56 -12.53 -20.71
C SER B 422 21.87 -11.43 -19.92
N PHE B 423 22.55 -10.34 -19.59
CA PHE B 423 21.92 -9.21 -18.92
C PHE B 423 22.80 -7.98 -19.09
N SER B 424 22.27 -6.82 -18.71
CA SER B 424 22.95 -5.55 -18.85
C SER B 424 22.35 -4.56 -17.87
N ILE B 425 23.21 -3.83 -17.14
CA ILE B 425 22.77 -2.92 -16.08
C ILE B 425 23.33 -1.54 -16.36
N VAL B 426 22.48 -0.52 -16.25
CA VAL B 426 22.81 0.87 -16.50
C VAL B 426 22.26 1.72 -15.36
N ILE B 427 23.06 2.67 -14.89
CA ILE B 427 22.64 3.58 -13.83
C ILE B 427 22.67 5.01 -14.35
N GLU B 428 21.77 5.83 -13.82
CA GLU B 428 21.67 7.24 -14.15
C GLU B 428 22.02 8.08 -12.93
N THR B 429 22.96 9.00 -13.11
CA THR B 429 23.46 9.80 -12.01
C THR B 429 23.22 11.28 -12.29
N VAL B 430 22.77 11.99 -11.26
CA VAL B 430 22.54 13.43 -11.35
C VAL B 430 23.23 14.07 -10.17
N GLN B 431 23.28 15.40 -10.19
CA GLN B 431 23.87 16.18 -9.11
C GLN B 431 22.83 16.48 -8.04
N CYS B 432 23.24 16.43 -6.80
CA CYS B 432 22.39 16.74 -5.66
C CYS B 432 22.89 18.01 -4.99
N ALA B 433 22.20 18.39 -3.92
CA ALA B 433 22.72 19.28 -2.89
C ALA B 433 23.61 20.41 -3.38
N ASP B 434 23.21 21.06 -4.47
CA ASP B 434 23.73 22.36 -4.93
C ASP B 434 25.19 22.59 -4.63
N ASP B 435 26.04 21.64 -5.00
CA ASP B 435 27.47 21.72 -4.76
C ASP B 435 28.21 21.11 -5.93
N ARG B 436 29.50 21.42 -5.99
CA ARG B 436 30.33 20.96 -7.08
C ARG B 436 30.49 19.43 -7.08
N ASP B 437 30.65 18.84 -5.89
CA ASP B 437 31.10 17.46 -5.73
C ASP B 437 30.03 16.49 -5.27
N ALA B 438 28.82 16.97 -4.96
CA ALA B 438 27.76 16.08 -4.46
C ALA B 438 26.99 15.50 -5.63
N VAL B 439 27.30 14.27 -6.00
CA VAL B 439 26.66 13.59 -7.11
C VAL B 439 26.06 12.31 -6.58
N CYS B 440 24.90 11.93 -7.11
CA CYS B 440 24.11 10.81 -6.59
C CYS B 440 23.75 9.90 -7.75
N THR B 441 22.83 8.97 -7.47
CA THR B 441 22.25 8.12 -8.49
C THR B 441 20.74 8.07 -8.30
N ARG B 442 19.99 8.06 -9.41
CA ARG B 442 18.54 8.04 -9.34
C ARG B 442 17.96 6.65 -9.58
N SER B 443 18.27 6.05 -10.72
CA SER B 443 17.51 4.92 -11.22
C SER B 443 18.44 3.87 -11.82
N VAL B 444 17.93 2.65 -11.93
CA VAL B 444 18.65 1.52 -12.48
C VAL B 444 17.76 0.84 -13.50
N THR B 445 18.30 0.51 -14.67
CA THR B 445 17.56 -0.21 -15.69
C THR B 445 18.29 -1.50 -16.02
N VAL B 446 17.56 -2.62 -15.98
CA VAL B 446 18.09 -3.94 -16.26
C VAL B 446 17.40 -4.47 -17.51
N ARG B 447 18.19 -5.00 -18.44
CA ARG B 447 17.66 -5.57 -19.67
C ARG B 447 17.97 -7.06 -19.70
N LEU B 448 16.95 -7.88 -19.84
CA LEU B 448 17.12 -9.33 -19.85
C LEU B 448 16.61 -9.87 -21.19
N PRO B 449 17.50 -10.18 -22.13
CA PRO B 449 17.05 -10.77 -23.40
C PRO B 449 16.39 -12.12 -23.24
N GLY B 450 16.56 -12.79 -22.10
CA GLY B 450 15.87 -14.04 -21.84
C GLY B 450 14.36 -13.89 -21.76
N LEU B 451 13.90 -12.82 -21.11
CA LEU B 451 12.47 -12.51 -21.03
C LEU B 451 12.09 -11.67 -22.26
N HIS B 452 12.12 -12.32 -23.41
CA HIS B 452 11.91 -11.65 -24.69
C HIS B 452 12.85 -10.46 -24.80
N ASN B 453 12.31 -9.27 -24.55
CA ASN B 453 13.11 -8.07 -24.34
C ASN B 453 12.44 -7.26 -23.25
N SER B 454 12.84 -7.49 -22.01
CA SER B 454 12.18 -6.84 -20.90
C SER B 454 13.04 -5.71 -20.38
N LEU B 455 12.39 -4.58 -20.11
CA LEU B 455 13.04 -3.43 -19.51
C LEU B 455 12.37 -3.19 -18.16
N VAL B 456 13.15 -3.31 -17.08
CA VAL B 456 12.65 -3.14 -15.72
C VAL B 456 13.34 -1.89 -15.18
N LYS B 457 12.56 -0.89 -14.79
CA LYS B 457 13.15 0.32 -14.24
C LYS B 457 12.91 0.40 -12.74
N LEU B 458 13.98 0.77 -12.03
CA LEU B 458 13.95 0.89 -10.57
C LEU B 458 14.05 2.37 -10.23
N LYS B 459 13.05 2.89 -9.53
CA LYS B 459 12.81 4.31 -9.44
C LYS B 459 13.24 4.85 -8.07
N HIS B 460 13.14 6.17 -7.92
CA HIS B 460 13.72 6.84 -6.76
C HIS B 460 13.02 6.44 -5.46
N GLY B 461 11.73 6.19 -5.51
CA GLY B 461 11.04 5.65 -4.36
C GLY B 461 11.36 4.17 -4.24
N ALA B 462 10.35 3.38 -3.93
CA ALA B 462 10.48 1.93 -4.03
C ALA B 462 9.77 1.39 -5.26
N GLY B 463 9.35 2.25 -6.17
CA GLY B 463 8.51 1.81 -7.26
C GLY B 463 9.28 1.02 -8.30
N VAL B 464 8.54 0.16 -9.00
CA VAL B 464 9.08 -0.65 -10.08
C VAL B 464 8.12 -0.55 -11.26
N ALA B 465 8.68 -0.42 -12.47
CA ALA B 465 7.86 -0.22 -13.65
C ALA B 465 8.45 -1.07 -14.77
N MET B 466 7.75 -2.13 -15.16
CA MET B 466 8.21 -3.02 -16.22
C MET B 466 7.53 -2.63 -17.52
N ASP B 467 8.35 -2.30 -18.53
CA ASP B 467 7.87 -1.88 -19.86
C ASP B 467 6.89 -0.72 -19.77
N GLY B 468 7.16 0.23 -18.88
CA GLY B 468 6.40 1.45 -18.80
C GLY B 468 5.22 1.39 -17.85
N GLN B 469 4.77 0.19 -17.49
CA GLN B 469 3.62 0.03 -16.61
C GLN B 469 4.09 -0.32 -15.22
N ASP B 470 3.61 0.41 -14.23
CA ASP B 470 3.95 0.09 -12.85
C ASP B 470 3.40 -1.28 -12.49
N VAL B 471 4.03 -1.93 -11.52
CA VAL B 471 3.57 -3.22 -11.06
C VAL B 471 3.41 -3.14 -9.55
N GLN B 472 2.59 -4.04 -9.01
CA GLN B 472 2.40 -4.18 -7.58
C GLN B 472 2.99 -5.50 -7.12
N LEU B 473 3.85 -5.45 -6.12
CA LEU B 473 4.65 -6.57 -5.70
C LEU B 473 3.85 -7.49 -4.79
N PRO B 474 4.20 -8.79 -4.74
CA PRO B 474 5.31 -9.45 -5.42
C PRO B 474 5.00 -9.85 -6.84
N LEU B 475 6.05 -9.94 -7.66
CA LEU B 475 5.93 -10.33 -9.05
C LEU B 475 6.61 -11.67 -9.24
N LEU B 476 5.95 -12.56 -9.98
CA LEU B 476 6.56 -13.80 -10.39
C LEU B 476 6.41 -13.91 -11.90
N LYS B 477 7.49 -14.32 -12.58
CA LYS B 477 7.50 -14.53 -14.02
C LYS B 477 8.32 -15.79 -14.26
N GLY B 478 8.81 -15.95 -15.50
CA GLY B 478 9.50 -17.17 -15.85
C GLY B 478 10.52 -17.58 -14.81
N ASP B 479 11.60 -16.80 -14.68
CA ASP B 479 12.57 -17.02 -13.63
C ASP B 479 12.78 -15.77 -12.79
N LEU B 480 11.91 -14.78 -12.91
CA LEU B 480 12.11 -13.44 -12.40
C LEU B 480 11.25 -13.22 -11.16
N ARG B 481 11.87 -12.77 -10.08
CA ARG B 481 11.14 -12.48 -8.84
C ARG B 481 11.57 -11.11 -8.32
N ILE B 482 10.59 -10.26 -8.03
CA ILE B 482 10.81 -8.99 -7.38
C ILE B 482 9.88 -8.95 -6.18
N GLN B 483 10.41 -8.55 -5.04
CA GLN B 483 9.56 -8.47 -3.84
C GLN B 483 10.09 -7.48 -2.84
N HIS B 484 9.20 -6.90 -2.04
CA HIS B 484 9.65 -6.06 -0.95
C HIS B 484 10.37 -6.90 0.08
N THR B 485 11.30 -6.28 0.77
CA THR B 485 12.03 -6.94 1.83
C THR B 485 11.67 -6.29 3.16
N VAL B 486 12.26 -6.80 4.22
CA VAL B 486 11.88 -6.35 5.56
C VAL B 486 12.18 -4.87 5.73
N THR B 487 13.34 -4.43 5.27
CA THR B 487 13.81 -3.08 5.54
C THR B 487 13.42 -2.11 4.43
N ALA B 488 12.17 -2.21 3.98
CA ALA B 488 11.61 -1.34 2.95
C ALA B 488 12.55 -1.16 1.78
N SER B 489 12.81 -2.25 1.07
CA SER B 489 13.70 -2.22 -0.09
C SER B 489 13.12 -3.16 -1.14
N VAL B 490 13.90 -3.48 -2.15
CA VAL B 490 13.45 -4.32 -3.26
C VAL B 490 14.54 -5.33 -3.59
N ARG B 491 14.12 -6.58 -3.77
CA ARG B 491 15.06 -7.69 -3.96
C ARG B 491 14.75 -8.40 -5.28
N LEU B 492 15.53 -8.11 -6.30
CA LEU B 492 15.39 -8.76 -7.61
C LEU B 492 16.22 -10.03 -7.68
N SER B 493 15.65 -11.08 -8.28
CA SER B 493 16.35 -12.34 -8.46
C SER B 493 16.14 -12.86 -9.87
N TYR B 494 17.21 -13.45 -10.41
CA TYR B 494 17.18 -14.19 -11.67
C TYR B 494 17.84 -15.53 -11.42
N GLY B 495 17.64 -16.46 -12.34
CA GLY B 495 17.80 -17.85 -11.95
C GLY B 495 19.16 -18.28 -11.44
N GLU B 496 19.28 -18.35 -10.13
CA GLU B 496 20.39 -18.99 -9.41
C GLU B 496 21.74 -18.33 -9.64
N ASP B 497 21.83 -17.29 -10.47
CA ASP B 497 23.11 -16.63 -10.66
C ASP B 497 23.09 -15.16 -10.28
N LEU B 498 22.07 -14.42 -10.72
CA LEU B 498 22.01 -12.98 -10.56
C LEU B 498 21.12 -12.58 -9.39
N GLN B 499 21.48 -11.47 -8.75
CA GLN B 499 20.74 -10.97 -7.60
C GLN B 499 21.10 -9.50 -7.39
N MET B 500 20.13 -8.71 -6.93
CA MET B 500 20.28 -7.26 -6.82
C MET B 500 19.54 -6.76 -5.60
N ASP B 501 19.98 -5.62 -5.07
CA ASP B 501 19.29 -4.87 -4.02
C ASP B 501 19.22 -3.41 -4.39
N TRP B 502 18.17 -2.73 -3.92
CA TRP B 502 17.95 -1.32 -4.23
C TRP B 502 16.97 -0.77 -3.22
N ASP B 503 17.33 0.31 -2.52
CA ASP B 503 16.41 0.95 -1.59
C ASP B 503 16.36 2.46 -1.82
N GLY B 504 15.63 2.89 -2.83
CA GLY B 504 15.18 4.27 -2.83
C GLY B 504 16.26 5.32 -3.00
N ARG B 505 17.06 5.49 -1.96
CA ARG B 505 18.04 6.58 -1.89
C ARG B 505 19.44 6.10 -2.31
N GLY B 506 19.52 5.60 -3.52
CA GLY B 506 20.79 5.36 -4.18
C GLY B 506 21.82 4.46 -3.54
N ARG B 507 21.44 3.24 -3.16
CA ARG B 507 22.41 2.24 -2.71
C ARG B 507 22.07 0.93 -3.43
N LEU B 508 22.99 0.42 -4.22
CA LEU B 508 22.77 -0.77 -5.01
C LEU B 508 23.86 -1.80 -4.73
N LEU B 509 23.44 -3.02 -4.38
CA LEU B 509 24.32 -4.17 -4.19
C LEU B 509 23.98 -5.25 -5.20
N VAL B 510 25.00 -5.79 -5.87
CA VAL B 510 24.78 -6.79 -6.91
C VAL B 510 25.64 -8.03 -6.70
N LYS B 511 25.01 -9.13 -6.29
CA LYS B 511 25.70 -10.39 -6.05
C LYS B 511 25.74 -11.23 -7.31
N LEU B 512 26.72 -12.12 -7.40
CA LEU B 512 26.94 -12.84 -8.64
C LEU B 512 27.50 -14.22 -8.32
N SER B 513 27.03 -15.22 -9.05
CA SER B 513 27.46 -16.60 -8.86
C SER B 513 28.80 -16.86 -9.55
N PRO B 514 29.59 -17.82 -9.03
CA PRO B 514 30.94 -18.03 -9.59
C PRO B 514 30.96 -18.56 -11.01
N VAL B 515 29.79 -18.67 -11.64
CA VAL B 515 29.75 -19.12 -13.03
C VAL B 515 30.31 -18.06 -13.95
N TYR B 516 29.96 -16.79 -13.73
CA TYR B 516 30.50 -15.70 -14.54
C TYR B 516 31.92 -15.35 -14.11
N ALA B 517 32.72 -16.37 -13.92
CA ALA B 517 34.02 -16.21 -13.30
C ALA B 517 34.96 -15.30 -14.08
N GLY B 518 34.77 -15.18 -15.39
CA GLY B 518 35.67 -14.35 -16.15
C GLY B 518 34.99 -13.66 -17.30
N LYS B 519 33.67 -13.79 -17.40
CA LYS B 519 32.93 -13.25 -18.54
C LYS B 519 32.12 -12.06 -18.05
N THR B 520 32.76 -10.88 -18.08
CA THR B 520 32.10 -9.63 -17.69
C THR B 520 32.97 -8.48 -18.16
N CYS B 521 32.35 -7.45 -18.70
CA CYS B 521 33.02 -6.18 -18.98
C CYS B 521 32.09 -5.08 -18.49
N GLY B 522 32.64 -4.07 -17.83
CA GLY B 522 31.81 -2.97 -17.42
C GLY B 522 32.55 -2.04 -16.50
N LEU B 523 31.81 -1.10 -15.92
CA LEU B 523 32.41 -0.19 -14.97
C LEU B 523 32.91 -0.90 -13.73
N CYS B 524 32.30 -2.03 -13.36
CA CYS B 524 32.79 -2.86 -12.27
C CYS B 524 34.01 -3.69 -12.66
N GLY B 525 34.23 -3.91 -13.95
CA GLY B 525 35.39 -4.66 -14.41
C GLY B 525 35.14 -6.16 -14.48
N ASN B 526 36.09 -6.84 -15.10
CA ASN B 526 36.08 -8.28 -15.23
C ASN B 526 36.23 -8.96 -13.88
N TYR B 527 35.73 -10.18 -13.79
CA TYR B 527 35.52 -10.85 -12.52
C TYR B 527 36.56 -11.93 -12.25
N ASN B 528 37.76 -11.77 -12.79
CA ASN B 528 38.85 -12.66 -12.39
C ASN B 528 39.37 -12.20 -11.02
N GLY B 529 40.36 -12.91 -10.49
CA GLY B 529 40.77 -12.63 -9.13
C GLY B 529 41.71 -11.47 -8.95
N ASN B 530 42.06 -10.77 -10.02
CA ASN B 530 43.09 -9.74 -9.98
C ASN B 530 42.44 -8.35 -10.05
N GLN B 531 42.74 -7.51 -9.05
CA GLN B 531 42.33 -6.11 -9.05
C GLN B 531 43.39 -5.19 -9.64
N GLY B 532 44.48 -5.74 -10.12
CA GLY B 532 45.51 -4.95 -10.74
C GLY B 532 45.26 -4.63 -12.18
N ASP B 533 44.10 -4.98 -12.70
CA ASP B 533 43.71 -4.64 -14.07
C ASP B 533 42.23 -4.32 -14.13
N ASP B 534 41.71 -3.62 -13.13
CA ASP B 534 40.30 -3.31 -13.12
C ASP B 534 39.97 -2.01 -13.82
N PHE B 535 40.95 -1.38 -14.48
CA PHE B 535 40.65 -0.14 -15.17
C PHE B 535 40.77 -0.41 -16.67
N LEU B 536 40.22 -1.54 -17.10
CA LEU B 536 40.41 -2.06 -18.44
C LEU B 536 39.29 -1.53 -19.34
N THR B 537 39.62 -0.54 -20.15
CA THR B 537 38.66 0.16 -21.00
C THR B 537 38.16 -0.78 -22.10
N PRO B 538 37.04 -0.47 -22.76
CA PRO B 538 36.58 -1.34 -23.84
C PRO B 538 37.58 -1.50 -24.97
N SER B 539 38.48 -0.56 -25.15
CA SER B 539 39.49 -0.67 -26.19
C SER B 539 40.40 -1.85 -25.94
N GLY B 540 40.76 -2.11 -24.69
CA GLY B 540 41.57 -3.25 -24.36
C GLY B 540 42.72 -2.97 -23.42
N LEU B 541 43.06 -1.69 -23.26
CA LEU B 541 44.17 -1.28 -22.42
C LEU B 541 43.67 -0.77 -21.07
N ALA B 542 44.62 -0.53 -20.16
CA ALA B 542 44.32 -0.01 -18.85
C ALA B 542 44.79 1.43 -18.73
N GLU B 543 43.95 2.25 -18.20
CA GLU B 543 44.25 3.64 -17.90
C GLU B 543 44.94 3.77 -16.56
N PRO B 544 45.75 4.81 -16.39
CA PRO B 544 46.31 5.09 -15.07
C PRO B 544 45.44 6.01 -14.24
N ARG B 545 44.54 6.75 -14.86
CA ARG B 545 43.68 7.70 -14.15
C ARG B 545 42.25 7.19 -14.08
N VAL B 546 41.51 7.67 -13.08
CA VAL B 546 40.11 7.31 -12.96
C VAL B 546 39.23 8.24 -13.78
N GLU B 547 39.68 9.46 -14.08
CA GLU B 547 38.88 10.35 -14.92
C GLU B 547 38.76 9.78 -16.33
N ASP B 548 39.86 9.32 -16.91
CA ASP B 548 39.82 8.80 -18.26
C ASP B 548 39.18 7.42 -18.33
N PHE B 549 39.26 6.65 -17.26
CA PHE B 549 38.61 5.35 -17.22
C PHE B 549 37.10 5.49 -17.28
N GLY B 550 36.54 6.40 -16.48
CA GLY B 550 35.10 6.47 -16.37
C GLY B 550 34.40 7.11 -17.55
N ASN B 551 35.10 7.93 -18.31
CA ASN B 551 34.47 8.58 -19.46
C ASN B 551 34.29 7.64 -20.64
N ALA B 552 34.96 6.49 -20.62
CA ALA B 552 34.87 5.53 -21.71
C ALA B 552 33.67 4.63 -21.60
N TRP B 553 32.84 4.80 -20.58
CA TRP B 553 31.63 4.02 -20.43
C TRP B 553 30.38 4.88 -20.49
N LYS B 554 30.44 6.04 -21.13
CA LYS B 554 29.24 6.79 -21.41
C LYS B 554 28.40 6.06 -22.45
N LEU B 555 27.13 6.45 -22.53
CA LEU B 555 26.28 6.05 -23.64
C LEU B 555 25.82 7.24 -24.45
N HIS B 556 26.09 8.47 -24.01
CA HIS B 556 25.56 9.65 -24.66
C HIS B 556 26.69 10.65 -24.87
N GLY B 557 26.89 11.06 -26.12
CA GLY B 557 28.05 11.86 -26.47
C GLY B 557 27.96 13.33 -26.15
N ASP B 558 26.82 13.79 -25.66
CA ASP B 558 26.65 15.18 -25.25
C ASP B 558 26.97 15.41 -23.79
N CYS B 559 27.23 14.36 -23.03
CA CYS B 559 27.64 14.51 -21.64
C CYS B 559 29.08 15.02 -21.58
N GLN B 560 29.30 16.03 -20.74
CA GLN B 560 30.64 16.60 -20.62
C GLN B 560 31.55 15.69 -19.81
N ASP B 561 32.75 15.47 -20.34
CA ASP B 561 33.75 14.64 -19.67
C ASP B 561 34.31 15.44 -18.50
N LEU B 562 34.32 14.86 -17.31
CA LEU B 562 34.81 15.62 -16.18
C LEU B 562 36.32 15.68 -16.20
N GLN B 563 36.85 16.81 -15.73
CA GLN B 563 38.27 17.01 -15.54
C GLN B 563 38.61 16.60 -14.11
N LYS B 564 39.77 17.02 -13.63
CA LYS B 564 40.36 16.53 -12.39
C LYS B 564 39.33 16.34 -11.28
N GLN B 565 39.31 15.13 -10.73
CA GLN B 565 38.54 14.83 -9.54
C GLN B 565 39.16 15.53 -8.33
N HIS B 566 38.30 15.98 -7.42
CA HIS B 566 38.75 16.75 -6.26
C HIS B 566 38.53 15.97 -4.98
N SER B 567 39.56 15.91 -4.15
CA SER B 567 39.54 14.99 -3.01
C SER B 567 38.90 15.59 -1.77
N ASP B 568 39.14 16.88 -1.49
CA ASP B 568 38.67 17.47 -0.24
C ASP B 568 37.52 18.42 -0.54
N PRO B 569 36.30 18.10 -0.16
CA PRO B 569 35.16 18.96 -0.49
C PRO B 569 35.00 20.10 0.50
N CYS B 570 35.43 19.86 1.74
CA CYS B 570 35.35 20.86 2.80
C CYS B 570 36.61 21.70 2.89
N ALA B 571 37.28 21.88 1.77
CA ALA B 571 38.08 23.07 1.54
C ALA B 571 37.23 24.22 1.01
N LEU B 572 35.98 23.94 0.66
CA LEU B 572 35.04 24.95 0.18
C LEU B 572 33.98 25.30 1.22
N ASN B 573 33.78 24.47 2.22
CA ASN B 573 32.87 24.74 3.33
C ASN B 573 33.62 24.55 4.63
N PRO B 574 34.51 25.48 4.97
CA PRO B 574 35.33 25.29 6.17
C PRO B 574 34.55 25.30 7.46
N ARG B 575 33.29 25.74 7.47
CA ARG B 575 32.51 25.69 8.70
C ARG B 575 32.36 24.26 9.20
N MET B 576 32.15 23.32 8.30
CA MET B 576 31.96 21.92 8.68
C MET B 576 33.24 21.13 8.38
N THR B 577 34.26 21.44 9.14
CA THR B 577 35.47 20.63 9.18
C THR B 577 35.65 19.93 10.51
N ARG B 578 35.33 20.60 11.61
CA ARG B 578 35.41 19.95 12.90
C ARG B 578 34.41 18.81 13.02
N PHE B 579 33.18 19.03 12.54
CA PHE B 579 32.13 18.03 12.70
C PHE B 579 32.46 16.77 11.91
N SER B 580 33.01 16.92 10.70
CA SER B 580 33.26 15.74 9.88
C SER B 580 34.33 14.85 10.50
N GLU B 581 35.43 15.44 10.98
CA GLU B 581 36.46 14.63 11.60
C GLU B 581 35.99 14.06 12.92
N GLU B 582 35.30 14.85 13.73
CA GLU B 582 34.85 14.35 15.02
C GLU B 582 33.85 13.20 14.87
N ALA B 583 32.87 13.35 13.98
CA ALA B 583 31.81 12.36 13.92
C ALA B 583 32.27 11.08 13.24
N CYS B 584 32.91 11.20 12.09
CA CYS B 584 33.38 10.04 11.35
C CYS B 584 34.65 9.49 11.99
N ALA B 585 34.60 9.28 13.30
CA ALA B 585 35.72 8.71 14.03
C ALA B 585 35.31 7.51 14.86
N VAL B 586 34.02 7.18 14.90
CA VAL B 586 33.57 5.98 15.58
C VAL B 586 34.18 4.74 14.94
N LEU B 587 34.55 4.82 13.66
CA LEU B 587 35.00 3.64 12.95
C LEU B 587 36.34 3.15 13.48
N THR B 588 37.18 4.07 13.94
CA THR B 588 38.42 3.68 14.65
C THR B 588 38.23 3.87 16.15
N SER B 589 37.32 3.09 16.72
CA SER B 589 36.99 3.22 18.13
C SER B 589 36.60 1.87 18.68
N PRO B 590 36.70 1.66 19.99
CA PRO B 590 36.41 0.33 20.56
C PRO B 590 35.01 -0.16 20.32
N THR B 591 34.08 0.69 19.87
CA THR B 591 32.74 0.20 19.54
C THR B 591 32.80 -0.81 18.41
N PHE B 592 33.68 -0.59 17.44
CA PHE B 592 33.81 -1.42 16.27
C PHE B 592 34.98 -2.40 16.36
N GLU B 593 35.58 -2.57 17.54
CA GLU B 593 36.89 -3.22 17.61
C GLU B 593 36.86 -4.66 17.12
N ALA B 594 35.72 -5.32 17.24
CA ALA B 594 35.63 -6.71 16.79
C ALA B 594 35.86 -6.82 15.30
N CYS B 595 35.34 -5.86 14.54
CA CYS B 595 35.38 -5.93 13.08
C CYS B 595 36.67 -5.40 12.49
N HIS B 596 37.56 -4.82 13.28
CA HIS B 596 38.81 -4.31 12.71
C HIS B 596 39.68 -5.40 12.13
N ARG B 597 39.44 -6.66 12.47
CA ARG B 597 40.29 -7.74 11.99
C ARG B 597 39.62 -8.49 10.84
N ALA B 598 38.42 -8.08 10.46
CA ALA B 598 37.67 -8.72 9.39
C ALA B 598 37.71 -7.92 8.11
N VAL B 599 37.41 -6.62 8.17
CA VAL B 599 37.57 -5.72 7.04
C VAL B 599 38.26 -4.45 7.53
N SER B 600 39.26 -4.02 6.80
CA SER B 600 40.02 -2.83 7.16
C SER B 600 39.16 -1.59 7.03
N PRO B 601 39.07 -0.77 8.06
CA PRO B 601 38.22 0.41 7.95
C PRO B 601 38.91 1.61 7.34
N LEU B 602 39.75 1.38 6.34
CA LEU B 602 40.47 2.49 5.74
C LEU B 602 39.64 3.20 4.68
N PRO B 603 39.13 2.51 3.65
CA PRO B 603 38.28 3.23 2.69
C PRO B 603 37.01 3.76 3.30
N TYR B 604 36.43 3.04 4.25
CA TYR B 604 35.15 3.41 4.85
C TYR B 604 35.25 4.66 5.71
N LEU B 605 36.44 5.11 6.06
CA LEU B 605 36.61 6.31 6.87
C LEU B 605 36.66 7.56 6.00
N ARG B 606 37.48 7.50 4.96
CA ARG B 606 37.53 8.63 4.03
C ARG B 606 36.21 8.77 3.27
N ASN B 607 35.49 7.67 3.04
CA ASN B 607 34.16 7.81 2.48
C ASN B 607 33.25 8.60 3.42
N CYS B 608 33.31 8.33 4.72
CA CYS B 608 32.48 9.08 5.67
C CYS B 608 32.85 10.56 5.67
N ARG B 609 34.14 10.86 5.68
CA ARG B 609 34.56 12.26 5.68
C ARG B 609 34.06 12.98 4.45
N TYR B 610 34.24 12.38 3.27
CA TYR B 610 33.77 12.98 2.03
C TYR B 610 32.26 13.19 2.05
N ASP B 611 31.51 12.17 2.48
CA ASP B 611 30.06 12.28 2.49
C ASP B 611 29.58 13.42 3.38
N VAL B 612 30.16 13.54 4.58
CA VAL B 612 29.65 14.57 5.48
C VAL B 612 30.08 15.96 5.02
N CYS B 613 31.32 16.13 4.57
CA CYS B 613 31.73 17.46 4.11
C CYS B 613 30.95 17.90 2.88
N SER B 614 30.58 16.96 2.01
CA SER B 614 30.02 17.33 0.72
C SER B 614 28.51 17.53 0.74
N CYS B 615 27.75 16.54 1.19
CA CYS B 615 26.31 16.55 0.99
C CYS B 615 25.64 17.61 1.86
N SER B 616 24.42 17.98 1.44
CA SER B 616 23.71 19.06 2.13
C SER B 616 23.23 18.64 3.50
N ASP B 617 22.57 17.50 3.60
CA ASP B 617 21.99 17.03 4.86
C ASP B 617 22.96 16.04 5.48
N GLY B 618 23.87 16.52 6.29
CA GLY B 618 24.85 15.63 6.88
C GLY B 618 24.34 14.76 8.00
N ARG B 619 23.14 15.02 8.51
CA ARG B 619 22.58 14.18 9.55
C ARG B 619 22.35 12.76 9.06
N GLU B 620 21.77 12.62 7.86
CA GLU B 620 21.53 11.32 7.27
C GLU B 620 22.65 10.87 6.34
N CYS B 621 23.61 11.73 6.01
CA CYS B 621 24.80 11.25 5.34
C CYS B 621 25.73 10.56 6.30
N LEU B 622 25.71 10.95 7.57
CA LEU B 622 26.56 10.30 8.57
C LEU B 622 26.15 8.85 8.79
N CYS B 623 24.88 8.62 9.05
CA CYS B 623 24.42 7.27 9.31
C CYS B 623 24.07 6.49 8.06
N GLY B 624 24.12 7.13 6.88
CA GLY B 624 24.20 6.35 5.67
C GLY B 624 25.59 5.83 5.40
N ALA B 625 26.59 6.39 6.06
CA ALA B 625 27.97 5.96 5.93
C ALA B 625 28.40 5.00 7.01
N LEU B 626 27.91 5.19 8.24
CA LEU B 626 28.23 4.24 9.30
C LEU B 626 27.63 2.87 9.03
N ALA B 627 26.38 2.83 8.60
CA ALA B 627 25.69 1.55 8.43
C ALA B 627 26.28 0.71 7.30
N SER B 628 26.91 1.35 6.31
CA SER B 628 27.55 0.58 5.26
C SER B 628 28.68 -0.28 5.82
N TYR B 629 29.47 0.27 6.72
CA TYR B 629 30.52 -0.52 7.36
C TYR B 629 29.93 -1.67 8.15
N ALA B 630 28.89 -1.42 8.94
CA ALA B 630 28.30 -2.48 9.74
C ALA B 630 27.74 -3.59 8.88
N ALA B 631 27.14 -3.22 7.74
CA ALA B 631 26.65 -4.23 6.81
C ALA B 631 27.81 -5.02 6.20
N ALA B 632 28.91 -4.35 5.89
CA ALA B 632 30.07 -5.07 5.37
C ALA B 632 30.62 -6.05 6.39
N CYS B 633 30.63 -5.66 7.66
CA CYS B 633 31.09 -6.57 8.72
C CYS B 633 30.20 -7.80 8.81
N ALA B 634 28.88 -7.62 8.74
CA ALA B 634 27.96 -8.73 8.94
C ALA B 634 28.13 -9.80 7.88
N GLY B 635 28.55 -9.43 6.67
CA GLY B 635 28.86 -10.42 5.66
C GLY B 635 30.03 -11.31 6.01
N ARG B 636 30.85 -10.89 6.96
CA ARG B 636 31.95 -11.70 7.47
C ARG B 636 31.65 -12.34 8.82
N GLY B 637 30.41 -12.22 9.29
CA GLY B 637 29.99 -12.87 10.52
C GLY B 637 30.03 -11.99 11.75
N VAL B 638 30.64 -10.82 11.69
CA VAL B 638 30.78 -9.99 12.89
C VAL B 638 29.49 -9.24 13.15
N ARG B 639 28.95 -9.39 14.35
CA ARG B 639 27.77 -8.67 14.78
C ARG B 639 28.17 -7.53 15.70
N VAL B 640 27.57 -6.37 15.49
CA VAL B 640 27.96 -5.16 16.22
C VAL B 640 26.73 -4.31 16.41
N ALA B 641 26.64 -3.65 17.57
CA ALA B 641 25.46 -2.88 17.93
C ALA B 641 25.53 -1.46 17.39
N TRP B 642 26.53 -0.70 17.83
CA TRP B 642 26.95 0.61 17.33
C TRP B 642 25.82 1.64 17.34
N ARG B 643 24.64 1.28 17.84
CA ARG B 643 23.50 2.17 17.84
C ARG B 643 23.10 2.47 19.27
N GLU B 644 22.91 3.75 19.55
CA GLU B 644 22.61 4.26 20.88
C GLU B 644 21.66 5.45 20.72
N PRO B 645 20.95 5.83 21.77
CA PRO B 645 20.21 7.09 21.73
C PRO B 645 21.18 8.25 21.57
N GLY B 646 21.00 9.02 20.51
CA GLY B 646 21.95 10.02 20.09
C GLY B 646 22.59 9.76 18.74
N ARG B 647 22.17 8.72 18.04
CA ARG B 647 22.62 8.44 16.68
C ARG B 647 21.38 8.08 15.88
N CYS B 648 21.58 7.53 14.68
CA CYS B 648 20.45 7.17 13.83
C CYS B 648 19.91 5.82 14.25
N GLU B 649 19.06 5.81 15.27
CA GLU B 649 18.31 4.61 15.57
C GLU B 649 17.04 4.57 14.74
N LEU B 650 16.58 3.36 14.44
CA LEU B 650 15.78 3.13 13.23
C LEU B 650 14.45 3.86 13.24
N ASN B 651 13.98 4.33 14.40
CA ASN B 651 12.69 5.02 14.50
C ASN B 651 11.56 4.14 13.97
N CYS B 652 11.47 2.92 14.50
CA CYS B 652 10.50 1.97 13.98
C CYS B 652 9.09 2.45 14.28
N PRO B 653 8.14 2.24 13.37
CA PRO B 653 6.75 2.61 13.63
C PRO B 653 6.18 1.85 14.82
N LYS B 654 5.19 2.46 15.47
CA LYS B 654 4.59 1.88 16.65
C LYS B 654 3.89 0.56 16.31
N GLY B 655 3.80 -0.32 17.29
CA GLY B 655 3.28 -1.65 17.09
C GLY B 655 4.28 -2.64 16.54
N GLN B 656 5.52 -2.22 16.33
CA GLN B 656 6.57 -3.08 15.83
C GLN B 656 7.78 -2.99 16.75
N VAL B 657 8.73 -3.90 16.54
CA VAL B 657 9.90 -4.02 17.41
C VAL B 657 11.15 -3.91 16.56
N TYR B 658 12.12 -3.12 17.02
CA TYR B 658 13.39 -2.94 16.32
C TYR B 658 14.29 -4.16 16.41
N LEU B 659 13.91 -5.16 17.19
CA LEU B 659 14.81 -6.23 17.63
C LEU B 659 15.73 -6.74 16.53
N GLN B 660 16.92 -7.17 16.93
CA GLN B 660 17.95 -7.66 16.03
C GLN B 660 17.43 -8.98 15.41
N CYS B 661 18.32 -9.68 14.70
CA CYS B 661 17.98 -10.73 13.74
C CYS B 661 16.74 -11.54 14.10
N GLY B 662 15.81 -11.65 13.15
CA GLY B 662 14.56 -12.36 13.40
C GLY B 662 14.18 -13.35 12.32
N THR B 663 15.14 -13.75 11.48
CA THR B 663 15.02 -14.79 10.46
C THR B 663 13.65 -14.79 9.78
N PRO B 664 13.38 -13.81 8.92
CA PRO B 664 12.03 -13.64 8.39
C PRO B 664 11.71 -14.67 7.32
N CYS B 665 10.99 -15.71 7.71
CA CYS B 665 10.28 -16.58 6.79
C CYS B 665 8.78 -16.53 7.06
N ASN B 666 8.35 -15.67 7.98
CA ASN B 666 6.97 -15.45 8.38
C ASN B 666 6.86 -13.98 8.73
N LEU B 667 5.85 -13.61 9.53
CA LEU B 667 5.51 -12.21 9.82
C LEU B 667 4.74 -11.57 8.65
N THR B 668 4.38 -12.36 7.66
CA THR B 668 3.48 -11.90 6.62
C THR B 668 2.39 -12.95 6.47
N CYS B 669 1.14 -12.51 6.44
CA CYS B 669 0.05 -13.47 6.32
C CYS B 669 0.04 -14.18 4.98
N ARG B 670 0.80 -13.71 4.00
CA ARG B 670 0.98 -14.49 2.78
C ARG B 670 1.59 -15.84 3.08
N SER B 671 2.61 -15.87 3.94
CA SER B 671 3.35 -17.09 4.21
C SER B 671 2.49 -18.18 4.80
N LEU B 672 1.36 -17.83 5.40
CA LEU B 672 0.43 -18.81 5.94
C LEU B 672 -0.36 -19.50 4.85
N SER B 673 -0.77 -18.78 3.82
CA SER B 673 -1.51 -19.40 2.74
C SER B 673 -0.61 -20.19 1.80
N TYR B 674 0.64 -19.77 1.64
CA TYR B 674 1.61 -20.50 0.85
C TYR B 674 2.72 -20.97 1.78
N PRO B 675 2.61 -22.16 2.36
CA PRO B 675 3.57 -22.59 3.39
C PRO B 675 4.76 -23.38 2.87
N ASP B 676 4.87 -23.58 1.55
CA ASP B 676 5.82 -24.53 0.98
C ASP B 676 6.54 -23.91 -0.20
N GLU B 677 7.01 -22.67 -0.06
CA GLU B 677 7.72 -22.02 -1.14
C GLU B 677 9.23 -22.04 -0.92
N GLU B 678 9.71 -21.56 0.22
CA GLU B 678 11.13 -21.46 0.50
C GLU B 678 11.36 -20.95 1.93
N CYS B 679 12.44 -21.38 2.57
CA CYS B 679 12.93 -20.71 3.78
C CYS B 679 14.45 -20.89 3.84
N ASN B 680 15.17 -19.93 3.28
CA ASN B 680 16.63 -19.87 3.41
C ASN B 680 16.99 -18.38 3.43
N GLU B 681 17.05 -17.81 4.63
CA GLU B 681 17.27 -16.38 4.80
C GLU B 681 18.32 -16.17 5.86
N ALA B 682 19.08 -15.09 5.71
CA ALA B 682 20.08 -14.71 6.70
C ALA B 682 19.50 -13.67 7.64
N CYS B 683 20.32 -13.14 8.54
CA CYS B 683 19.91 -12.14 9.51
C CYS B 683 19.88 -10.78 8.85
N LEU B 684 18.96 -9.92 9.30
CA LEU B 684 18.69 -8.69 8.56
C LEU B 684 18.56 -7.41 9.41
N GLU B 685 18.29 -7.51 10.70
CA GLU B 685 18.06 -6.33 11.52
C GLU B 685 16.95 -5.46 10.94
N GLY B 686 15.70 -5.90 11.06
CA GLY B 686 14.57 -5.13 10.56
C GLY B 686 13.62 -4.71 11.66
N CYS B 687 12.43 -4.30 11.24
CA CYS B 687 11.32 -4.14 12.16
C CYS B 687 10.46 -5.39 12.13
N PHE B 688 10.14 -5.90 13.32
CA PHE B 688 9.39 -7.15 13.43
C PHE B 688 8.27 -7.02 14.45
N CYS B 689 7.67 -8.12 14.85
CA CYS B 689 6.53 -8.15 15.75
C CYS B 689 6.72 -9.19 16.84
N PRO B 690 6.00 -9.06 17.96
CA PRO B 690 6.17 -10.01 19.04
C PRO B 690 5.77 -11.40 18.60
N PRO B 691 6.41 -12.43 19.15
CA PRO B 691 6.25 -13.78 18.60
C PRO B 691 4.91 -14.41 18.94
N GLY B 692 3.82 -13.72 18.64
CA GLY B 692 2.53 -14.39 18.61
C GLY B 692 1.63 -13.83 17.52
N LEU B 693 2.16 -12.89 16.75
CA LEU B 693 1.36 -12.03 15.89
C LEU B 693 1.94 -12.04 14.48
N TYR B 694 1.13 -11.52 13.55
CA TYR B 694 1.53 -11.41 12.15
C TYR B 694 1.15 -10.02 11.65
N MET B 695 1.69 -9.66 10.49
CA MET B 695 1.43 -8.37 9.89
C MET B 695 0.26 -8.43 8.93
N ASP B 696 -0.52 -7.36 8.90
CA ASP B 696 -1.69 -7.27 8.04
C ASP B 696 -1.29 -6.74 6.67
N GLU B 697 -2.22 -6.85 5.72
CA GLU B 697 -1.95 -6.39 4.36
C GLU B 697 -1.67 -4.90 4.34
N ARG B 698 -2.46 -4.11 5.06
CA ARG B 698 -2.27 -2.66 4.99
C ARG B 698 -1.15 -2.17 5.90
N GLY B 699 -0.62 -3.03 6.77
CA GLY B 699 0.57 -2.66 7.53
C GLY B 699 0.50 -2.85 9.02
N ASP B 700 -0.69 -3.06 9.57
CA ASP B 700 -0.81 -3.25 11.01
C ASP B 700 -0.39 -4.67 11.40
N CYS B 701 -0.02 -4.83 12.66
CA CYS B 701 0.48 -6.11 13.13
C CYS B 701 -0.35 -6.68 14.26
N VAL B 702 -1.53 -6.15 14.52
CA VAL B 702 -2.45 -6.67 15.53
C VAL B 702 -2.93 -8.10 15.27
N PRO B 703 -3.23 -8.54 14.05
CA PRO B 703 -3.99 -9.79 13.91
C PRO B 703 -3.24 -11.02 14.40
N LYS B 704 -4.02 -12.03 14.78
CA LYS B 704 -3.51 -13.35 15.16
C LYS B 704 -4.11 -14.43 14.27
N ALA B 705 -5.41 -14.63 14.37
CA ALA B 705 -6.23 -15.44 13.49
C ALA B 705 -7.34 -14.58 12.93
N GLN B 706 -6.99 -13.31 12.75
CA GLN B 706 -7.85 -12.29 12.16
C GLN B 706 -7.27 -11.79 10.85
N CYS B 707 -6.43 -12.58 10.19
CA CYS B 707 -5.83 -11.97 9.03
C CYS B 707 -6.18 -12.76 7.79
N PRO B 708 -6.34 -12.10 6.66
CA PRO B 708 -7.11 -12.68 5.56
C PRO B 708 -6.44 -13.83 4.85
N CYS B 709 -7.18 -14.42 3.92
CA CYS B 709 -6.75 -15.57 3.16
C CYS B 709 -6.47 -15.12 1.74
N TYR B 710 -5.43 -15.68 1.13
CA TYR B 710 -5.09 -15.39 -0.26
C TYR B 710 -5.44 -16.59 -1.11
N TYR B 711 -5.91 -16.33 -2.32
CA TYR B 711 -6.27 -17.40 -3.23
C TYR B 711 -5.94 -16.96 -4.64
N ASP B 712 -6.49 -17.61 -5.66
CA ASP B 712 -5.84 -17.56 -6.96
C ASP B 712 -5.88 -16.16 -7.58
N GLY B 713 -5.03 -15.28 -7.07
CA GLY B 713 -5.06 -13.89 -7.46
C GLY B 713 -5.79 -13.01 -6.46
N GLU B 714 -7.00 -13.40 -6.05
CA GLU B 714 -7.83 -12.59 -5.19
C GLU B 714 -7.37 -12.57 -3.74
N ILE B 715 -8.14 -11.90 -2.88
CA ILE B 715 -7.95 -11.89 -1.44
C ILE B 715 -9.31 -12.08 -0.79
N PHE B 716 -9.43 -13.10 0.08
CA PHE B 716 -10.67 -13.31 0.82
C PHE B 716 -10.58 -12.84 2.26
N GLN B 717 -11.55 -13.18 3.06
CA GLN B 717 -11.67 -12.57 4.38
C GLN B 717 -11.91 -13.70 5.38
N PRO B 718 -11.62 -13.53 6.67
CA PRO B 718 -11.89 -14.63 7.61
C PRO B 718 -13.34 -15.08 7.59
N GLU B 719 -13.54 -16.39 7.72
CA GLU B 719 -14.84 -17.05 7.78
C GLU B 719 -15.66 -16.94 6.51
N ASP B 720 -15.06 -17.07 5.34
CA ASP B 720 -15.81 -16.99 4.09
C ASP B 720 -15.91 -18.34 3.40
N ILE B 721 -16.96 -18.50 2.61
CA ILE B 721 -17.29 -19.73 1.90
C ILE B 721 -17.54 -19.37 0.44
N PHE B 722 -17.22 -20.29 -0.47
CA PHE B 722 -17.71 -20.15 -1.83
C PHE B 722 -17.64 -21.49 -2.53
N SER B 723 -18.40 -21.66 -3.60
CA SER B 723 -18.55 -22.94 -4.26
C SER B 723 -18.96 -22.71 -5.72
N ASP B 724 -18.03 -22.87 -6.65
CA ASP B 724 -18.43 -22.57 -8.01
C ASP B 724 -19.06 -23.74 -8.75
N HIS B 725 -18.25 -24.70 -9.18
CA HIS B 725 -18.81 -25.87 -9.86
C HIS B 725 -17.93 -27.11 -9.68
N HIS B 726 -16.77 -26.95 -9.05
CA HIS B 726 -15.74 -27.97 -9.06
C HIS B 726 -15.30 -28.25 -7.64
N THR B 727 -15.22 -27.20 -6.84
CA THR B 727 -14.56 -27.25 -5.56
C THR B 727 -15.46 -26.58 -4.52
N MET B 728 -15.24 -26.92 -3.27
CA MET B 728 -15.81 -26.18 -2.16
C MET B 728 -14.67 -25.71 -1.27
N CYS B 729 -14.61 -24.41 -1.00
CA CYS B 729 -13.51 -23.84 -0.27
C CYS B 729 -14.05 -22.96 0.84
N TYR B 730 -13.44 -23.04 2.01
CA TYR B 730 -13.68 -22.01 3.03
C TYR B 730 -12.31 -21.51 3.42
N CYS B 731 -12.17 -20.70 4.47
CA CYS B 731 -10.79 -20.45 4.91
C CYS B 731 -10.78 -20.20 6.41
N GLU B 732 -10.16 -21.13 7.14
CA GLU B 732 -9.93 -21.07 8.57
C GLU B 732 -8.46 -20.75 8.82
N ASP B 733 -8.21 -19.97 9.86
CA ASP B 733 -6.85 -19.48 10.18
C ASP B 733 -6.35 -18.65 9.00
N GLY B 734 -5.19 -18.97 8.43
CA GLY B 734 -4.70 -18.18 7.32
C GLY B 734 -4.65 -18.93 6.00
N PHE B 735 -5.11 -20.17 6.01
CA PHE B 735 -5.02 -21.06 4.85
C PHE B 735 -6.43 -21.26 4.30
N MET B 736 -6.56 -21.95 3.17
CA MET B 736 -7.89 -22.20 2.60
C MET B 736 -8.62 -23.41 3.15
N HIS B 737 -8.11 -24.61 2.89
CA HIS B 737 -8.85 -25.87 3.03
C HIS B 737 -9.88 -26.01 1.91
N CYS B 738 -9.45 -25.84 0.67
CA CYS B 738 -10.27 -26.25 -0.44
C CYS B 738 -10.41 -27.76 -0.47
N THR B 739 -11.59 -28.24 -0.83
CA THR B 739 -11.87 -29.67 -0.95
C THR B 739 -12.26 -29.96 -2.40
N MET B 740 -12.77 -31.14 -2.72
CA MET B 740 -13.14 -31.50 -4.07
C MET B 740 -12.01 -31.22 -5.06
N CYS B 767 15.13 15.70 -44.24
CA CYS B 767 16.37 16.13 -43.59
C CYS B 767 17.28 16.98 -44.47
N ARG B 768 18.48 16.45 -44.67
CA ARG B 768 19.61 17.16 -45.26
C ARG B 768 20.61 16.12 -45.73
N PRO B 769 21.25 16.32 -46.88
CA PRO B 769 22.10 15.25 -47.45
C PRO B 769 23.27 14.95 -46.54
N PRO B 770 23.89 13.76 -46.68
CA PRO B 770 23.60 12.72 -47.67
C PRO B 770 22.63 11.62 -47.24
N MET B 771 22.02 11.70 -46.06
CA MET B 771 21.23 10.58 -45.54
C MET B 771 19.89 11.07 -45.02
N VAL B 772 18.87 10.23 -45.21
CA VAL B 772 17.49 10.51 -44.82
C VAL B 772 17.20 9.82 -43.49
N LYS B 773 16.15 10.27 -42.80
CA LYS B 773 15.73 9.74 -41.50
C LYS B 773 14.27 9.31 -41.60
N LEU B 774 13.96 8.20 -40.94
CA LEU B 774 12.59 7.73 -40.77
C LEU B 774 11.98 8.43 -39.55
N VAL B 775 10.67 8.67 -39.60
CA VAL B 775 10.09 9.54 -38.58
C VAL B 775 9.84 8.75 -37.29
N CYS B 776 8.92 7.79 -37.31
CA CYS B 776 8.61 6.82 -36.26
C CYS B 776 7.61 5.80 -36.76
N PRO B 777 7.77 4.51 -36.46
CA PRO B 777 6.67 3.56 -36.67
C PRO B 777 5.58 3.70 -35.63
N ALA B 778 5.96 3.95 -34.37
CA ALA B 778 5.03 4.28 -33.29
C ALA B 778 4.01 3.16 -33.03
N ASP B 779 4.54 1.95 -32.84
CA ASP B 779 3.72 0.85 -32.35
C ASP B 779 3.88 0.70 -30.83
N ASN B 780 5.08 0.35 -30.37
CA ASN B 780 5.45 0.54 -28.97
C ASN B 780 6.90 0.99 -28.84
N LEU B 781 7.42 1.67 -29.88
CA LEU B 781 8.62 2.50 -29.79
C LEU B 781 9.89 1.67 -29.52
N ARG B 782 10.22 0.80 -30.48
CA ARG B 782 11.57 0.23 -30.51
C ARG B 782 12.54 1.02 -31.38
N ALA B 783 12.04 1.93 -32.22
CA ALA B 783 12.88 2.52 -33.26
C ALA B 783 14.01 3.35 -32.66
N GLU B 784 15.17 3.29 -33.32
CA GLU B 784 16.34 4.04 -32.89
C GLU B 784 16.31 5.42 -33.56
N GLY B 785 15.95 6.44 -32.79
CA GLY B 785 15.93 7.81 -33.28
C GLY B 785 17.19 8.57 -32.92
N LEU B 786 17.05 9.89 -32.81
CA LEU B 786 18.18 10.74 -32.46
C LEU B 786 18.66 10.52 -31.04
N GLU B 787 17.89 9.83 -30.20
CA GLU B 787 18.29 9.59 -28.82
C GLU B 787 19.52 8.69 -28.74
N CYS B 788 19.79 7.91 -29.79
CA CYS B 788 20.87 6.93 -29.78
C CYS B 788 21.65 7.06 -31.09
N THR B 789 22.66 7.91 -31.09
CA THR B 789 23.51 8.12 -32.25
C THR B 789 24.82 7.38 -32.05
N LYS B 790 25.10 6.41 -32.91
CA LYS B 790 26.31 5.62 -32.78
C LYS B 790 27.51 6.44 -33.21
N THR B 791 28.39 6.74 -32.26
CA THR B 791 29.73 7.24 -32.58
C THR B 791 30.69 6.05 -32.59
N CYS B 792 31.95 6.27 -32.94
CA CYS B 792 32.93 5.20 -32.88
C CYS B 792 33.29 4.84 -31.45
N GLN B 793 32.94 5.70 -30.49
CA GLN B 793 33.14 5.41 -29.07
C GLN B 793 32.02 4.58 -28.46
N ASN B 794 30.77 4.89 -28.76
CA ASN B 794 29.62 4.23 -28.15
C ASN B 794 29.09 3.10 -28.98
N TYR B 795 29.84 2.62 -29.97
CA TYR B 795 29.28 1.71 -30.96
C TYR B 795 28.83 0.40 -30.34
N ASP B 796 29.73 -0.27 -29.62
CA ASP B 796 29.43 -1.60 -29.10
C ASP B 796 28.71 -1.58 -27.76
N LEU B 797 28.59 -0.41 -27.14
CA LEU B 797 28.01 -0.34 -25.80
C LEU B 797 26.50 -0.55 -25.86
N GLU B 798 25.93 -0.95 -24.73
CA GLU B 798 24.50 -1.20 -24.70
C GLU B 798 23.74 0.12 -24.67
N CYS B 799 23.48 0.69 -25.84
CA CYS B 799 22.74 1.93 -25.89
C CYS B 799 21.32 1.72 -25.37
N MET B 800 20.88 2.63 -24.52
CA MET B 800 19.53 2.53 -23.96
C MET B 800 18.54 3.14 -24.95
N SER B 801 17.25 3.04 -24.65
CA SER B 801 16.23 3.55 -25.56
C SER B 801 14.99 4.02 -24.83
N MET B 802 14.77 5.34 -24.78
CA MET B 802 13.52 5.85 -24.24
C MET B 802 12.37 5.71 -25.24
N GLY B 803 12.64 5.88 -26.52
CA GLY B 803 11.63 5.84 -27.55
C GLY B 803 12.05 6.60 -28.79
N CYS B 804 11.41 6.29 -29.91
CA CYS B 804 11.74 6.90 -31.19
C CYS B 804 11.51 8.41 -31.17
N VAL B 805 12.51 9.16 -31.63
CA VAL B 805 12.41 10.61 -31.80
C VAL B 805 12.86 10.95 -33.22
N SER B 806 12.06 11.73 -33.92
CA SER B 806 12.36 12.09 -35.30
C SER B 806 13.54 13.06 -35.35
N GLY B 807 14.54 12.73 -36.17
CA GLY B 807 15.74 13.55 -36.28
C GLY B 807 16.40 13.39 -37.63
N CYS B 808 17.72 13.23 -37.64
CA CYS B 808 18.48 12.87 -38.84
C CYS B 808 19.69 12.04 -38.42
N LEU B 809 20.18 11.21 -39.34
CA LEU B 809 21.28 10.33 -39.00
C LEU B 809 22.06 9.98 -40.26
N CYS B 810 23.19 9.30 -40.05
CA CYS B 810 23.92 8.66 -41.14
C CYS B 810 23.47 7.20 -41.27
N PRO B 811 23.75 6.54 -42.39
CA PRO B 811 23.16 5.21 -42.65
C PRO B 811 23.56 4.19 -41.60
N PRO B 812 22.82 3.08 -41.50
CA PRO B 812 23.10 2.11 -40.42
C PRO B 812 24.53 1.60 -40.41
N GLY B 813 25.13 1.41 -41.58
CA GLY B 813 26.52 1.02 -41.62
C GLY B 813 27.45 2.20 -41.56
N MET B 814 27.21 3.12 -40.62
CA MET B 814 28.00 4.33 -40.53
C MET B 814 28.03 4.78 -39.07
N VAL B 815 29.03 5.59 -38.72
CA VAL B 815 29.16 6.15 -37.38
C VAL B 815 29.49 7.63 -37.50
N ARG B 816 28.99 8.42 -36.56
CA ARG B 816 29.24 9.85 -36.50
C ARG B 816 30.60 10.15 -35.86
N HIS B 817 31.23 11.23 -36.31
CA HIS B 817 32.44 11.76 -35.68
C HIS B 817 32.15 13.20 -35.23
N GLU B 818 33.21 13.91 -34.82
CA GLU B 818 33.02 15.24 -34.25
C GLU B 818 32.35 16.20 -35.22
N ASN B 819 32.81 16.23 -36.47
CA ASN B 819 32.19 17.11 -37.46
C ASN B 819 30.98 16.43 -38.11
N ARG B 820 31.21 15.34 -38.84
CA ARG B 820 30.16 14.54 -39.45
C ARG B 820 30.60 13.09 -39.39
N CYS B 821 29.89 12.23 -40.10
CA CYS B 821 30.17 10.80 -40.08
C CYS B 821 31.25 10.45 -41.10
N VAL B 822 32.31 9.78 -40.63
CA VAL B 822 33.47 9.42 -41.43
C VAL B 822 33.68 7.92 -41.29
N ALA B 823 34.35 7.33 -42.30
CA ALA B 823 34.41 5.88 -42.52
C ALA B 823 34.61 5.08 -41.24
N LEU B 824 34.00 3.90 -41.20
CA LEU B 824 33.96 3.08 -39.99
C LEU B 824 35.36 2.71 -39.52
N GLU B 825 36.21 2.24 -40.43
CA GLU B 825 37.54 1.79 -40.05
C GLU B 825 38.53 2.94 -39.89
N ARG B 826 38.06 4.17 -39.74
CA ARG B 826 38.96 5.31 -39.64
C ARG B 826 38.72 6.15 -38.39
N CYS B 827 37.89 5.67 -37.44
CA CYS B 827 37.80 6.53 -36.27
C CYS B 827 38.93 6.20 -35.31
N PRO B 828 39.67 7.20 -34.84
CA PRO B 828 40.83 6.93 -33.98
C PRO B 828 40.45 6.17 -32.71
N CYS B 829 41.36 5.30 -32.28
CA CYS B 829 41.24 4.59 -31.02
C CYS B 829 41.87 5.42 -29.90
N PHE B 830 41.11 5.64 -28.83
CA PHE B 830 41.45 6.63 -27.82
C PHE B 830 42.31 5.99 -26.75
N HIS B 831 43.55 6.44 -26.65
CA HIS B 831 44.31 6.23 -25.42
C HIS B 831 44.20 7.52 -24.60
N GLN B 832 45.14 7.77 -23.69
CA GLN B 832 44.94 8.78 -22.66
C GLN B 832 44.64 10.16 -23.23
N GLY B 833 43.36 10.54 -23.21
CA GLY B 833 42.97 11.91 -23.48
C GLY B 833 43.07 12.40 -24.91
N LYS B 834 43.93 11.80 -25.74
CA LYS B 834 44.26 12.38 -27.03
C LYS B 834 43.93 11.41 -28.16
N GLU B 835 44.19 11.87 -29.38
CA GLU B 835 43.81 11.17 -30.60
C GLU B 835 44.89 10.19 -31.02
N TYR B 836 44.48 9.12 -31.69
CA TYR B 836 45.42 8.14 -32.23
C TYR B 836 44.83 7.55 -33.50
N ALA B 837 45.25 8.07 -34.64
CA ALA B 837 44.80 7.56 -35.92
C ALA B 837 45.27 6.12 -36.11
N PRO B 838 44.54 5.31 -36.88
CA PRO B 838 44.90 3.90 -37.00
C PRO B 838 46.16 3.71 -37.84
N GLY B 839 46.94 2.69 -37.48
CA GLY B 839 48.23 2.47 -38.07
C GLY B 839 49.40 2.95 -37.22
N GLU B 840 49.16 3.81 -36.25
CA GLU B 840 50.23 4.27 -35.37
C GLU B 840 50.36 3.35 -34.17
N THR B 841 51.44 3.55 -33.42
CA THR B 841 51.75 2.71 -32.27
C THR B 841 52.08 3.57 -31.05
N VAL B 842 52.00 2.93 -29.89
CA VAL B 842 52.43 3.51 -28.63
C VAL B 842 53.05 2.41 -27.79
N LYS B 843 54.15 2.72 -27.14
CA LYS B 843 54.88 1.75 -26.32
C LYS B 843 54.64 2.06 -24.85
N ILE B 844 54.39 1.02 -24.07
CA ILE B 844 54.09 1.19 -22.66
C ILE B 844 55.18 0.51 -21.84
N GLY B 845 56.25 1.24 -21.56
CA GLY B 845 57.26 0.79 -20.62
C GLY B 845 58.03 -0.40 -21.13
N CYS B 846 57.31 -1.46 -21.45
CA CYS B 846 57.91 -2.76 -21.74
C CYS B 846 57.44 -3.37 -23.04
N ASN B 847 56.27 -2.99 -23.56
CA ASN B 847 55.73 -3.57 -24.78
C ASN B 847 55.21 -2.46 -25.68
N THR B 848 55.13 -2.77 -26.96
CA THR B 848 54.65 -1.85 -27.98
C THR B 848 53.30 -2.33 -28.50
N CYS B 849 52.39 -1.39 -28.71
CA CYS B 849 51.05 -1.73 -29.16
C CYS B 849 50.64 -0.86 -30.34
N VAL B 850 49.82 -1.45 -31.22
CA VAL B 850 49.39 -0.80 -32.46
C VAL B 850 47.88 -0.94 -32.58
N CYS B 851 47.28 0.01 -33.29
CA CYS B 851 45.82 0.11 -33.41
C CYS B 851 45.34 -0.64 -34.64
N ARG B 852 44.35 -1.52 -34.45
CA ARG B 852 43.76 -2.30 -35.54
C ARG B 852 42.26 -2.38 -35.32
N ASP B 853 41.48 -1.70 -36.16
CA ASP B 853 40.02 -1.80 -36.17
C ASP B 853 39.42 -1.36 -34.84
N ARG B 854 39.67 -0.10 -34.49
CA ARG B 854 39.16 0.54 -33.28
C ARG B 854 39.55 -0.17 -32.00
N LYS B 855 40.51 -1.08 -32.05
CA LYS B 855 40.99 -1.76 -30.85
C LYS B 855 42.51 -1.87 -30.90
N TRP B 856 43.09 -2.19 -29.75
CA TRP B 856 44.54 -2.31 -29.62
C TRP B 856 44.92 -3.78 -29.65
N ASN B 857 45.80 -4.14 -30.57
CA ASN B 857 46.39 -5.47 -30.64
C ASN B 857 47.89 -5.36 -30.40
N CYS B 858 48.41 -6.17 -29.50
CA CYS B 858 49.85 -6.22 -29.27
C CYS B 858 50.21 -7.47 -28.48
N THR B 859 51.50 -7.74 -28.41
CA THR B 859 52.05 -8.93 -27.77
C THR B 859 52.15 -8.74 -26.26
N ASP B 860 52.49 -9.83 -25.59
CA ASP B 860 52.71 -9.84 -24.15
C ASP B 860 54.14 -10.26 -23.84
N HIS B 861 54.79 -9.51 -22.94
CA HIS B 861 56.17 -9.81 -22.55
C HIS B 861 56.33 -9.36 -21.11
N VAL B 862 56.26 -10.31 -20.18
CA VAL B 862 56.48 -10.00 -18.78
C VAL B 862 57.97 -9.71 -18.59
N CYS B 863 58.28 -8.55 -18.03
CA CYS B 863 59.67 -8.17 -17.85
C CYS B 863 59.93 -7.82 -16.38
N ASP B 864 61.17 -7.39 -16.12
CA ASP B 864 61.69 -7.31 -14.76
C ASP B 864 60.95 -6.25 -13.94
N ALA B 865 60.84 -6.54 -12.65
CA ALA B 865 60.00 -5.79 -11.72
C ALA B 865 60.88 -5.14 -10.67
N THR B 866 60.23 -4.54 -9.67
CA THR B 866 60.93 -3.80 -8.64
C THR B 866 60.21 -3.96 -7.31
N CYS B 867 60.97 -4.22 -6.25
CA CYS B 867 60.48 -4.11 -4.88
C CYS B 867 61.32 -3.08 -4.16
N SER B 868 60.66 -2.07 -3.58
CA SER B 868 61.38 -0.97 -2.97
C SER B 868 60.71 -0.58 -1.66
N THR B 869 61.48 0.09 -0.82
CA THR B 869 60.99 0.61 0.46
C THR B 869 60.80 2.10 0.30
N ILE B 870 59.55 2.52 0.13
CA ILE B 870 59.25 3.92 -0.15
C ILE B 870 59.31 4.66 1.18
N GLY B 871 60.31 5.50 1.36
CA GLY B 871 60.42 6.28 2.58
C GLY B 871 61.18 5.52 3.64
N MET B 872 60.59 5.42 4.82
CA MET B 872 61.29 4.80 5.94
C MET B 872 60.37 3.94 6.80
N ALA B 873 59.11 3.79 6.41
CA ALA B 873 58.28 2.73 6.98
C ALA B 873 57.33 2.08 5.99
N HIS B 874 57.27 2.52 4.73
CA HIS B 874 56.33 1.99 3.75
C HIS B 874 57.05 1.10 2.75
N TYR B 875 56.36 0.07 2.28
CA TYR B 875 56.92 -0.87 1.34
C TYR B 875 56.06 -0.94 0.09
N LEU B 876 56.68 -1.35 -1.01
CA LEU B 876 56.01 -1.49 -2.31
C LEU B 876 56.39 -2.85 -2.88
N THR B 877 55.40 -3.71 -3.10
CA THR B 877 55.69 -5.08 -3.51
C THR B 877 56.04 -5.14 -4.99
N PHE B 878 56.23 -6.36 -5.48
CA PHE B 878 56.62 -6.58 -6.87
C PHE B 878 55.47 -6.28 -7.82
N ASP B 879 54.23 -6.45 -7.38
CA ASP B 879 53.06 -6.23 -8.21
C ASP B 879 52.31 -4.96 -7.84
N GLY B 880 52.92 -4.06 -7.09
CA GLY B 880 52.38 -2.73 -6.91
C GLY B 880 51.35 -2.58 -5.81
N LEU B 881 51.65 -3.10 -4.63
CA LEU B 881 50.84 -2.94 -3.44
C LEU B 881 51.62 -2.18 -2.39
N LYS B 882 50.97 -1.26 -1.71
CA LYS B 882 51.62 -0.43 -0.72
C LYS B 882 50.96 -0.63 0.63
N TYR B 883 51.76 -0.95 1.65
CA TYR B 883 51.21 -1.18 2.97
C TYR B 883 52.11 -0.52 4.00
N LEU B 884 51.59 -0.42 5.22
CA LEU B 884 52.30 0.21 6.32
C LEU B 884 52.68 -0.84 7.36
N PHE B 885 53.97 -0.90 7.68
CA PHE B 885 54.46 -1.83 8.68
C PHE B 885 55.77 -1.32 9.27
N PRO B 886 55.74 -0.81 10.50
CA PRO B 886 56.99 -0.41 11.16
C PRO B 886 57.56 -1.50 12.05
N GLY B 887 58.87 -1.77 12.00
CA GLY B 887 59.47 -2.81 12.82
C GLY B 887 60.84 -2.40 13.33
N GLU B 888 61.33 -3.16 14.32
CA GLU B 888 62.63 -2.91 14.91
C GLU B 888 63.55 -4.12 14.88
N CYS B 889 63.15 -5.22 14.24
CA CYS B 889 63.90 -6.46 14.16
C CYS B 889 64.58 -6.59 12.80
N GLN B 890 65.02 -7.80 12.48
CA GLN B 890 65.53 -8.13 11.16
C GLN B 890 64.49 -8.95 10.41
N TYR B 891 64.19 -8.54 9.18
CA TYR B 891 63.08 -9.12 8.42
C TYR B 891 63.60 -9.76 7.14
N VAL B 892 62.69 -10.25 6.30
CA VAL B 892 63.04 -10.97 5.08
C VAL B 892 62.42 -10.27 3.89
N LEU B 893 63.25 -9.62 3.06
CA LEU B 893 62.71 -8.99 1.86
C LEU B 893 62.26 -10.04 0.85
N VAL B 894 63.20 -10.82 0.32
CA VAL B 894 62.90 -11.76 -0.75
C VAL B 894 63.93 -12.88 -0.72
N GLN B 895 63.45 -14.11 -0.84
CA GLN B 895 64.31 -15.28 -0.95
C GLN B 895 63.64 -16.29 -1.88
N ASP B 896 64.28 -17.44 -2.06
CA ASP B 896 63.64 -18.55 -2.75
C ASP B 896 63.85 -19.89 -2.05
N TYR B 897 64.06 -19.88 -0.75
CA TYR B 897 64.04 -21.08 0.09
C TYR B 897 62.66 -21.30 0.69
N CYS B 898 61.60 -21.27 -0.11
CA CYS B 898 60.29 -21.51 0.50
C CYS B 898 59.43 -22.53 -0.23
N GLY B 899 59.60 -22.73 -1.54
CA GLY B 899 58.80 -23.70 -2.26
C GLY B 899 59.44 -25.07 -2.29
N SER B 900 58.80 -25.96 -3.06
CA SER B 900 59.30 -27.32 -3.24
C SER B 900 60.41 -27.34 -4.30
N ASN B 901 61.46 -26.58 -4.02
CA ASN B 901 62.58 -26.43 -4.94
C ASN B 901 63.79 -25.96 -4.15
N PRO B 902 65.01 -26.23 -4.63
CA PRO B 902 66.21 -25.79 -3.91
C PRO B 902 66.40 -24.28 -4.02
N GLY B 903 66.69 -23.64 -2.89
CA GLY B 903 66.86 -22.20 -2.86
C GLY B 903 68.25 -21.75 -3.28
N THR B 904 68.31 -20.50 -3.75
CA THR B 904 69.52 -19.97 -4.37
C THR B 904 70.08 -18.79 -3.59
N PHE B 905 69.31 -17.75 -3.34
CA PHE B 905 69.82 -16.56 -2.65
C PHE B 905 68.82 -16.13 -1.57
N ARG B 906 69.16 -15.01 -0.90
CA ARG B 906 68.39 -14.50 0.22
C ARG B 906 68.85 -13.11 0.63
N ILE B 907 67.91 -12.25 1.03
CA ILE B 907 68.19 -10.87 1.45
C ILE B 907 67.43 -10.58 2.73
N LEU B 908 68.09 -9.94 3.69
CA LEU B 908 67.52 -9.55 4.97
C LEU B 908 67.66 -8.05 5.17
N VAL B 909 66.71 -7.45 5.89
CA VAL B 909 66.54 -6.00 5.87
C VAL B 909 66.49 -5.41 7.29
N GLY B 910 67.23 -5.99 8.21
CA GLY B 910 67.18 -5.55 9.60
C GLY B 910 67.46 -4.09 9.86
N ASN B 911 66.54 -3.40 10.53
CA ASN B 911 66.68 -1.99 10.84
C ASN B 911 66.92 -1.79 12.33
N LYS B 912 67.33 -0.58 12.70
CA LYS B 912 67.68 -0.26 14.07
C LYS B 912 66.91 0.97 14.54
N GLY B 913 66.03 0.77 15.52
CA GLY B 913 65.27 1.85 16.12
C GLY B 913 64.41 2.65 15.16
N CYS B 914 63.65 1.97 14.31
CA CYS B 914 62.88 2.63 13.27
C CYS B 914 61.40 2.25 13.29
N SER B 915 60.88 1.85 14.47
CA SER B 915 59.43 1.78 14.61
C SER B 915 58.82 3.17 14.64
N HIS B 916 59.60 4.18 15.03
CA HIS B 916 59.26 5.57 14.88
C HIS B 916 60.25 6.17 13.90
N PRO B 917 59.77 6.96 12.95
CA PRO B 917 60.61 7.39 11.84
C PRO B 917 61.64 8.47 12.15
N SER B 918 62.03 8.63 13.42
CA SER B 918 62.96 9.67 13.83
C SER B 918 64.25 9.64 13.01
N VAL B 919 65.01 10.73 13.12
CA VAL B 919 66.24 10.92 12.34
C VAL B 919 67.32 9.89 12.69
N LYS B 920 67.30 9.35 13.90
CA LYS B 920 68.31 8.36 14.29
C LYS B 920 68.08 7.01 13.63
N CYS B 921 67.16 6.95 12.68
CA CYS B 921 66.86 5.70 11.99
C CYS B 921 68.02 5.30 11.10
N LYS B 922 68.36 4.01 11.14
CA LYS B 922 69.49 3.45 10.42
C LYS B 922 69.12 2.04 10.01
N LYS B 923 69.64 1.59 8.87
CA LYS B 923 69.34 0.25 8.39
C LYS B 923 70.60 -0.49 7.97
N ARG B 924 70.58 -1.79 8.19
N ARG B 924 70.57 -1.80 8.17
CA ARG B 924 71.66 -2.68 7.79
CA ARG B 924 71.66 -2.69 7.80
C ARG B 924 71.08 -3.79 6.94
C ARG B 924 71.09 -3.81 6.94
N VAL B 925 71.65 -4.00 5.75
CA VAL B 925 71.12 -4.95 4.79
C VAL B 925 72.20 -5.98 4.45
N THR B 926 71.83 -7.26 4.54
CA THR B 926 72.75 -8.37 4.36
C THR B 926 72.28 -9.26 3.22
N ILE B 927 73.22 -9.70 2.39
CA ILE B 927 72.93 -10.52 1.23
C ILE B 927 73.66 -11.85 1.39
N LEU B 928 72.95 -12.97 1.18
CA LEU B 928 73.49 -14.33 1.34
C LEU B 928 73.34 -15.08 0.02
N VAL B 929 74.31 -14.93 -0.89
CA VAL B 929 74.11 -15.43 -2.25
C VAL B 929 74.40 -16.92 -2.33
N GLU B 930 75.67 -17.31 -2.25
CA GLU B 930 76.01 -18.73 -2.25
C GLU B 930 76.58 -19.16 -0.90
N GLY B 931 77.62 -18.49 -0.42
CA GLY B 931 78.19 -18.81 0.87
C GLY B 931 78.81 -17.59 1.52
N GLY B 932 78.41 -16.40 1.08
CA GLY B 932 79.04 -15.18 1.54
C GLY B 932 78.03 -14.11 1.86
N GLU B 933 78.54 -12.98 2.36
CA GLU B 933 77.74 -11.84 2.71
C GLU B 933 78.25 -10.62 1.97
N ILE B 934 77.39 -9.60 1.86
CA ILE B 934 77.80 -8.31 1.31
C ILE B 934 77.71 -7.17 2.33
N GLU B 935 76.81 -7.22 3.30
CA GLU B 935 76.86 -6.28 4.42
C GLU B 935 76.78 -4.81 3.98
N LEU B 936 75.60 -4.37 3.57
CA LEU B 936 75.35 -2.95 3.30
C LEU B 936 75.12 -2.24 4.63
N PHE B 937 76.11 -1.47 5.09
CA PHE B 937 76.00 -0.71 6.33
C PHE B 937 76.86 0.54 6.23
N ASP B 938 76.22 1.71 6.30
CA ASP B 938 76.92 2.99 6.19
C ASP B 938 77.61 3.16 4.85
N GLY B 939 78.90 2.89 4.81
CA GLY B 939 79.72 3.32 3.69
C GLY B 939 79.65 2.52 2.42
N GLU B 940 80.14 1.28 2.45
CA GLU B 940 80.32 0.51 1.22
C GLU B 940 80.02 -0.95 1.52
N VAL B 941 80.35 -1.82 0.58
CA VAL B 941 80.11 -3.24 0.74
C VAL B 941 81.22 -3.84 1.58
N ASN B 942 80.93 -4.98 2.20
CA ASN B 942 81.93 -5.85 2.78
C ASN B 942 81.85 -7.20 2.09
N VAL B 943 82.98 -7.89 2.05
CA VAL B 943 83.07 -9.19 1.40
C VAL B 943 83.49 -10.22 2.43
N LYS B 944 82.97 -10.08 3.65
CA LYS B 944 83.46 -10.85 4.80
C LYS B 944 83.55 -12.35 4.51
N ARG B 945 82.92 -12.82 3.45
CA ARG B 945 83.11 -14.19 2.99
C ARG B 945 83.08 -14.19 1.47
N PRO B 946 84.23 -14.26 0.82
CA PRO B 946 84.27 -14.20 -0.64
C PRO B 946 83.55 -15.39 -1.27
N MET B 947 82.91 -15.15 -2.40
CA MET B 947 82.10 -16.17 -3.05
C MET B 947 82.86 -16.83 -4.19
N LYS B 948 82.58 -18.13 -4.39
CA LYS B 948 83.31 -18.91 -5.38
C LYS B 948 82.92 -18.57 -6.82
N ASP B 949 81.89 -17.76 -7.01
CA ASP B 949 81.43 -17.41 -8.35
C ASP B 949 81.49 -15.91 -8.54
N GLU B 950 82.62 -15.31 -8.15
CA GLU B 950 82.86 -13.88 -8.32
C GLU B 950 82.98 -13.47 -9.77
N THR B 951 82.83 -14.40 -10.71
CA THR B 951 82.88 -14.09 -12.13
C THR B 951 81.82 -13.08 -12.54
N HIS B 952 80.75 -12.95 -11.75
CA HIS B 952 79.68 -12.00 -12.03
C HIS B 952 79.42 -11.11 -10.82
N PHE B 953 80.48 -10.56 -10.24
CA PHE B 953 80.40 -9.66 -9.08
C PHE B 953 80.82 -8.27 -9.55
N GLU B 954 79.86 -7.36 -9.64
CA GLU B 954 80.13 -5.99 -10.06
C GLU B 954 79.56 -4.99 -9.05
N VAL B 955 80.41 -4.07 -8.61
CA VAL B 955 80.03 -2.99 -7.70
C VAL B 955 80.38 -1.68 -8.37
N VAL B 956 79.38 -0.83 -8.53
CA VAL B 956 79.54 0.43 -9.26
C VAL B 956 79.11 1.57 -8.38
N GLU B 957 79.87 2.66 -8.39
CA GLU B 957 79.55 3.88 -7.64
C GLU B 957 79.30 5.00 -8.65
N SER B 958 78.09 5.06 -9.18
CA SER B 958 77.73 6.03 -10.20
C SER B 958 76.71 7.02 -9.64
N GLY B 959 77.02 8.30 -9.75
CA GLY B 959 76.17 9.30 -9.13
C GLY B 959 76.16 9.13 -7.62
N ARG B 960 74.97 9.02 -7.05
CA ARG B 960 74.79 8.90 -5.62
C ARG B 960 74.14 7.59 -5.21
N TYR B 961 74.19 6.59 -6.09
CA TYR B 961 73.59 5.28 -5.88
C TYR B 961 74.64 4.20 -6.12
N ILE B 962 74.44 3.04 -5.49
CA ILE B 962 75.37 1.93 -5.60
C ILE B 962 74.63 0.72 -6.16
N ILE B 963 75.22 0.08 -7.17
CA ILE B 963 74.59 -1.00 -7.91
C ILE B 963 75.41 -2.26 -7.74
N LEU B 964 74.75 -3.37 -7.41
CA LEU B 964 75.36 -4.68 -7.38
C LEU B 964 74.86 -5.49 -8.56
N LEU B 965 75.65 -6.46 -8.99
CA LEU B 965 75.19 -7.53 -9.86
C LEU B 965 75.49 -8.85 -9.19
N LEU B 966 74.45 -9.62 -8.88
CA LEU B 966 74.56 -10.82 -8.06
C LEU B 966 74.34 -12.09 -8.86
N GLY B 967 74.09 -11.98 -10.16
CA GLY B 967 73.74 -13.12 -10.98
C GLY B 967 73.22 -12.66 -12.31
N LYS B 968 72.66 -13.60 -13.07
CA LYS B 968 72.09 -13.26 -14.37
C LYS B 968 70.94 -12.29 -14.22
N ALA B 969 70.12 -12.48 -13.19
CA ALA B 969 68.88 -11.73 -13.03
C ALA B 969 68.87 -10.79 -11.83
N LEU B 970 69.48 -11.17 -10.71
CA LEU B 970 69.31 -10.43 -9.47
C LEU B 970 70.13 -9.15 -9.48
N SER B 971 69.57 -8.08 -8.92
CA SER B 971 70.24 -6.80 -8.82
C SER B 971 69.76 -6.06 -7.59
N VAL B 972 70.59 -5.15 -7.08
CA VAL B 972 70.25 -4.30 -5.95
C VAL B 972 70.74 -2.89 -6.23
N VAL B 973 69.87 -1.91 -6.03
CA VAL B 973 70.22 -0.50 -6.14
C VAL B 973 69.99 0.14 -4.79
N TRP B 974 70.99 0.86 -4.29
CA TRP B 974 71.00 1.37 -2.93
C TRP B 974 71.17 2.88 -2.96
N ASP B 975 70.40 3.57 -2.13
CA ASP B 975 70.52 5.02 -2.02
C ASP B 975 71.68 5.42 -1.14
N ARG B 976 72.25 4.47 -0.41
CA ARG B 976 73.23 4.60 0.67
C ARG B 976 72.62 5.06 1.99
N HIS B 977 71.36 5.49 2.03
CA HIS B 977 70.80 5.93 3.30
C HIS B 977 69.59 5.12 3.74
N LEU B 978 68.49 5.16 2.99
CA LEU B 978 67.24 4.60 3.51
C LEU B 978 66.35 3.91 2.50
N SER B 979 66.71 3.83 1.21
CA SER B 979 65.89 3.17 0.22
C SER B 979 66.68 2.04 -0.41
N ILE B 980 66.04 0.89 -0.59
CA ILE B 980 66.66 -0.28 -1.17
C ILE B 980 65.71 -0.85 -2.21
N SER B 981 66.26 -1.24 -3.37
CA SER B 981 65.47 -1.82 -4.45
C SER B 981 66.04 -3.17 -4.88
N VAL B 982 65.14 -4.03 -5.36
CA VAL B 982 65.48 -5.39 -5.76
C VAL B 982 64.85 -5.67 -7.12
N VAL B 983 65.65 -6.09 -8.09
CA VAL B 983 65.20 -6.24 -9.47
C VAL B 983 65.41 -7.67 -9.92
N LEU B 984 64.33 -8.35 -10.31
CA LEU B 984 64.41 -9.73 -10.75
C LEU B 984 63.82 -9.87 -12.14
N LYS B 985 64.43 -10.74 -12.95
CA LYS B 985 63.94 -10.97 -14.31
C LYS B 985 62.99 -12.16 -14.34
N GLN B 986 62.53 -12.52 -15.53
CA GLN B 986 61.36 -13.38 -15.69
C GLN B 986 61.57 -14.80 -15.20
N THR B 987 62.82 -15.27 -15.07
CA THR B 987 63.03 -16.65 -14.63
C THR B 987 62.47 -16.87 -13.23
N TYR B 988 62.64 -15.89 -12.33
CA TYR B 988 62.18 -16.05 -10.96
C TYR B 988 60.69 -15.80 -10.85
N GLN B 989 59.89 -16.40 -11.72
CA GLN B 989 58.45 -16.22 -11.68
C GLN B 989 57.84 -17.19 -10.68
N GLU B 990 56.98 -16.67 -9.82
CA GLU B 990 56.24 -17.47 -8.85
C GLU B 990 57.16 -18.32 -7.99
N LYS B 991 58.41 -17.88 -7.76
CA LYS B 991 59.37 -18.68 -7.02
C LYS B 991 60.09 -17.89 -5.93
N VAL B 992 59.45 -16.89 -5.34
CA VAL B 992 60.03 -16.10 -4.26
C VAL B 992 59.00 -15.95 -3.14
N CYS B 993 59.45 -15.41 -2.01
CA CYS B 993 58.64 -15.20 -0.83
C CYS B 993 59.18 -13.97 -0.12
N GLY B 994 58.41 -13.46 0.82
CA GLY B 994 58.92 -12.44 1.72
C GLY B 994 57.98 -11.27 1.82
N LEU B 995 58.53 -10.12 2.22
CA LEU B 995 57.78 -8.87 2.27
C LEU B 995 57.45 -8.32 0.91
N CYS B 996 58.03 -8.87 -0.16
CA CYS B 996 57.84 -8.33 -1.49
C CYS B 996 56.79 -9.10 -2.28
N GLY B 997 56.13 -10.07 -1.66
CA GLY B 997 55.13 -10.87 -2.36
C GLY B 997 55.76 -11.95 -3.21
N ASN B 998 54.90 -12.80 -3.79
CA ASN B 998 55.35 -14.00 -4.49
C ASN B 998 55.45 -13.84 -6.00
N PHE B 999 55.18 -12.65 -6.54
CA PHE B 999 55.54 -12.31 -7.92
C PHE B 999 54.90 -13.28 -8.92
N ASP B 1000 53.57 -13.24 -8.97
CA ASP B 1000 52.83 -14.01 -9.95
C ASP B 1000 51.92 -13.18 -10.83
N GLY B 1001 51.97 -11.86 -10.76
CA GLY B 1001 51.12 -11.00 -11.56
C GLY B 1001 49.79 -10.63 -10.94
N ILE B 1002 49.45 -11.19 -9.78
CA ILE B 1002 48.19 -10.93 -9.10
C ILE B 1002 48.49 -10.19 -7.82
N GLN B 1003 47.73 -9.14 -7.54
CA GLN B 1003 47.91 -8.36 -6.33
C GLN B 1003 47.18 -8.94 -5.13
N ASN B 1004 46.04 -9.59 -5.35
CA ASN B 1004 45.14 -9.87 -4.25
C ASN B 1004 45.79 -10.77 -3.21
N ASN B 1005 46.56 -11.77 -3.65
CA ASN B 1005 47.11 -12.76 -2.74
C ASN B 1005 48.52 -12.45 -2.27
N ASP B 1006 49.10 -11.34 -2.68
CA ASP B 1006 50.46 -11.03 -2.25
C ASP B 1006 50.46 -10.39 -0.87
N LEU B 1007 49.77 -11.02 0.07
CA LEU B 1007 49.90 -10.62 1.47
C LEU B 1007 49.80 -11.84 2.37
N THR B 1008 50.16 -13.01 1.86
CA THR B 1008 50.08 -14.27 2.57
C THR B 1008 51.25 -14.44 3.53
N SER B 1009 50.97 -15.01 4.69
CA SER B 1009 52.00 -15.14 5.72
C SER B 1009 52.99 -16.23 5.33
N SER B 1010 53.99 -16.43 6.20
CA SER B 1010 54.97 -17.48 5.99
C SER B 1010 54.42 -18.86 6.31
N ASN B 1011 53.28 -18.93 6.99
CA ASN B 1011 52.62 -20.19 7.28
C ASN B 1011 51.44 -20.43 6.34
N LEU B 1012 51.42 -19.74 5.21
CA LEU B 1012 50.44 -19.98 4.14
C LEU B 1012 49.00 -19.72 4.57
N GLN B 1013 48.75 -18.52 5.09
CA GLN B 1013 47.43 -17.98 5.31
C GLN B 1013 47.38 -16.58 4.73
N VAL B 1014 46.24 -16.20 4.15
CA VAL B 1014 46.11 -14.88 3.54
C VAL B 1014 45.68 -13.88 4.60
N GLU B 1015 46.59 -12.99 4.96
CA GLU B 1015 46.34 -12.04 6.04
C GLU B 1015 45.58 -10.84 5.51
N GLU B 1016 45.00 -10.06 6.42
CA GLU B 1016 44.17 -8.94 6.00
C GLU B 1016 44.74 -7.60 6.42
N ASP B 1017 45.47 -7.52 7.54
CA ASP B 1017 46.17 -6.26 7.71
C ASP B 1017 47.67 -6.48 7.81
N PRO B 1018 48.47 -5.53 7.33
CA PRO B 1018 49.91 -5.78 7.22
C PRO B 1018 50.63 -5.95 8.54
N VAL B 1019 50.06 -5.48 9.65
CA VAL B 1019 50.78 -5.53 10.91
C VAL B 1019 50.90 -6.96 11.42
N ASP B 1020 49.87 -7.77 11.23
CA ASP B 1020 49.94 -9.17 11.62
C ASP B 1020 50.55 -10.05 10.54
N PHE B 1021 50.64 -9.53 9.31
CA PHE B 1021 51.35 -10.23 8.24
C PHE B 1021 52.85 -10.16 8.45
N GLY B 1022 53.36 -8.99 8.81
CA GLY B 1022 54.80 -8.79 8.83
C GLY B 1022 55.53 -9.43 9.98
N ASN B 1023 54.82 -9.79 11.04
CA ASN B 1023 55.47 -10.43 12.18
C ASN B 1023 55.92 -11.85 11.86
N SER B 1024 55.40 -12.45 10.79
CA SER B 1024 55.74 -13.82 10.47
C SER B 1024 57.11 -13.98 9.84
N TRP B 1025 57.57 -13.02 9.05
CA TRP B 1025 58.87 -13.13 8.38
C TRP B 1025 60.00 -12.66 9.26
N LYS B 1026 59.68 -12.25 10.48
CA LYS B 1026 60.68 -11.92 11.49
C LYS B 1026 61.60 -13.11 11.73
N VAL B 1027 62.91 -12.86 11.75
CA VAL B 1027 63.87 -13.94 11.86
C VAL B 1027 63.89 -14.52 13.27
N SER B 1028 64.29 -13.71 14.25
CA SER B 1028 64.38 -14.19 15.63
C SER B 1028 63.02 -14.13 16.30
N SER B 1029 62.74 -15.11 17.16
CA SER B 1029 61.44 -15.25 17.79
C SER B 1029 61.39 -14.68 19.20
N GLN B 1030 62.31 -13.79 19.56
CA GLN B 1030 62.32 -13.16 20.86
C GLN B 1030 62.40 -11.64 20.67
N CYS B 1031 61.69 -11.13 19.67
CA CYS B 1031 61.95 -9.77 19.23
C CYS B 1031 60.69 -8.91 19.21
N ALA B 1032 59.76 -9.15 20.13
CA ALA B 1032 58.75 -8.13 20.42
C ALA B 1032 57.92 -7.72 19.21
N ASP B 1033 57.02 -8.58 18.77
CA ASP B 1033 56.02 -8.23 17.77
C ASP B 1033 55.50 -6.81 18.00
N THR B 1034 55.57 -5.98 16.96
CA THR B 1034 54.89 -4.69 17.00
C THR B 1034 53.39 -4.91 17.10
N ARG B 1035 52.71 -4.11 17.94
CA ARG B 1035 51.32 -4.43 18.21
C ARG B 1035 50.40 -3.95 17.10
N LYS B 1036 50.15 -2.64 17.05
CA LYS B 1036 49.35 -2.00 16.01
C LYS B 1036 49.18 -0.51 16.28
N VAL B 1037 49.10 0.29 15.22
CA VAL B 1037 48.75 1.69 15.38
C VAL B 1037 47.24 1.80 15.18
N PRO B 1038 46.47 2.10 16.22
CA PRO B 1038 45.01 2.05 16.07
C PRO B 1038 44.42 3.30 15.45
N LEU B 1039 45.09 4.43 15.58
CA LEU B 1039 44.49 5.70 15.17
C LEU B 1039 44.42 5.81 13.65
N ASP B 1040 43.83 6.91 13.21
CA ASP B 1040 43.62 7.23 11.80
C ASP B 1040 44.81 8.02 11.27
N SER B 1041 44.61 8.71 10.15
CA SER B 1041 45.61 9.59 9.55
C SER B 1041 46.15 10.59 10.57
N SER B 1042 47.27 11.22 10.22
CA SER B 1042 47.88 12.25 11.05
C SER B 1042 48.20 11.69 12.43
N PRO B 1043 49.27 10.87 12.57
CA PRO B 1043 49.55 10.22 13.87
C PRO B 1043 49.55 11.20 15.03
N ALA B 1044 49.49 10.67 16.26
CA ALA B 1044 49.32 11.49 17.46
C ALA B 1044 50.21 12.71 17.48
N THR B 1045 51.33 12.68 16.75
CA THR B 1045 52.15 13.87 16.59
C THR B 1045 51.39 14.99 15.88
N CYS B 1046 50.61 14.67 14.84
CA CYS B 1046 49.67 15.61 14.25
C CYS B 1046 48.28 15.44 14.86
N HIS B 1047 47.32 16.19 14.33
CA HIS B 1047 45.94 16.42 14.75
C HIS B 1047 45.84 17.01 16.15
N ASN B 1048 46.97 17.30 16.80
CA ASN B 1048 46.97 18.05 18.04
C ASN B 1048 47.46 19.47 17.85
N ASN B 1049 47.98 19.79 16.66
CA ASN B 1049 48.35 21.16 16.31
C ASN B 1049 47.42 21.72 15.24
N ILE B 1050 47.36 21.07 14.07
CA ILE B 1050 46.73 21.62 12.87
C ILE B 1050 47.11 23.10 12.79
N MET B 1051 48.38 23.37 13.04
CA MET B 1051 49.13 24.52 12.57
C MET B 1051 50.38 23.91 11.98
N LYS B 1052 50.51 22.61 12.18
CA LYS B 1052 51.55 21.81 11.57
C LYS B 1052 51.01 20.84 10.54
N GLN B 1053 49.80 20.31 10.73
CA GLN B 1053 49.17 19.49 9.71
C GLN B 1053 48.65 20.32 8.55
N THR B 1054 48.41 21.61 8.74
CA THR B 1054 48.15 22.51 7.63
C THR B 1054 49.43 23.11 7.07
N MET B 1055 50.56 22.83 7.69
CA MET B 1055 51.83 23.28 7.15
C MET B 1055 52.61 22.16 6.50
N VAL B 1056 52.22 20.91 6.73
CA VAL B 1056 52.90 19.81 6.06
C VAL B 1056 52.13 19.33 4.85
N ASP B 1057 50.83 19.64 4.75
CA ASP B 1057 50.15 19.34 3.50
C ASP B 1057 50.67 20.24 2.39
N SER B 1058 50.79 21.53 2.65
CA SER B 1058 51.22 22.46 1.62
C SER B 1058 52.73 22.48 1.47
N SER B 1059 53.46 21.94 2.44
CA SER B 1059 54.91 21.85 2.29
C SER B 1059 55.27 20.82 1.23
N CYS B 1060 54.53 19.72 1.17
CA CYS B 1060 54.73 18.74 0.10
C CYS B 1060 53.44 18.43 -0.64
N ARG B 1061 52.72 19.48 -1.01
CA ARG B 1061 51.81 19.43 -2.14
C ARG B 1061 52.52 19.78 -3.45
N ILE B 1062 53.85 19.90 -3.42
CA ILE B 1062 54.64 20.29 -4.57
C ILE B 1062 54.73 19.14 -5.56
N LEU B 1063 54.23 17.97 -5.16
CA LEU B 1063 54.20 16.85 -6.10
C LEU B 1063 53.20 17.08 -7.22
N THR B 1064 52.38 18.11 -7.13
CA THR B 1064 51.45 18.42 -8.21
C THR B 1064 51.58 19.87 -8.68
N SER B 1065 52.75 20.48 -8.54
CA SER B 1065 52.84 21.93 -8.63
C SER B 1065 52.96 22.44 -10.07
N ASP B 1066 54.13 22.28 -10.67
CA ASP B 1066 54.33 22.69 -12.06
C ASP B 1066 55.23 21.77 -12.87
N VAL B 1067 56.15 21.04 -12.25
CA VAL B 1067 57.16 20.29 -12.97
C VAL B 1067 56.68 18.85 -13.10
N PHE B 1068 55.99 18.38 -12.07
CA PHE B 1068 55.52 16.99 -12.04
C PHE B 1068 54.23 16.78 -12.80
N GLN B 1069 53.61 17.85 -13.32
CA GLN B 1069 52.36 17.69 -14.04
C GLN B 1069 52.50 16.76 -15.23
N ASP B 1070 53.71 16.60 -15.77
CA ASP B 1070 53.89 15.60 -16.81
C ASP B 1070 53.76 14.19 -16.25
N CYS B 1071 54.30 13.96 -15.04
CA CYS B 1071 54.21 12.63 -14.42
C CYS B 1071 52.79 12.28 -14.03
N ASN B 1072 52.00 13.27 -13.59
CA ASN B 1072 50.67 12.98 -13.09
C ASN B 1072 49.79 12.30 -14.12
N LYS B 1073 50.11 12.45 -15.40
CA LYS B 1073 49.35 11.72 -16.42
C LYS B 1073 49.73 10.24 -16.43
N LEU B 1074 50.99 9.93 -16.17
CA LEU B 1074 51.46 8.57 -16.37
C LEU B 1074 51.63 7.79 -15.06
N VAL B 1075 51.98 8.46 -13.97
CA VAL B 1075 51.94 7.85 -12.64
C VAL B 1075 51.23 8.80 -11.70
N ASP B 1076 50.27 8.28 -10.97
CA ASP B 1076 49.46 9.16 -10.13
C ASP B 1076 50.18 9.45 -8.83
N PRO B 1077 50.09 10.67 -8.31
CA PRO B 1077 50.78 11.05 -7.08
C PRO B 1077 50.00 10.79 -5.81
N GLU B 1078 49.21 9.73 -5.81
CA GLU B 1078 48.35 9.53 -4.64
C GLU B 1078 49.05 8.76 -3.52
N PRO B 1079 49.71 7.63 -3.78
CA PRO B 1079 50.39 6.94 -2.68
C PRO B 1079 51.57 7.71 -2.12
N TYR B 1080 52.29 8.44 -2.96
CA TYR B 1080 53.45 9.18 -2.48
C TYR B 1080 53.04 10.39 -1.64
N LEU B 1081 51.85 10.94 -1.86
CA LEU B 1081 51.38 11.98 -0.96
C LEU B 1081 51.18 11.42 0.45
N ASP B 1082 50.54 10.25 0.56
CA ASP B 1082 50.36 9.60 1.85
C ASP B 1082 51.68 9.21 2.47
N VAL B 1083 52.68 8.87 1.66
CA VAL B 1083 54.02 8.64 2.19
C VAL B 1083 54.58 9.91 2.79
N CYS B 1084 54.39 11.05 2.10
CA CYS B 1084 54.98 12.30 2.57
C CYS B 1084 54.29 12.83 3.82
N ILE B 1085 52.97 12.69 3.92
CA ILE B 1085 52.28 13.22 5.10
C ILE B 1085 52.79 12.52 6.35
N TYR B 1086 52.87 11.19 6.30
CA TYR B 1086 53.56 10.40 7.31
C TYR B 1086 55.03 10.80 7.32
N ASP B 1087 55.76 10.33 8.32
CA ASP B 1087 57.19 10.53 8.55
C ASP B 1087 57.62 11.96 8.25
N THR B 1088 56.70 12.89 8.41
CA THR B 1088 57.02 14.31 8.54
C THR B 1088 56.27 14.95 9.70
N CYS B 1089 55.02 14.52 9.95
CA CYS B 1089 54.47 14.68 11.29
C CYS B 1089 55.37 14.05 12.33
N SER B 1090 55.76 12.80 12.12
CA SER B 1090 56.49 12.03 13.11
C SER B 1090 57.99 12.10 12.90
N CYS B 1091 58.50 13.21 12.39
CA CYS B 1091 59.94 13.36 12.13
C CYS B 1091 60.31 14.82 12.41
N GLU B 1092 60.75 15.11 13.63
CA GLU B 1092 61.11 16.46 14.04
C GLU B 1092 62.54 16.77 13.61
N SER B 1093 62.69 17.63 12.61
CA SER B 1093 63.97 17.90 11.98
C SER B 1093 64.60 19.16 12.56
N ILE B 1094 65.85 19.03 12.99
CA ILE B 1094 66.61 20.14 13.58
C ILE B 1094 67.99 20.09 12.96
N GLY B 1095 68.20 20.83 11.87
CA GLY B 1095 69.50 20.90 11.24
C GLY B 1095 69.77 19.83 10.19
N ASP B 1096 68.90 18.84 10.08
CA ASP B 1096 69.01 17.78 9.08
C ASP B 1096 67.68 17.73 8.33
N CYS B 1097 67.73 17.77 7.01
CA CYS B 1097 66.52 17.82 6.21
C CYS B 1097 66.43 16.70 5.19
N ALA B 1098 67.11 15.58 5.41
CA ALA B 1098 66.97 14.43 4.53
C ALA B 1098 65.67 13.65 4.75
N CYS B 1099 65.00 13.88 5.88
CA CYS B 1099 63.77 13.17 6.17
C CYS B 1099 62.65 13.50 5.22
N PHE B 1100 62.77 14.58 4.46
CA PHE B 1100 61.74 15.08 3.57
C PHE B 1100 62.12 15.03 2.11
N CYS B 1101 63.36 15.38 1.76
CA CYS B 1101 63.76 15.42 0.36
C CYS B 1101 63.77 14.03 -0.25
N ASP B 1102 63.94 12.99 0.55
CA ASP B 1102 64.07 11.64 0.01
C ASP B 1102 62.77 11.15 -0.60
N THR B 1103 61.62 11.54 -0.03
CA THR B 1103 60.36 11.14 -0.64
C THR B 1103 60.20 11.76 -2.03
N ILE B 1104 60.52 13.05 -2.15
CA ILE B 1104 60.43 13.70 -3.44
C ILE B 1104 61.39 13.07 -4.42
N ALA B 1105 62.60 12.75 -3.96
CA ALA B 1105 63.56 12.12 -4.84
C ALA B 1105 63.12 10.71 -5.26
N ALA B 1106 62.44 9.99 -4.39
CA ALA B 1106 61.94 8.68 -4.77
C ALA B 1106 60.88 8.80 -5.85
N TYR B 1107 59.98 9.77 -5.71
CA TYR B 1107 58.96 9.97 -6.74
C TYR B 1107 59.60 10.38 -8.07
N ALA B 1108 60.62 11.23 -8.01
CA ALA B 1108 61.35 11.59 -9.23
C ALA B 1108 62.02 10.38 -9.85
N HIS B 1109 62.58 9.50 -9.02
CA HIS B 1109 63.14 8.24 -9.50
C HIS B 1109 62.11 7.43 -10.26
N VAL B 1110 60.89 7.37 -9.71
CA VAL B 1110 59.82 6.65 -10.40
C VAL B 1110 59.54 7.29 -11.75
N CYS B 1111 59.49 8.62 -11.80
CA CYS B 1111 59.17 9.30 -13.03
C CYS B 1111 60.21 9.00 -14.12
N ALA B 1112 61.48 9.13 -13.78
CA ALA B 1112 62.53 8.99 -14.78
C ALA B 1112 62.57 7.58 -15.37
N GLN B 1113 62.07 6.59 -14.64
CA GLN B 1113 61.94 5.25 -15.23
C GLN B 1113 60.93 5.24 -16.36
N HIS B 1114 60.04 6.23 -16.42
CA HIS B 1114 59.07 6.36 -17.49
C HIS B 1114 59.46 7.43 -18.49
N GLY B 1115 60.76 7.77 -18.53
CA GLY B 1115 61.25 8.69 -19.55
C GLY B 1115 60.68 10.08 -19.44
N LYS B 1116 60.55 10.60 -18.23
CA LYS B 1116 59.97 11.92 -18.01
C LYS B 1116 60.81 12.68 -17.00
N VAL B 1117 62.12 12.76 -17.26
CA VAL B 1117 63.06 13.29 -16.29
C VAL B 1117 62.68 14.72 -15.92
N VAL B 1118 62.88 15.07 -14.64
CA VAL B 1118 62.49 16.36 -14.09
C VAL B 1118 63.64 16.95 -13.28
N THR B 1119 63.60 18.26 -13.10
CA THR B 1119 64.55 18.98 -12.27
C THR B 1119 63.79 19.81 -11.25
N TRP B 1120 64.03 19.55 -9.96
CA TRP B 1120 63.25 20.16 -8.89
C TRP B 1120 64.08 20.76 -7.76
N ARG B 1121 65.38 20.51 -7.72
CA ARG B 1121 66.22 21.03 -6.65
C ARG B 1121 66.68 22.43 -6.97
N THR B 1122 66.30 23.38 -6.11
CA THR B 1122 66.67 24.78 -6.22
C THR B 1122 67.68 25.10 -5.13
N ALA B 1123 68.00 26.40 -4.99
CA ALA B 1123 68.87 26.86 -3.92
C ALA B 1123 68.15 27.00 -2.59
N THR B 1124 66.81 26.99 -2.58
CA THR B 1124 66.05 27.15 -1.35
C THR B 1124 65.06 26.02 -1.14
N LEU B 1125 65.26 24.88 -1.80
CA LEU B 1125 64.40 23.71 -1.62
C LEU B 1125 65.29 22.49 -1.83
N CYS B 1126 65.79 21.93 -0.73
CA CYS B 1126 66.64 20.74 -0.74
C CYS B 1126 67.86 20.98 -1.63
N PRO B 1127 68.78 21.84 -1.22
CA PRO B 1127 69.96 22.12 -2.05
C PRO B 1127 70.99 21.01 -1.97
N GLN B 1128 71.74 20.86 -3.06
CA GLN B 1128 72.81 19.88 -3.10
C GLN B 1128 74.01 20.43 -3.84
N SER B 1129 75.19 19.98 -3.41
CA SER B 1129 76.47 20.40 -3.96
C SER B 1129 77.35 19.18 -4.10
N CYS B 1130 78.29 19.23 -5.06
CA CYS B 1130 79.26 18.16 -5.20
C CYS B 1130 80.64 18.69 -5.58
N GLU B 1131 80.88 19.99 -5.49
CA GLU B 1131 82.19 20.51 -5.87
C GLU B 1131 83.18 20.49 -4.72
N GLU B 1132 82.81 19.93 -3.56
CA GLU B 1132 83.76 19.81 -2.47
C GLU B 1132 84.93 18.92 -2.85
N ARG B 1133 84.66 17.83 -3.55
CA ARG B 1133 85.71 16.93 -4.05
C ARG B 1133 86.07 17.36 -5.47
N ASN B 1134 86.85 18.43 -5.55
CA ASN B 1134 87.22 19.00 -6.86
C ASN B 1134 88.71 19.31 -6.93
N LEU B 1135 89.55 18.44 -6.38
CA LEU B 1135 91.02 18.56 -6.45
C LEU B 1135 91.47 19.90 -5.88
N ARG B 1136 91.33 20.01 -4.55
CA ARG B 1136 91.65 21.24 -3.84
C ARG B 1136 93.06 21.74 -4.08
N GLU B 1137 93.94 20.91 -4.64
CA GLU B 1137 95.30 21.36 -4.97
C GLU B 1137 95.26 22.55 -5.93
N ASN B 1138 94.45 22.44 -6.98
CA ASN B 1138 94.25 23.53 -7.91
C ASN B 1138 92.81 24.01 -7.96
N GLY B 1139 91.86 23.09 -8.19
CA GLY B 1139 90.45 23.41 -8.15
C GLY B 1139 89.90 24.08 -9.38
N TYR B 1140 90.72 24.83 -10.14
CA TYR B 1140 90.22 25.57 -11.28
C TYR B 1140 89.70 24.65 -12.39
N GLU B 1141 90.20 23.41 -12.46
CA GLU B 1141 89.69 22.44 -13.42
C GLU B 1141 88.45 21.78 -12.82
N CYS B 1142 87.28 22.24 -13.27
CA CYS B 1142 86.01 21.73 -12.78
C CYS B 1142 85.59 20.53 -13.63
N GLU B 1143 85.64 19.33 -13.05
CA GLU B 1143 85.28 18.12 -13.79
C GLU B 1143 83.99 17.48 -13.27
N TRP B 1144 83.34 18.07 -12.27
CA TRP B 1144 82.15 17.48 -11.70
C TRP B 1144 80.98 18.43 -11.84
N ARG B 1145 79.83 17.89 -12.22
CA ARG B 1145 78.61 18.68 -12.38
C ARG B 1145 77.42 17.84 -11.96
N TYR B 1146 76.32 18.52 -11.64
CA TYR B 1146 75.09 17.88 -11.22
C TYR B 1146 74.10 17.88 -12.39
N ASN B 1147 73.79 16.69 -12.89
CA ASN B 1147 72.96 16.55 -14.07
C ASN B 1147 71.59 16.02 -13.69
N SER B 1148 70.69 15.98 -14.67
CA SER B 1148 69.32 15.54 -14.46
C SER B 1148 69.28 14.11 -13.93
N CYS B 1149 69.74 13.15 -14.74
CA CYS B 1149 69.86 11.80 -14.20
C CYS B 1149 71.11 11.06 -14.69
N ALA B 1150 72.10 11.76 -15.29
CA ALA B 1150 73.47 11.27 -15.36
C ALA B 1150 73.58 9.78 -15.67
N PRO B 1151 73.44 9.37 -16.93
CA PRO B 1151 73.17 7.96 -17.23
C PRO B 1151 74.17 7.02 -16.57
N ALA B 1152 73.66 5.91 -16.06
CA ALA B 1152 74.27 5.19 -14.95
C ALA B 1152 75.71 4.74 -15.17
N CYS B 1153 75.92 3.79 -16.07
CA CYS B 1153 77.12 2.98 -16.07
C CYS B 1153 78.02 3.39 -17.23
N GLN B 1154 79.24 3.81 -16.90
CA GLN B 1154 80.21 4.31 -17.88
C GLN B 1154 81.48 3.47 -17.80
N VAL B 1155 82.16 3.32 -18.94
CA VAL B 1155 83.34 2.47 -19.00
C VAL B 1155 84.57 3.23 -18.50
N THR B 1156 85.50 2.50 -17.89
CA THR B 1156 86.77 3.03 -17.41
C THR B 1156 87.73 1.84 -17.28
N CYS B 1157 88.83 2.03 -16.56
CA CYS B 1157 89.70 0.90 -16.28
C CYS B 1157 89.17 0.10 -15.11
N GLN B 1158 87.87 -0.23 -15.14
CA GLN B 1158 87.27 -1.16 -14.21
C GLN B 1158 86.59 -2.32 -14.93
N HIS B 1159 85.76 -2.01 -15.93
CA HIS B 1159 85.13 -3.02 -16.79
C HIS B 1159 84.96 -2.41 -18.17
N PRO B 1160 85.96 -2.58 -19.03
CA PRO B 1160 85.90 -1.94 -20.35
C PRO B 1160 84.88 -2.57 -21.28
N GLU B 1161 83.63 -2.69 -20.82
CA GLU B 1161 82.55 -3.22 -21.62
C GLU B 1161 81.21 -2.82 -21.01
N PRO B 1162 80.17 -2.66 -21.81
CA PRO B 1162 78.85 -2.31 -21.26
C PRO B 1162 78.33 -3.38 -20.32
N LEU B 1163 77.61 -2.93 -19.29
CA LEU B 1163 77.01 -3.81 -18.30
C LEU B 1163 75.49 -3.79 -18.44
N ALA B 1164 74.81 -4.46 -17.53
CA ALA B 1164 73.34 -4.48 -17.46
C ALA B 1164 72.93 -3.75 -16.19
N CYS B 1165 72.77 -2.44 -16.29
CA CYS B 1165 72.40 -1.64 -15.13
C CYS B 1165 70.95 -1.22 -15.30
N PRO B 1166 70.01 -1.84 -14.61
CA PRO B 1166 68.61 -1.62 -14.96
C PRO B 1166 68.03 -0.35 -14.35
N VAL B 1167 68.76 0.75 -14.44
CA VAL B 1167 68.25 2.05 -14.02
C VAL B 1167 68.57 3.12 -15.07
N GLN B 1168 69.84 3.21 -15.48
CA GLN B 1168 70.36 4.02 -16.58
C GLN B 1168 70.01 5.51 -16.46
N CYS B 1169 69.36 5.93 -15.39
CA CYS B 1169 68.93 7.32 -15.21
C CYS B 1169 69.15 7.74 -13.76
N VAL B 1170 70.36 7.48 -13.27
CA VAL B 1170 70.71 7.71 -11.87
C VAL B 1170 70.98 9.19 -11.65
N GLU B 1171 70.08 9.87 -10.94
CA GLU B 1171 70.32 11.26 -10.57
C GLU B 1171 71.51 11.36 -9.63
N GLY B 1172 72.29 12.43 -9.77
CA GLY B 1172 73.41 12.66 -8.89
C GLY B 1172 74.38 13.66 -9.49
N CYS B 1173 75.54 13.77 -8.86
CA CYS B 1173 76.63 14.61 -9.35
C CYS B 1173 77.55 13.75 -10.21
N HIS B 1174 77.95 14.29 -11.36
CA HIS B 1174 78.50 13.49 -12.45
C HIS B 1174 79.71 14.18 -13.05
N ALA B 1175 80.56 13.40 -13.73
CA ALA B 1175 81.77 13.90 -14.37
C ALA B 1175 81.64 13.74 -15.88
N HIS B 1176 81.85 14.84 -16.61
CA HIS B 1176 81.59 14.86 -18.04
C HIS B 1176 82.85 15.15 -18.86
N CYS B 1177 83.92 14.42 -18.57
CA CYS B 1177 85.19 14.62 -19.25
C CYS B 1177 85.04 14.36 -20.76
N PRO B 1178 85.92 14.94 -21.57
CA PRO B 1178 85.82 14.78 -23.04
C PRO B 1178 85.94 13.32 -23.45
N PRO B 1179 85.69 13.01 -24.73
CA PRO B 1179 85.79 11.60 -25.18
C PRO B 1179 87.11 10.94 -24.83
N GLY B 1180 88.21 11.66 -24.97
CA GLY B 1180 89.50 11.14 -24.52
C GLY B 1180 89.73 11.45 -23.04
N LYS B 1181 90.74 10.79 -22.48
CA LYS B 1181 91.13 10.97 -21.09
C LYS B 1181 89.95 10.65 -20.15
N ILE B 1182 89.59 9.37 -20.14
CA ILE B 1182 88.46 8.88 -19.36
C ILE B 1182 88.78 8.95 -17.87
N LEU B 1183 87.75 8.78 -17.04
CA LEU B 1183 87.90 8.86 -15.60
C LEU B 1183 88.66 7.66 -15.05
N ASP B 1184 89.26 7.85 -13.88
CA ASP B 1184 90.03 6.83 -13.20
C ASP B 1184 89.16 6.13 -12.15
N GLU B 1185 89.80 5.30 -11.33
CA GLU B 1185 89.11 4.46 -10.35
C GLU B 1185 89.23 5.00 -8.93
N LEU B 1186 90.46 5.23 -8.47
CA LEU B 1186 90.71 5.51 -7.05
C LEU B 1186 90.84 6.99 -6.74
N LEU B 1187 91.56 7.76 -7.56
CA LEU B 1187 91.76 9.18 -7.28
C LEU B 1187 90.68 10.07 -7.88
N GLN B 1188 89.73 9.49 -8.61
CA GLN B 1188 88.60 10.23 -9.18
C GLN B 1188 89.10 11.41 -10.03
N THR B 1189 90.00 11.11 -10.95
CA THR B 1189 90.57 12.12 -11.84
C THR B 1189 90.70 11.53 -13.23
N CYS B 1190 90.18 12.23 -14.23
CA CYS B 1190 90.24 11.74 -15.60
C CYS B 1190 91.68 11.69 -16.09
N VAL B 1191 92.10 10.52 -16.56
CA VAL B 1191 93.46 10.30 -17.03
C VAL B 1191 93.43 9.53 -18.35
N ASP B 1192 94.55 9.58 -19.06
CA ASP B 1192 94.68 8.88 -20.33
C ASP B 1192 94.70 7.37 -20.10
N PRO B 1193 94.19 6.58 -21.05
CA PRO B 1193 93.90 5.16 -20.76
C PRO B 1193 95.07 4.26 -20.39
N GLU B 1194 96.29 4.79 -20.23
CA GLU B 1194 97.41 3.93 -19.85
C GLU B 1194 97.19 3.29 -18.48
N ASP B 1195 96.53 3.99 -17.58
CA ASP B 1195 96.40 3.51 -16.20
C ASP B 1195 95.27 2.49 -16.06
N CYS B 1196 95.35 1.46 -16.90
CA CYS B 1196 94.49 0.29 -16.84
C CYS B 1196 95.26 -0.90 -16.29
N PRO B 1197 94.56 -1.93 -15.80
CA PRO B 1197 95.26 -3.12 -15.30
C PRO B 1197 96.12 -3.77 -16.37
N VAL B 1198 97.29 -4.25 -15.96
CA VAL B 1198 98.20 -4.91 -16.89
C VAL B 1198 97.58 -6.21 -17.40
N CYS B 1199 97.00 -7.01 -16.51
CA CYS B 1199 96.39 -8.26 -16.89
C CYS B 1199 95.21 -8.54 -15.96
N GLU B 1200 94.32 -9.42 -16.44
CA GLU B 1200 93.11 -9.77 -15.70
C GLU B 1200 93.23 -11.10 -14.97
N VAL B 1201 94.44 -11.64 -14.83
CA VAL B 1201 94.63 -12.91 -14.14
C VAL B 1201 94.28 -12.75 -12.67
N ALA B 1202 93.55 -13.74 -12.14
CA ALA B 1202 93.13 -13.82 -10.74
C ALA B 1202 92.16 -12.71 -10.34
N GLY B 1203 91.70 -11.90 -11.29
CA GLY B 1203 90.72 -10.87 -11.01
C GLY B 1203 91.19 -9.82 -10.01
N ARG B 1204 92.41 -9.33 -10.19
CA ARG B 1204 93.00 -8.34 -9.31
C ARG B 1204 93.13 -7.01 -10.03
N ARG B 1205 93.20 -5.93 -9.25
CA ARG B 1205 93.27 -4.59 -9.82
C ARG B 1205 94.55 -4.40 -10.62
N PHE B 1206 95.69 -4.80 -10.05
CA PHE B 1206 96.98 -4.76 -10.74
C PHE B 1206 97.30 -3.36 -11.27
N ALA B 1207 96.93 -2.34 -10.50
CA ALA B 1207 97.14 -0.94 -10.88
C ALA B 1207 96.55 -0.64 -12.26
C1 NAG C . -65.03 23.43 21.53
C2 NAG C . -63.56 23.75 21.85
C3 NAG C . -62.92 22.57 22.56
C4 NAG C . -63.72 22.19 23.79
C5 NAG C . -65.20 21.97 23.43
C6 NAG C . -66.07 21.74 24.64
C7 NAG C . -61.85 24.99 20.64
C8 NAG C . -61.18 25.23 19.32
N2 NAG C . -62.83 24.08 20.64
O3 NAG C . -61.59 22.92 22.94
O4 NAG C . -63.20 20.97 24.32
O5 NAG C . -65.71 23.12 22.76
O6 NAG C . -66.97 22.82 24.82
O7 NAG C . -61.52 25.60 21.65
H5 NAG C . -65.25 21.19 22.84
H61 NAG C . -65.50 21.67 25.42
H62 NAG C . -66.57 20.91 24.52
H81 NAG C . -60.49 25.91 19.42
H82 NAG C . -61.85 25.54 18.66
H83 NAG C . -60.78 24.40 19.00
HN2 NAG C . -63.03 23.66 19.87
HO6 NAG C . -66.89 23.40 24.16
C1 NAG C . -62.63 21.19 25.61
C2 NAG C . -62.68 19.84 26.30
C3 NAG C . -62.02 19.92 27.68
C4 NAG C . -60.62 20.49 27.56
C5 NAG C . -60.64 21.81 26.79
C6 NAG C . -59.27 22.37 26.53
C7 NAG C . -64.54 18.37 25.66
C8 NAG C . -63.60 17.75 24.68
N2 NAG C . -64.05 19.37 26.41
O3 NAG C . -61.98 18.62 28.26
O4 NAG C . -60.07 20.70 28.86
O5 NAG C . -61.28 21.63 25.52
O6 NAG C . -58.31 21.34 26.36
O7 NAG C . -65.70 18.00 25.77
H5 NAG C . -61.16 22.47 27.32
H61 NAG C . -59.00 22.95 27.27
H62 NAG C . -59.30 22.91 25.71
H81 NAG C . -64.06 17.04 24.19
H82 NAG C . -62.83 17.37 25.17
H83 NAG C . -63.28 18.43 24.06
HN2 NAG C . -64.60 19.77 27.02
HO6 NAG C . -57.52 21.69 26.20
C1 BMA C . -59.01 19.76 29.09
C2 BMA C . -58.04 20.39 30.11
C3 BMA C . -56.96 19.39 30.50
C4 BMA C . -57.57 18.05 30.92
C5 BMA C . -58.50 17.53 29.81
C6 BMA C . -59.19 16.23 30.19
O2 BMA C . -58.72 20.73 31.31
O3 BMA C . -56.13 19.88 31.54
O4 BMA C . -56.55 17.10 31.17
O5 BMA C . -59.52 18.52 29.58
O6 BMA C . -60.03 16.48 31.31
H4 BMA C . -58.19 18.21 31.83
H5 BMA C . -57.92 17.36 28.90
H61 BMA C . -58.41 15.49 30.43
H62 BMA C . -59.75 15.88 29.31
HO4 BMA C . -55.77 17.62 31.39
HO6 BMA C . -60.28 17.42 31.28
C1 NAG D . 58.73 -7.02 41.70
C2 NAG D . 57.23 -7.27 41.82
C3 NAG D . 56.48 -5.94 41.80
C4 NAG D . 57.02 -5.00 42.85
C5 NAG D . 58.55 -4.87 42.76
C6 NAG D . 59.15 -4.11 43.91
C7 NAG D . 55.86 -9.12 41.00
C8 NAG D . 55.47 -9.94 39.81
N2 NAG D . 56.76 -8.16 40.78
O3 NAG D . 55.10 -6.19 42.03
O4 NAG D . 56.46 -3.70 42.64
O5 NAG D . 59.16 -6.17 42.76
O6 NAG D . 59.21 -4.92 45.08
O7 NAG D . 55.37 -9.31 42.11
H5 NAG D . 58.77 -4.42 41.93
H61 NAG D . 58.58 -3.33 44.10
H62 NAG D . 60.04 -3.81 43.67
H81 NAG D . 54.81 -10.61 40.08
H82 NAG D . 56.26 -10.39 39.47
H83 NAG D . 55.10 -9.37 39.12
HN2 NAG D . 57.10 -8.06 39.94
HO6 NAG D . 59.16 -5.78 44.85
C1 NAG D . 55.58 -3.31 43.70
C2 NAG D . 55.58 -1.79 43.74
C3 NAG D . 54.63 -1.28 44.82
C4 NAG D . 53.24 -1.89 44.64
C5 NAG D . 53.34 -3.42 44.56
C6 NAG D . 52.02 -4.08 44.25
C7 NAG D . 57.63 -0.66 42.98
C8 NAG D . 56.95 -0.55 41.64
N2 NAG D . 56.91 -1.26 43.94
O3 NAG D . 54.55 0.14 44.77
O4 NAG D . 52.40 -1.52 45.73
O5 NAG D . 54.25 -3.80 43.52
O6 NAG D . 51.27 -3.32 43.31
O7 NAG D . 58.76 -0.23 43.18
H5 NAG D . 53.67 -3.75 45.41
H61 NAG D . 51.51 -4.15 45.07
H62 NAG D . 52.19 -4.97 43.89
H81 NAG D . 57.56 -0.10 41.02
H82 NAG D . 56.12 -0.03 41.74
H83 NAG D . 56.74 -1.44 41.30
HN2 NAG D . 57.29 -1.35 44.77
HO6 NAG D . 50.50 -3.74 43.15
C1 BMA D . 51.37 -0.61 45.28
C2 BMA D . 50.18 -0.71 46.27
C3 BMA D . 49.12 0.34 45.95
C4 BMA D . 49.75 1.73 45.78
C5 BMA D . 50.87 1.66 44.73
C6 BMA D . 51.55 3.00 44.51
O2 BMA D . 50.61 -0.46 47.60
O3 BMA D . 48.10 0.38 46.94
O4 BMA D . 48.77 2.67 45.37
O5 BMA D . 51.86 0.72 45.18
O6 BMA D . 52.24 3.36 45.69
H4 BMA D . 50.20 2.02 46.75
H5 BMA D . 50.44 1.33 43.76
H61 BMA D . 50.79 3.75 44.24
H62 BMA D . 52.24 2.89 43.65
HO4 BMA D . 49.07 3.53 45.71
HO6 BMA D . 52.43 2.55 46.18
C1 NAG E . -99.34 4.85 12.28
C2 NAG E . -100.71 5.11 11.67
C3 NAG E . -101.80 4.55 12.57
C4 NAG E . -101.54 3.08 12.87
C5 NAG E . -100.14 2.90 13.44
C6 NAG E . -99.78 1.45 13.63
C7 NAG E . -101.09 7.04 10.21
C8 NAG E . -101.28 8.53 10.14
N2 NAG E . -100.91 6.53 11.43
O3 NAG E . -103.06 4.71 11.93
O4 NAG E . -102.50 2.61 13.81
O5 NAG E . -99.18 3.46 12.52
O6 NAG E . -99.16 0.90 12.48
O7 NAG E . -101.07 6.34 9.20
H5 NAG E . -100.09 3.37 14.29
H61 NAG E . -100.59 0.94 13.84
H62 NAG E . -99.16 1.38 14.38
H81 NAG E . -101.40 8.80 9.22
H82 NAG E . -100.51 8.98 10.52
H83 NAG E . -102.08 8.77 10.65
HN2 NAG E . -100.93 7.10 12.15
HO6 NAG E . -98.79 1.56 12.00
C1 NAG F . -69.23 -25.73 -22.18
C2 NAG F . -69.09 -27.24 -22.06
C3 NAG F . -68.29 -27.78 -23.24
C4 NAG F . -68.94 -27.36 -24.54
C5 NAG F . -69.16 -25.85 -24.58
C6 NAG F . -69.97 -25.40 -25.76
C7 NAG F . -69.01 -28.44 -19.92
C8 NAG F . -68.21 -28.72 -18.68
N2 NAG F . -68.45 -27.61 -20.80
O3 NAG F . -68.24 -29.20 -23.15
O4 NAG F . -68.13 -27.74 -25.64
O5 NAG F . -69.87 -25.41 -23.41
O6 NAG F . -71.35 -25.70 -25.59
O7 NAG F . -70.11 -28.94 -20.11
H5 NAG F . -68.29 -25.41 -24.60
H61 NAG F . -69.63 -25.85 -26.57
H62 NAG F . -69.87 -24.43 -25.87
H81 NAG F . -68.71 -29.33 -18.10
H82 NAG F . -68.05 -27.88 -18.20
H83 NAG F . -67.36 -29.13 -18.92
HN2 NAG F . -67.62 -27.27 -20.62
HO6 NAG F . -71.68 -26.01 -26.37
C1 NAG G . -39.67 -10.18 -41.93
C2 NAG G . -38.55 -9.20 -42.27
C3 NAG G . -39.04 -8.18 -43.30
C4 NAG G . -39.62 -8.89 -44.51
C5 NAG G . -40.70 -9.87 -44.08
C6 NAG G . -41.25 -10.68 -45.23
C7 NAG G . -37.00 -8.93 -40.41
C8 NAG G . -36.64 -8.12 -39.20
N2 NAG G . -38.08 -8.52 -41.08
O3 NAG G . -37.96 -7.35 -43.68
O4 NAG G . -40.18 -7.94 -45.41
O5 NAG G . -40.16 -10.80 -43.13
O6 NAG G . -41.19 -12.08 -44.96
O7 NAG G . -36.34 -9.91 -40.76
H5 NAG G . -41.43 -9.38 -43.66
H61 NAG G . -40.73 -10.49 -46.04
H62 NAG G . -42.17 -10.43 -45.39
H81 NAG G . -35.84 -8.49 -38.78
H82 NAG G . -37.38 -8.13 -38.56
H83 NAG G . -36.46 -7.19 -39.46
HN2 NAG G . -38.53 -7.79 -40.78
HO6 NAG G . -40.80 -12.21 -44.17
C1 NAG H . -9.62 21.47 0.05
C2 NAG H . -9.10 22.56 1.00
C3 NAG H . -10.16 22.95 2.03
C4 NAG H . -11.46 23.34 1.32
C5 NAG H . -11.92 22.21 0.42
C6 NAG H . -13.15 22.56 -0.38
C7 NAG H . -7.79 21.12 2.52
C8 NAG H . -6.44 20.87 3.11
N2 NAG H . -7.87 22.15 1.66
O3 NAG H . -9.69 24.03 2.82
O4 NAG H . -12.47 23.62 2.29
O5 NAG H . -10.88 21.89 -0.52
O6 NAG H . -13.09 23.90 -0.86
O7 NAG H . -8.76 20.42 2.79
H5 NAG H . -12.10 21.42 0.97
H61 NAG H . -13.93 22.46 0.18
H62 NAG H . -13.22 21.96 -1.14
H81 NAG H . -6.52 20.21 3.83
H82 NAG H . -6.07 21.71 3.46
H83 NAG H . -5.85 20.52 2.42
HN2 NAG H . -7.12 22.64 1.51
HO6 NAG H . -13.83 24.08 -1.33
CA CA I . -97.44 14.10 14.05
CA CA J . -36.63 -0.94 -21.97
CA CA K . -48.27 5.18 -21.54
C1 NAG L . 94.94 6.32 31.63
C2 NAG L . 96.39 5.96 31.42
C3 NAG L . 97.30 6.91 32.20
C4 NAG L . 96.99 8.35 31.83
C5 NAG L . 95.51 8.63 32.01
C6 NAG L . 95.10 10.00 31.52
C7 NAG L . 97.08 3.66 30.93
C8 NAG L . 97.30 2.28 31.49
N2 NAG L . 96.66 4.58 31.80
O3 NAG L . 98.66 6.62 31.89
O4 NAG L . 97.74 9.23 32.65
O5 NAG L . 94.73 7.69 31.26
O6 NAG L . 95.17 10.09 30.10
O7 NAG L . 97.29 3.92 29.75
H5 NAG L . 95.28 8.55 32.95
H61 NAG L . 95.70 10.67 31.91
H62 NAG L . 94.18 10.19 31.80
H81 NAG L . 97.61 1.69 30.77
H82 NAG L . 96.46 1.94 31.85
H83 NAG L . 97.97 2.32 32.20
HN2 NAG L . 96.52 4.33 32.66
HO6 NAG L . 95.13 9.27 29.75
C1 NAG M . 73.25 15.23 -18.86
C2 NAG M . 73.27 16.63 -19.48
C3 NAG M . 72.85 16.57 -20.94
C4 NAG M . 73.71 15.55 -21.70
C5 NAG M . 73.64 14.21 -21.01
C6 NAG M . 74.55 13.16 -21.64
C7 NAG M . 72.86 18.69 -18.21
C8 NAG M . 71.84 19.52 -17.50
N2 NAG M . 72.42 17.55 -18.75
O3 NAG M . 72.99 17.85 -21.53
O4 NAG M . 73.24 15.43 -23.04
O5 NAG M . 74.06 14.34 -19.64
O6 NAG M . 75.91 13.43 -21.37
O7 NAG M . 74.03 19.05 -18.31
H5 NAG M . 72.72 13.88 -21.03
H61 NAG M . 74.40 13.17 -22.61
H62 NAG M . 74.31 12.28 -21.28
H81 NAG M . 72.26 20.33 -17.15
H82 NAG M . 71.47 19.00 -16.76
H83 NAG M . 71.12 19.77 -18.12
HN2 NAG M . 71.54 17.34 -18.64
HO6 NAG M . 75.98 13.91 -20.61
C1 NAG N . 47.07 -9.45 -33.54
C2 NAG N . 45.95 -10.48 -33.59
C3 NAG N . 46.52 -11.87 -33.85
C4 NAG N . 47.37 -11.86 -35.11
C5 NAG N . 48.44 -10.77 -35.02
C6 NAG N . 49.24 -10.62 -36.29
C7 NAG N . 44.08 -9.74 -32.18
C8 NAG N . 43.41 -9.85 -30.85
N2 NAG N . 45.19 -10.47 -32.35
O3 NAG N . 45.45 -12.80 -33.99
O4 NAG N . 47.99 -13.12 -35.29
O5 NAG N . 47.81 -9.50 -34.77
O6 NAG N . 49.60 -9.27 -36.52
O7 NAG N . 43.64 -9.02 -33.08
H5 NAG N . 49.04 -10.99 -34.29
H61 NAG N . 48.70 -10.94 -37.04
H62 NAG N . 50.05 -11.15 -36.22
H81 NAG N . 42.62 -9.28 -30.83
H82 NAG N . 44.03 -9.56 -30.15
H83 NAG N . 43.15 -10.78 -30.68
HN2 NAG N . 45.48 -10.98 -31.65
HO6 NAG N . 49.13 -8.74 -35.99
C1 NAG O . 8.90 -17.79 12.15
C2 NAG O . 8.19 -18.43 13.35
C3 NAG O . 9.19 -18.66 14.49
C4 NAG O . 10.38 -19.48 13.99
C5 NAG O . 11.01 -18.81 12.76
C6 NAG O . 12.11 -19.65 12.15
C7 NAG O . 7.15 -16.39 14.29
C8 NAG O . 5.87 -15.76 14.71
N2 NAG O . 7.06 -17.64 13.80
O3 NAG O . 8.55 -19.34 15.56
O4 NAG O . 11.36 -19.59 15.02
O5 NAG O . 10.01 -18.61 11.74
O6 NAG O . 12.20 -20.92 12.76
O7 NAG O . 8.23 -15.81 14.39
H5 NAG O . 11.37 -17.94 13.03
H61 NAG O . 12.95 -19.17 12.26
H62 NAG O . 11.93 -19.76 11.19
H81 NAG O . 6.04 -14.86 15.04
H82 NAG O . 5.45 -16.29 15.41
H83 NAG O . 5.27 -15.71 13.94
HN2 NAG O . 6.24 -18.02 13.77
HO6 NAG O . 12.85 -21.39 12.38
CA CA P . 91.87 -1.06 38.17
CA CA Q . 40.20 -7.83 -12.78
CA CA R . 51.55 -11.94 -6.99
#